data_3HRL
# 
_entry.id   3HRL 
# 
_audit_conform.dict_name       mmcif_pdbx.dic 
_audit_conform.dict_version    5.398 
_audit_conform.dict_location   http://mmcif.pdb.org/dictionaries/ascii/mmcif_pdbx.dic 
# 
loop_
_database_2.database_id 
_database_2.database_code 
_database_2.pdbx_database_accession 
_database_2.pdbx_DOI 
PDB   3HRL         pdb_00003hrl 10.2210/pdb3hrl/pdb 
RCSB  RCSB053497   ?            ?                   
WWPDB D_1000053497 ?            ?                   
# 
loop_
_pdbx_audit_revision_history.ordinal 
_pdbx_audit_revision_history.data_content_type 
_pdbx_audit_revision_history.major_revision 
_pdbx_audit_revision_history.minor_revision 
_pdbx_audit_revision_history.revision_date 
1 'Structure model' 1 0 2009-06-30 
2 'Structure model' 1 1 2011-07-13 
3 'Structure model' 1 2 2017-11-01 
4 'Structure model' 1 3 2024-11-06 
# 
_pdbx_audit_revision_details.ordinal             1 
_pdbx_audit_revision_details.revision_ordinal    1 
_pdbx_audit_revision_details.data_content_type   'Structure model' 
_pdbx_audit_revision_details.provider            repository 
_pdbx_audit_revision_details.type                'Initial release' 
_pdbx_audit_revision_details.description         ? 
_pdbx_audit_revision_details.details             ? 
# 
loop_
_pdbx_audit_revision_group.ordinal 
_pdbx_audit_revision_group.revision_ordinal 
_pdbx_audit_revision_group.data_content_type 
_pdbx_audit_revision_group.group 
1 2 'Structure model' Advisory                    
2 2 'Structure model' 'Version format compliance' 
3 3 'Structure model' 'Refinement description'    
4 4 'Structure model' 'Data collection'           
5 4 'Structure model' 'Database references'       
6 4 'Structure model' 'Derived calculations'      
7 4 'Structure model' 'Structure summary'         
# 
loop_
_pdbx_audit_revision_category.ordinal 
_pdbx_audit_revision_category.revision_ordinal 
_pdbx_audit_revision_category.data_content_type 
_pdbx_audit_revision_category.category 
1 3 'Structure model' software                  
2 4 'Structure model' chem_comp_atom            
3 4 'Structure model' chem_comp_bond            
4 4 'Structure model' database_2                
5 4 'Structure model' pdbx_entry_details        
6 4 'Structure model' pdbx_modification_feature 
7 4 'Structure model' struct_conn               
8 4 'Structure model' struct_site               
# 
loop_
_pdbx_audit_revision_item.ordinal 
_pdbx_audit_revision_item.revision_ordinal 
_pdbx_audit_revision_item.data_content_type 
_pdbx_audit_revision_item.item 
1 3 'Structure model' '_software.name'                      
2 4 'Structure model' '_database_2.pdbx_DOI'                
3 4 'Structure model' '_database_2.pdbx_database_accession' 
4 4 'Structure model' '_struct_conn.pdbx_leaving_atom_flag' 
5 4 'Structure model' '_struct_site.pdbx_auth_asym_id'      
6 4 'Structure model' '_struct_site.pdbx_auth_comp_id'      
7 4 'Structure model' '_struct_site.pdbx_auth_seq_id'       
# 
_pdbx_database_status.status_code                     REL 
_pdbx_database_status.entry_id                        3HRL 
_pdbx_database_status.recvd_initial_deposition_date   2009-06-09 
_pdbx_database_status.deposit_site                    RCSB 
_pdbx_database_status.process_site                    RCSB 
_pdbx_database_status.status_code_sf                  REL 
_pdbx_database_status.status_code_mr                  ? 
_pdbx_database_status.SG_entry                        Y 
_pdbx_database_status.pdb_format_compatible           Y 
_pdbx_database_status.status_code_cs                  ? 
_pdbx_database_status.methods_development_category    ? 
_pdbx_database_status.status_code_nmr_data            ? 
# 
_pdbx_database_related.db_name        TargetDB 
_pdbx_database_related.db_id          apc63439.1 
_pdbx_database_related.details        . 
_pdbx_database_related.content_type   unspecified 
# 
loop_
_audit_author.name 
_audit_author.pdbx_ordinal 
'Filippova, E.V.'                               1 
'Minasov, G.'                                   2 
'Shuvalova, L.'                                 3 
'Kiryukhina, O.'                                4 
'Cobb, G.'                                      5 
'Joachimiak, A.'                                6 
'Anderson, W.F.'                                7 
'Midwest Center for Structural Genomics (MCSG)' 8 
# 
_citation.id                        primary 
_citation.title                     
'Crystal Structure of a Putative Endonuclease-Like Protein (Ngo0050) from Neisseria Gonorrhoeae' 
_citation.journal_abbrev            'To be Published' 
_citation.journal_volume            ? 
_citation.page_first                ? 
_citation.page_last                 ? 
_citation.year                      ? 
_citation.journal_id_ASTM           ? 
_citation.country                   ? 
_citation.journal_id_ISSN           ? 
_citation.journal_id_CSD            0353 
_citation.book_publisher            ? 
_citation.pdbx_database_id_PubMed   ? 
_citation.pdbx_database_id_DOI      ? 
# 
loop_
_citation_author.citation_id 
_citation_author.name 
_citation_author.ordinal 
_citation_author.identifier_ORCID 
primary 'Filippova, E.V.' 1 ? 
primary 'Minasov, G.'     2 ? 
primary 'Shuvalova, L.'   3 ? 
primary 'Kiryukhina, O.'  4 ? 
primary 'Cobb, G.'        5 ? 
primary 'Joachimiak, A.'  6 ? 
primary 'Anderson, W.F.'  7 ? 
# 
loop_
_entity.id 
_entity.type 
_entity.src_method 
_entity.pdbx_description 
_entity.formula_weight 
_entity.pdbx_number_of_molecules 
_entity.pdbx_ec 
_entity.pdbx_mutation 
_entity.pdbx_fragment 
_entity.details 
1 polymer     man 'Endonuclease-Like Protein' 12215.399 1   ? ? ? ? 
2 non-polymer syn 'CHLORIDE ION'              35.453    1   ? ? ? ? 
3 water       nat water                       18.015    105 ? ? ? ? 
# 
_entity_poly.entity_id                      1 
_entity_poly.type                           'polypeptide(L)' 
_entity_poly.nstd_linkage                   no 
_entity_poly.nstd_monomer                   yes 
_entity_poly.pdbx_seq_one_letter_code       
;SNA(MSE)SEAEAKLWQHLRAGRLNGYKFRRQQP(MSE)GNYIVDF(MSE)CVTPKLIVEADGGQHAEQAVYDHARTVYL
NSLGFTVLRFWNHEILQQTNDVLAEILRVLQELEKQ
;
_entity_poly.pdbx_seq_one_letter_code_can   
;SNAMSEAEAKLWQHLRAGRLNGYKFRRQQPMGNYIVDFMCVTPKLIVEADGGQHAEQAVYDHARTVYLNSLGFTVLRFWN
HEILQQTNDVLAEILRVLQELEKQ
;
_entity_poly.pdbx_strand_id                 A 
_entity_poly.pdbx_target_identifier         apc63439.1 
# 
loop_
_pdbx_entity_nonpoly.entity_id 
_pdbx_entity_nonpoly.name 
_pdbx_entity_nonpoly.comp_id 
2 'CHLORIDE ION' CL  
3 water          HOH 
# 
loop_
_entity_poly_seq.entity_id 
_entity_poly_seq.num 
_entity_poly_seq.mon_id 
_entity_poly_seq.hetero 
1 1   SER n 
1 2   ASN n 
1 3   ALA n 
1 4   MSE n 
1 5   SER n 
1 6   GLU n 
1 7   ALA n 
1 8   GLU n 
1 9   ALA n 
1 10  LYS n 
1 11  LEU n 
1 12  TRP n 
1 13  GLN n 
1 14  HIS n 
1 15  LEU n 
1 16  ARG n 
1 17  ALA n 
1 18  GLY n 
1 19  ARG n 
1 20  LEU n 
1 21  ASN n 
1 22  GLY n 
1 23  TYR n 
1 24  LYS n 
1 25  PHE n 
1 26  ARG n 
1 27  ARG n 
1 28  GLN n 
1 29  GLN n 
1 30  PRO n 
1 31  MSE n 
1 32  GLY n 
1 33  ASN n 
1 34  TYR n 
1 35  ILE n 
1 36  VAL n 
1 37  ASP n 
1 38  PHE n 
1 39  MSE n 
1 40  CYS n 
1 41  VAL n 
1 42  THR n 
1 43  PRO n 
1 44  LYS n 
1 45  LEU n 
1 46  ILE n 
1 47  VAL n 
1 48  GLU n 
1 49  ALA n 
1 50  ASP n 
1 51  GLY n 
1 52  GLY n 
1 53  GLN n 
1 54  HIS n 
1 55  ALA n 
1 56  GLU n 
1 57  GLN n 
1 58  ALA n 
1 59  VAL n 
1 60  TYR n 
1 61  ASP n 
1 62  HIS n 
1 63  ALA n 
1 64  ARG n 
1 65  THR n 
1 66  VAL n 
1 67  TYR n 
1 68  LEU n 
1 69  ASN n 
1 70  SER n 
1 71  LEU n 
1 72  GLY n 
1 73  PHE n 
1 74  THR n 
1 75  VAL n 
1 76  LEU n 
1 77  ARG n 
1 78  PHE n 
1 79  TRP n 
1 80  ASN n 
1 81  HIS n 
1 82  GLU n 
1 83  ILE n 
1 84  LEU n 
1 85  GLN n 
1 86  GLN n 
1 87  THR n 
1 88  ASN n 
1 89  ASP n 
1 90  VAL n 
1 91  LEU n 
1 92  ALA n 
1 93  GLU n 
1 94  ILE n 
1 95  LEU n 
1 96  ARG n 
1 97  VAL n 
1 98  LEU n 
1 99  GLN n 
1 100 GLU n 
1 101 LEU n 
1 102 GLU n 
1 103 LYS n 
1 104 GLN n 
# 
_entity_src_gen.entity_id                          1 
_entity_src_gen.pdbx_src_id                        1 
_entity_src_gen.pdbx_alt_source_flag               sample 
_entity_src_gen.pdbx_seq_type                      ? 
_entity_src_gen.pdbx_beg_seq_num                   ? 
_entity_src_gen.pdbx_end_seq_num                   ? 
_entity_src_gen.gene_src_common_name               ? 
_entity_src_gen.gene_src_genus                     ? 
_entity_src_gen.pdbx_gene_src_gene                 NGO0050 
_entity_src_gen.gene_src_species                   ? 
_entity_src_gen.gene_src_strain                    ? 
_entity_src_gen.gene_src_tissue                    ? 
_entity_src_gen.gene_src_tissue_fraction           ? 
_entity_src_gen.gene_src_details                   ? 
_entity_src_gen.pdbx_gene_src_fragment             ? 
_entity_src_gen.pdbx_gene_src_scientific_name      'Neisseria gonorrhoeae FA 1090' 
_entity_src_gen.pdbx_gene_src_ncbi_taxonomy_id     242231 
_entity_src_gen.pdbx_gene_src_variant              ? 
_entity_src_gen.pdbx_gene_src_cell_line            ? 
_entity_src_gen.pdbx_gene_src_atcc                 ? 
_entity_src_gen.pdbx_gene_src_organ                ? 
_entity_src_gen.pdbx_gene_src_organelle            ? 
_entity_src_gen.pdbx_gene_src_cell                 ? 
_entity_src_gen.pdbx_gene_src_cellular_location    ? 
_entity_src_gen.host_org_common_name               ? 
_entity_src_gen.pdbx_host_org_scientific_name      'Escherichia coli BL21' 
_entity_src_gen.pdbx_host_org_ncbi_taxonomy_id     511693 
_entity_src_gen.host_org_genus                     ? 
_entity_src_gen.pdbx_host_org_gene                 ? 
_entity_src_gen.pdbx_host_org_organ                ? 
_entity_src_gen.host_org_species                   ? 
_entity_src_gen.pdbx_host_org_tissue               ? 
_entity_src_gen.pdbx_host_org_tissue_fraction      ? 
_entity_src_gen.pdbx_host_org_strain               BL21magic 
_entity_src_gen.pdbx_host_org_variant              ? 
_entity_src_gen.pdbx_host_org_cell_line            ? 
_entity_src_gen.pdbx_host_org_atcc                 ? 
_entity_src_gen.pdbx_host_org_culture_collection   ? 
_entity_src_gen.pdbx_host_org_cell                 ? 
_entity_src_gen.pdbx_host_org_organelle            ? 
_entity_src_gen.pdbx_host_org_cellular_location    ? 
_entity_src_gen.pdbx_host_org_vector_type          PLASMID 
_entity_src_gen.pdbx_host_org_vector               ? 
_entity_src_gen.host_org_details                   ? 
_entity_src_gen.expression_system_id               ? 
_entity_src_gen.plasmid_name                       pMCSG7 
_entity_src_gen.plasmid_details                    ? 
_entity_src_gen.pdbx_description                   ? 
# 
loop_
_chem_comp.id 
_chem_comp.type 
_chem_comp.mon_nstd_flag 
_chem_comp.name 
_chem_comp.pdbx_synonyms 
_chem_comp.formula 
_chem_comp.formula_weight 
ALA 'L-peptide linking' y ALANINE          ? 'C3 H7 N O2'     89.093  
ARG 'L-peptide linking' y ARGININE         ? 'C6 H15 N4 O2 1' 175.209 
ASN 'L-peptide linking' y ASPARAGINE       ? 'C4 H8 N2 O3'    132.118 
ASP 'L-peptide linking' y 'ASPARTIC ACID'  ? 'C4 H7 N O4'     133.103 
CL  non-polymer         . 'CHLORIDE ION'   ? 'Cl -1'          35.453  
CYS 'L-peptide linking' y CYSTEINE         ? 'C3 H7 N O2 S'   121.158 
GLN 'L-peptide linking' y GLUTAMINE        ? 'C5 H10 N2 O3'   146.144 
GLU 'L-peptide linking' y 'GLUTAMIC ACID'  ? 'C5 H9 N O4'     147.129 
GLY 'peptide linking'   y GLYCINE          ? 'C2 H5 N O2'     75.067  
HIS 'L-peptide linking' y HISTIDINE        ? 'C6 H10 N3 O2 1' 156.162 
HOH non-polymer         . WATER            ? 'H2 O'           18.015  
ILE 'L-peptide linking' y ISOLEUCINE       ? 'C6 H13 N O2'    131.173 
LEU 'L-peptide linking' y LEUCINE          ? 'C6 H13 N O2'    131.173 
LYS 'L-peptide linking' y LYSINE           ? 'C6 H15 N2 O2 1' 147.195 
MSE 'L-peptide linking' n SELENOMETHIONINE ? 'C5 H11 N O2 Se' 196.106 
PHE 'L-peptide linking' y PHENYLALANINE    ? 'C9 H11 N O2'    165.189 
PRO 'L-peptide linking' y PROLINE          ? 'C5 H9 N O2'     115.130 
SER 'L-peptide linking' y SERINE           ? 'C3 H7 N O3'     105.093 
THR 'L-peptide linking' y THREONINE        ? 'C4 H9 N O3'     119.119 
TRP 'L-peptide linking' y TRYPTOPHAN       ? 'C11 H12 N2 O2'  204.225 
TYR 'L-peptide linking' y TYROSINE         ? 'C9 H11 N O3'    181.189 
VAL 'L-peptide linking' y VALINE           ? 'C5 H11 N O2'    117.146 
# 
loop_
_pdbx_poly_seq_scheme.asym_id 
_pdbx_poly_seq_scheme.entity_id 
_pdbx_poly_seq_scheme.seq_id 
_pdbx_poly_seq_scheme.mon_id 
_pdbx_poly_seq_scheme.ndb_seq_num 
_pdbx_poly_seq_scheme.pdb_seq_num 
_pdbx_poly_seq_scheme.auth_seq_num 
_pdbx_poly_seq_scheme.pdb_mon_id 
_pdbx_poly_seq_scheme.auth_mon_id 
_pdbx_poly_seq_scheme.pdb_strand_id 
_pdbx_poly_seq_scheme.pdb_ins_code 
_pdbx_poly_seq_scheme.hetero 
A 1 1   SER 1   -2  ?   ?   ?   A . n 
A 1 2   ASN 2   -1  ?   ?   ?   A . n 
A 1 3   ALA 3   0   0   ALA ALA A . n 
A 1 4   MSE 4   26  26  MSE MSE A . n 
A 1 5   SER 5   27  27  SER SER A . n 
A 1 6   GLU 6   28  28  GLU GLU A . n 
A 1 7   ALA 7   29  29  ALA ALA A . n 
A 1 8   GLU 8   30  30  GLU GLU A . n 
A 1 9   ALA 9   31  31  ALA ALA A . n 
A 1 10  LYS 10  32  32  LYS LYS A . n 
A 1 11  LEU 11  33  33  LEU LEU A . n 
A 1 12  TRP 12  34  34  TRP TRP A . n 
A 1 13  GLN 13  35  35  GLN GLN A . n 
A 1 14  HIS 14  36  36  HIS HIS A . n 
A 1 15  LEU 15  37  37  LEU LEU A . n 
A 1 16  ARG 16  38  38  ARG ARG A . n 
A 1 17  ALA 17  39  39  ALA ALA A . n 
A 1 18  GLY 18  40  40  GLY GLY A . n 
A 1 19  ARG 19  41  41  ARG ARG A . n 
A 1 20  LEU 20  42  42  LEU LEU A . n 
A 1 21  ASN 21  43  43  ASN ASN A . n 
A 1 22  GLY 22  44  44  GLY GLY A . n 
A 1 23  TYR 23  45  45  TYR TYR A . n 
A 1 24  LYS 24  46  46  LYS LYS A . n 
A 1 25  PHE 25  47  47  PHE PHE A . n 
A 1 26  ARG 26  48  48  ARG ARG A . n 
A 1 27  ARG 27  49  49  ARG ARG A . n 
A 1 28  GLN 28  50  50  GLN GLN A . n 
A 1 29  GLN 29  51  51  GLN GLN A . n 
A 1 30  PRO 30  52  52  PRO PRO A . n 
A 1 31  MSE 31  53  53  MSE MSE A . n 
A 1 32  GLY 32  54  54  GLY GLY A . n 
A 1 33  ASN 33  55  55  ASN ASN A . n 
A 1 34  TYR 34  56  56  TYR TYR A . n 
A 1 35  ILE 35  57  57  ILE ILE A . n 
A 1 36  VAL 36  58  58  VAL VAL A . n 
A 1 37  ASP 37  59  59  ASP ASP A . n 
A 1 38  PHE 38  60  60  PHE PHE A . n 
A 1 39  MSE 39  61  61  MSE MSE A . n 
A 1 40  CYS 40  62  62  CYS CYS A . n 
A 1 41  VAL 41  63  63  VAL VAL A . n 
A 1 42  THR 42  64  64  THR THR A . n 
A 1 43  PRO 43  65  65  PRO PRO A . n 
A 1 44  LYS 44  66  66  LYS LYS A . n 
A 1 45  LEU 45  67  67  LEU LEU A . n 
A 1 46  ILE 46  68  68  ILE ILE A . n 
A 1 47  VAL 47  69  69  VAL VAL A . n 
A 1 48  GLU 48  70  70  GLU GLU A . n 
A 1 49  ALA 49  71  71  ALA ALA A . n 
A 1 50  ASP 50  72  72  ASP ASP A . n 
A 1 51  GLY 51  73  73  GLY GLY A . n 
A 1 52  GLY 52  74  ?   ?   ?   A . n 
A 1 53  GLN 53  75  ?   ?   ?   A . n 
A 1 54  HIS 54  76  ?   ?   ?   A . n 
A 1 55  ALA 55  77  ?   ?   ?   A . n 
A 1 56  GLU 56  78  ?   ?   ?   A . n 
A 1 57  GLN 57  79  ?   ?   ?   A . n 
A 1 58  ALA 58  80  ?   ?   ?   A . n 
A 1 59  VAL 59  81  81  VAL VAL A . n 
A 1 60  TYR 60  82  82  TYR TYR A . n 
A 1 61  ASP 61  83  83  ASP ASP A . n 
A 1 62  HIS 62  84  84  HIS HIS A . n 
A 1 63  ALA 63  85  85  ALA ALA A . n 
A 1 64  ARG 64  86  86  ARG ARG A . n 
A 1 65  THR 65  87  87  THR THR A . n 
A 1 66  VAL 66  88  88  VAL VAL A . n 
A 1 67  TYR 67  89  89  TYR TYR A . n 
A 1 68  LEU 68  90  90  LEU LEU A . n 
A 1 69  ASN 69  91  91  ASN ASN A . n 
A 1 70  SER 70  92  92  SER SER A . n 
A 1 71  LEU 71  93  93  LEU LEU A . n 
A 1 72  GLY 72  94  94  GLY GLY A . n 
A 1 73  PHE 73  95  95  PHE PHE A . n 
A 1 74  THR 74  96  96  THR THR A . n 
A 1 75  VAL 75  97  97  VAL VAL A . n 
A 1 76  LEU 76  98  98  LEU LEU A . n 
A 1 77  ARG 77  99  99  ARG ARG A . n 
A 1 78  PHE 78  100 100 PHE PHE A . n 
A 1 79  TRP 79  101 101 TRP TRP A . n 
A 1 80  ASN 80  102 102 ASN ASN A . n 
A 1 81  HIS 81  103 103 HIS HIS A . n 
A 1 82  GLU 82  104 104 GLU GLU A . n 
A 1 83  ILE 83  105 105 ILE ILE A . n 
A 1 84  LEU 84  106 106 LEU LEU A . n 
A 1 85  GLN 85  107 107 GLN GLN A . n 
A 1 86  GLN 86  108 108 GLN GLN A . n 
A 1 87  THR 87  109 109 THR THR A . n 
A 1 88  ASN 88  110 110 ASN ASN A . n 
A 1 89  ASP 89  111 111 ASP ASP A . n 
A 1 90  VAL 90  112 112 VAL VAL A . n 
A 1 91  LEU 91  113 113 LEU LEU A . n 
A 1 92  ALA 92  114 114 ALA ALA A . n 
A 1 93  GLU 93  115 115 GLU GLU A . n 
A 1 94  ILE 94  116 116 ILE ILE A . n 
A 1 95  LEU 95  117 117 LEU LEU A . n 
A 1 96  ARG 96  118 118 ARG ARG A . n 
A 1 97  VAL 97  119 119 VAL VAL A . n 
A 1 98  LEU 98  120 120 LEU LEU A . n 
A 1 99  GLN 99  121 121 GLN GLN A . n 
A 1 100 GLU 100 122 122 GLU GLU A . n 
A 1 101 LEU 101 123 123 LEU LEU A . n 
A 1 102 GLU 102 124 124 GLU GLU A . n 
A 1 103 LYS 103 125 125 LYS LYS A . n 
A 1 104 GLN 104 126 ?   ?   ?   A . n 
# 
loop_
_pdbx_nonpoly_scheme.asym_id 
_pdbx_nonpoly_scheme.entity_id 
_pdbx_nonpoly_scheme.mon_id 
_pdbx_nonpoly_scheme.ndb_seq_num 
_pdbx_nonpoly_scheme.pdb_seq_num 
_pdbx_nonpoly_scheme.auth_seq_num 
_pdbx_nonpoly_scheme.pdb_mon_id 
_pdbx_nonpoly_scheme.auth_mon_id 
_pdbx_nonpoly_scheme.pdb_strand_id 
_pdbx_nonpoly_scheme.pdb_ins_code 
B 2 CL  1   1   1   CL  CL  A . 
C 3 HOH 1   2   2   HOH HOH A . 
C 3 HOH 2   3   3   HOH HOH A . 
C 3 HOH 3   4   4   HOH HOH A . 
C 3 HOH 4   5   5   HOH HOH A . 
C 3 HOH 5   6   6   HOH HOH A . 
C 3 HOH 6   7   7   HOH HOH A . 
C 3 HOH 7   8   8   HOH HOH A . 
C 3 HOH 8   9   9   HOH HOH A . 
C 3 HOH 9   10  10  HOH HOH A . 
C 3 HOH 10  11  11  HOH HOH A . 
C 3 HOH 11  12  12  HOH HOH A . 
C 3 HOH 12  13  13  HOH HOH A . 
C 3 HOH 13  14  14  HOH HOH A . 
C 3 HOH 14  15  15  HOH HOH A . 
C 3 HOH 15  16  16  HOH HOH A . 
C 3 HOH 16  17  17  HOH HOH A . 
C 3 HOH 17  18  18  HOH HOH A . 
C 3 HOH 18  19  19  HOH HOH A . 
C 3 HOH 19  20  20  HOH HOH A . 
C 3 HOH 20  21  21  HOH HOH A . 
C 3 HOH 21  22  22  HOH HOH A . 
C 3 HOH 22  23  23  HOH HOH A . 
C 3 HOH 23  24  24  HOH HOH A . 
C 3 HOH 24  25  25  HOH HOH A . 
C 3 HOH 25  127 26  HOH HOH A . 
C 3 HOH 26  128 27  HOH HOH A . 
C 3 HOH 27  129 28  HOH HOH A . 
C 3 HOH 28  130 29  HOH HOH A . 
C 3 HOH 29  131 30  HOH HOH A . 
C 3 HOH 30  132 31  HOH HOH A . 
C 3 HOH 31  133 32  HOH HOH A . 
C 3 HOH 32  134 33  HOH HOH A . 
C 3 HOH 33  135 34  HOH HOH A . 
C 3 HOH 34  136 35  HOH HOH A . 
C 3 HOH 35  137 36  HOH HOH A . 
C 3 HOH 36  138 37  HOH HOH A . 
C 3 HOH 37  139 38  HOH HOH A . 
C 3 HOH 38  140 39  HOH HOH A . 
C 3 HOH 39  141 40  HOH HOH A . 
C 3 HOH 40  142 41  HOH HOH A . 
C 3 HOH 41  143 42  HOH HOH A . 
C 3 HOH 42  144 43  HOH HOH A . 
C 3 HOH 43  145 44  HOH HOH A . 
C 3 HOH 44  146 45  HOH HOH A . 
C 3 HOH 45  147 46  HOH HOH A . 
C 3 HOH 46  148 47  HOH HOH A . 
C 3 HOH 47  149 48  HOH HOH A . 
C 3 HOH 48  150 49  HOH HOH A . 
C 3 HOH 49  151 50  HOH HOH A . 
C 3 HOH 50  152 51  HOH HOH A . 
C 3 HOH 51  153 52  HOH HOH A . 
C 3 HOH 52  154 53  HOH HOH A . 
C 3 HOH 53  155 54  HOH HOH A . 
C 3 HOH 54  156 55  HOH HOH A . 
C 3 HOH 55  157 56  HOH HOH A . 
C 3 HOH 56  158 57  HOH HOH A . 
C 3 HOH 57  159 58  HOH HOH A . 
C 3 HOH 58  160 59  HOH HOH A . 
C 3 HOH 59  161 60  HOH HOH A . 
C 3 HOH 60  162 61  HOH HOH A . 
C 3 HOH 61  163 62  HOH HOH A . 
C 3 HOH 62  164 63  HOH HOH A . 
C 3 HOH 63  165 64  HOH HOH A . 
C 3 HOH 64  166 65  HOH HOH A . 
C 3 HOH 65  167 66  HOH HOH A . 
C 3 HOH 66  168 67  HOH HOH A . 
C 3 HOH 67  169 68  HOH HOH A . 
C 3 HOH 68  170 69  HOH HOH A . 
C 3 HOH 69  171 70  HOH HOH A . 
C 3 HOH 70  172 71  HOH HOH A . 
C 3 HOH 71  173 72  HOH HOH A . 
C 3 HOH 72  174 73  HOH HOH A . 
C 3 HOH 73  175 74  HOH HOH A . 
C 3 HOH 74  176 75  HOH HOH A . 
C 3 HOH 75  177 76  HOH HOH A . 
C 3 HOH 76  178 77  HOH HOH A . 
C 3 HOH 77  179 78  HOH HOH A . 
C 3 HOH 78  180 79  HOH HOH A . 
C 3 HOH 79  181 80  HOH HOH A . 
C 3 HOH 80  182 81  HOH HOH A . 
C 3 HOH 81  183 82  HOH HOH A . 
C 3 HOH 82  184 83  HOH HOH A . 
C 3 HOH 83  185 84  HOH HOH A . 
C 3 HOH 84  186 85  HOH HOH A . 
C 3 HOH 85  187 86  HOH HOH A . 
C 3 HOH 86  188 87  HOH HOH A . 
C 3 HOH 87  189 88  HOH HOH A . 
C 3 HOH 88  190 89  HOH HOH A . 
C 3 HOH 89  191 90  HOH HOH A . 
C 3 HOH 90  192 91  HOH HOH A . 
C 3 HOH 91  193 92  HOH HOH A . 
C 3 HOH 92  194 93  HOH HOH A . 
C 3 HOH 93  195 94  HOH HOH A . 
C 3 HOH 94  196 95  HOH HOH A . 
C 3 HOH 95  197 96  HOH HOH A . 
C 3 HOH 96  198 97  HOH HOH A . 
C 3 HOH 97  199 98  HOH HOH A . 
C 3 HOH 98  200 99  HOH HOH A . 
C 3 HOH 99  201 100 HOH HOH A . 
C 3 HOH 100 202 101 HOH HOH A . 
C 3 HOH 101 203 102 HOH HOH A . 
C 3 HOH 102 204 103 HOH HOH A . 
C 3 HOH 103 205 104 HOH HOH A . 
C 3 HOH 104 206 105 HOH HOH A . 
C 3 HOH 105 207 106 HOH HOH A . 
# 
loop_
_software.name 
_software.classification 
_software.version 
_software.citation_id 
_software.pdbx_ordinal 
Blu-Ice  'data collection' Max      ? 1  
HKL-3000 phasing           .        ? 2  
MLPHARE  phasing           .        ? 3  
DM       'model building'  .        ? 4  
SHELXD   phasing           .        ? 5  
ARP/wARP 'model building'  .        ? 6  
Coot     'model building'  .        ? 7  
REFMAC   refinement        5.5.0051 ? 8  
HKL-2000 'data reduction'  .        ? 9  
HKL-2000 'data scaling'    .        ? 10 
DM       phasing           .        ? 11 
# 
_cell.entry_id           3HRL 
_cell.length_a           52.922 
_cell.length_b           52.922 
_cell.length_c           102.295 
_cell.angle_alpha        90.00 
_cell.angle_beta         90.00 
_cell.angle_gamma        120.00 
_cell.Z_PDB              6 
_cell.pdbx_unique_axis   ? 
_cell.length_a_esd       ? 
_cell.length_b_esd       ? 
_cell.length_c_esd       ? 
_cell.angle_alpha_esd    ? 
_cell.angle_beta_esd     ? 
_cell.angle_gamma_esd    ? 
# 
_symmetry.entry_id                         3HRL 
_symmetry.space_group_name_H-M             'P 32 2 1' 
_symmetry.pdbx_full_space_group_name_H-M   ? 
_symmetry.cell_setting                     ? 
_symmetry.Int_Tables_number                154 
_symmetry.space_group_name_Hall            ? 
# 
_exptl.entry_id          3HRL 
_exptl.method            'X-RAY DIFFRACTION' 
_exptl.crystals_number   1 
# 
_exptl_crystal.id                    1 
_exptl_crystal.density_meas          ? 
_exptl_crystal.density_Matthews      3.39 
_exptl_crystal.density_percent_sol   63.67 
_exptl_crystal.description           ? 
_exptl_crystal.F_000                 ? 
_exptl_crystal.preparation           ? 
# 
_exptl_crystal_grow.crystal_id      1 
_exptl_crystal_grow.method          'VAPOR DIFFUSION, HANGING DROP' 
_exptl_crystal_grow.temp            294 
_exptl_crystal_grow.temp_details    ? 
_exptl_crystal_grow.pH              7.0 
_exptl_crystal_grow.pdbx_pH_range   ? 
_exptl_crystal_grow.pdbx_details    '3M NaCl, 0.1M HEPES, pH 7.0, VAPOR DIFFUSION, HANGING DROP, temperature 294K' 
# 
_diffrn.id                     1 
_diffrn.ambient_temp           100.0 
_diffrn.ambient_temp_details   ? 
_diffrn.crystal_id             1 
# 
_diffrn_detector.diffrn_id              1 
_diffrn_detector.detector               CCD 
_diffrn_detector.type                   ? 
_diffrn_detector.pdbx_collection_date   2009-05-29 
_diffrn_detector.details                MIRROR 
# 
_diffrn_radiation.diffrn_id                        1 
_diffrn_radiation.wavelength_id                    1 
_diffrn_radiation.pdbx_monochromatic_or_laue_m_l   M 
_diffrn_radiation.monochromator                    'SI-111 CHANNEL' 
_diffrn_radiation.pdbx_diffrn_protocol             'SINGLE WAVELENGTH' 
_diffrn_radiation.pdbx_scattering_type             x-ray 
# 
_diffrn_radiation_wavelength.id           1 
_diffrn_radiation_wavelength.wavelength   0.97872 
_diffrn_radiation_wavelength.wt           1.0 
# 
_diffrn_source.diffrn_id                   1 
_diffrn_source.source                      SYNCHROTRON 
_diffrn_source.type                        'APS BEAMLINE 21-ID-F' 
_diffrn_source.pdbx_synchrotron_site       APS 
_diffrn_source.pdbx_synchrotron_beamline   21-ID-F 
_diffrn_source.pdbx_wavelength             0.97872 
_diffrn_source.pdbx_wavelength_list        0.97872 
# 
_reflns.entry_id                     3HRL 
_reflns.observed_criterion_sigma_I   -3.000 
_reflns.observed_criterion_sigma_F   ? 
_reflns.d_resolution_low             22.330 
_reflns.d_resolution_high            1.950 
_reflns.number_obs                   23330 
_reflns.number_all                   23330 
_reflns.percent_possible_obs         99.9 
_reflns.pdbx_Rmerge_I_obs            0.07000 
_reflns.pdbx_Rsym_value              0.07000 
_reflns.pdbx_netI_over_sigmaI        21.7120 
_reflns.B_iso_Wilson_estimate        ? 
_reflns.pdbx_redundancy              5.800 
_reflns.R_free_details               ? 
_reflns.limit_h_max                  ? 
_reflns.limit_h_min                  ? 
_reflns.limit_k_max                  ? 
_reflns.limit_k_min                  ? 
_reflns.limit_l_max                  ? 
_reflns.limit_l_min                  ? 
_reflns.observed_criterion_F_max     ? 
_reflns.observed_criterion_F_min     ? 
_reflns.pdbx_chi_squared             ? 
_reflns.pdbx_scaling_rejects         ? 
_reflns.pdbx_ordinal                 1 
_reflns.pdbx_diffrn_id               1 
# 
_reflns_shell.d_res_high             1.95 
_reflns_shell.d_res_low              1.98 
_reflns_shell.percent_possible_all   98.7 
_reflns_shell.Rmerge_I_obs           0.35300 
_reflns_shell.pdbx_Rsym_value        0.35300 
_reflns_shell.meanI_over_sigI_obs    5.200 
_reflns_shell.pdbx_redundancy        5.80 
_reflns_shell.percent_possible_obs   ? 
_reflns_shell.number_unique_all      ? 
_reflns_shell.number_measured_all    ? 
_reflns_shell.number_measured_obs    ? 
_reflns_shell.number_unique_obs      ? 
_reflns_shell.pdbx_chi_squared       ? 
_reflns_shell.pdbx_ordinal           1 
_reflns_shell.pdbx_diffrn_id         1 
# 
_refine.pdbx_refine_id                           'X-RAY DIFFRACTION' 
_refine.entry_id                                 3HRL 
_refine.ls_number_reflns_obs                     11984 
_refine.ls_number_reflns_all                     12588 
_refine.pdbx_ls_sigma_I                          ? 
_refine.pdbx_ls_sigma_F                          . 
_refine.pdbx_data_cutoff_high_absF               ? 
_refine.pdbx_data_cutoff_low_absF                ? 
_refine.pdbx_data_cutoff_high_rms_absF           ? 
_refine.ls_d_res_low                             22.33 
_refine.ls_d_res_high                            1.95 
_refine.ls_percent_reflns_obs                    99.83 
_refine.ls_R_factor_obs                          0.18521 
_refine.ls_R_factor_all                          ? 
_refine.ls_R_factor_R_work                       0.18316 
_refine.ls_R_factor_R_free                       0.22600 
_refine.ls_R_factor_R_free_error                 ? 
_refine.ls_R_factor_R_free_error_details         ? 
_refine.ls_percent_reflns_R_free                 4.8 
_refine.ls_number_reflns_R_free                  604 
_refine.ls_number_parameters                     ? 
_refine.ls_number_restraints                     ? 
_refine.occupancy_min                            ? 
_refine.occupancy_max                            ? 
_refine.correlation_coeff_Fo_to_Fc               0.957 
_refine.correlation_coeff_Fo_to_Fc_free          0.943 
_refine.B_iso_mean                               19.925 
_refine.aniso_B[1][1]                            1.65 
_refine.aniso_B[2][2]                            1.65 
_refine.aniso_B[3][3]                            -2.47 
_refine.aniso_B[1][2]                            0.82 
_refine.aniso_B[1][3]                            0.00 
_refine.aniso_B[2][3]                            0.00 
_refine.solvent_model_details                    MASK 
_refine.solvent_model_param_ksol                 ? 
_refine.solvent_model_param_bsol                 ? 
_refine.pdbx_solvent_vdw_probe_radii             1.20 
_refine.pdbx_solvent_ion_probe_radii             0.80 
_refine.pdbx_solvent_shrinkage_radii             0.80 
_refine.pdbx_ls_cross_valid_method               THROUGHOUT 
_refine.details                                  'HYDROGENS HAVE BEEN ADDED IN THE RIDING POSITIONS' 
_refine.pdbx_starting_model                      ? 
_refine.pdbx_method_to_determine_struct          SAD 
_refine.pdbx_isotropic_thermal_model             ? 
_refine.pdbx_stereochemistry_target_values       'MAXIMUM LIKELIHOOD' 
_refine.pdbx_stereochem_target_val_spec_case     ? 
_refine.pdbx_R_Free_selection_details            RANDOM 
_refine.pdbx_overall_ESU_R                       0.117 
_refine.pdbx_overall_ESU_R_Free                  0.122 
_refine.overall_SU_ML                            0.077 
_refine.pdbx_overall_phase_error                 ? 
_refine.overall_SU_B                             5.694 
_refine.ls_redundancy_reflns_obs                 ? 
_refine.B_iso_min                                ? 
_refine.B_iso_max                                ? 
_refine.overall_SU_R_Cruickshank_DPI             ? 
_refine.overall_SU_R_free                        ? 
_refine.ls_wR_factor_R_free                      ? 
_refine.ls_wR_factor_R_work                      ? 
_refine.overall_FOM_free_R_set                   ? 
_refine.overall_FOM_work_R_set                   ? 
_refine.pdbx_TLS_residual_ADP_flag               'LIKELY RESIDUAL' 
_refine.pdbx_diffrn_id                           1 
_refine.pdbx_overall_SU_R_free_Cruickshank_DPI   ? 
_refine.pdbx_overall_SU_R_Blow_DPI               ? 
_refine.pdbx_overall_SU_R_free_Blow_DPI          ? 
# 
_refine_hist.pdbx_refine_id                   'X-RAY DIFFRACTION' 
_refine_hist.cycle_id                         LAST 
_refine_hist.pdbx_number_atoms_protein        775 
_refine_hist.pdbx_number_atoms_nucleic_acid   0 
_refine_hist.pdbx_number_atoms_ligand         1 
_refine_hist.number_atoms_solvent             105 
_refine_hist.number_atoms_total               881 
_refine_hist.d_res_high                       1.95 
_refine_hist.d_res_low                        22.33 
# 
loop_
_refine_ls_restr.type 
_refine_ls_restr.dev_ideal 
_refine_ls_restr.dev_ideal_target 
_refine_ls_restr.weight 
_refine_ls_restr.number 
_refine_ls_restr.pdbx_refine_id 
_refine_ls_restr.pdbx_restraint_function 
r_bond_refined_d             0.019  0.022  ? 790  'X-RAY DIFFRACTION' ? 
r_bond_other_d               0.001  0.020  ? 539  'X-RAY DIFFRACTION' ? 
r_angle_refined_deg          1.615  1.941  ? 1066 'X-RAY DIFFRACTION' ? 
r_angle_other_deg            0.901  3.000  ? 1301 'X-RAY DIFFRACTION' ? 
r_dihedral_angle_1_deg       5.733  5.000  ? 92   'X-RAY DIFFRACTION' ? 
r_dihedral_angle_2_deg       28.800 23.571 ? 42   'X-RAY DIFFRACTION' ? 
r_dihedral_angle_3_deg       12.223 15.000 ? 141  'X-RAY DIFFRACTION' ? 
r_dihedral_angle_4_deg       12.846 15.000 ? 7    'X-RAY DIFFRACTION' ? 
r_chiral_restr               0.098  0.200  ? 117  'X-RAY DIFFRACTION' ? 
r_gen_planes_refined         0.007  0.020  ? 867  'X-RAY DIFFRACTION' ? 
r_gen_planes_other           0.001  0.020  ? 170  'X-RAY DIFFRACTION' ? 
r_nbd_refined                ?      ?      ? ?    'X-RAY DIFFRACTION' ? 
r_nbd_other                  ?      ?      ? ?    'X-RAY DIFFRACTION' ? 
r_nbtor_refined              ?      ?      ? ?    'X-RAY DIFFRACTION' ? 
r_nbtor_other                ?      ?      ? ?    'X-RAY DIFFRACTION' ? 
r_xyhbond_nbd_refined        ?      ?      ? ?    'X-RAY DIFFRACTION' ? 
r_xyhbond_nbd_other          ?      ?      ? ?    'X-RAY DIFFRACTION' ? 
r_metal_ion_refined          ?      ?      ? ?    'X-RAY DIFFRACTION' ? 
r_metal_ion_other            ?      ?      ? ?    'X-RAY DIFFRACTION' ? 
r_symmetry_vdw_refined       ?      ?      ? ?    'X-RAY DIFFRACTION' ? 
r_symmetry_vdw_other         ?      ?      ? ?    'X-RAY DIFFRACTION' ? 
r_symmetry_hbond_refined     ?      ?      ? ?    'X-RAY DIFFRACTION' ? 
r_symmetry_hbond_other       ?      ?      ? ?    'X-RAY DIFFRACTION' ? 
r_symmetry_metal_ion_refined ?      ?      ? ?    'X-RAY DIFFRACTION' ? 
r_symmetry_metal_ion_other   ?      ?      ? ?    'X-RAY DIFFRACTION' ? 
r_mcbond_it                  1.087  1.500  ? 465  'X-RAY DIFFRACTION' ? 
r_mcbond_other               0.314  1.500  ? 190  'X-RAY DIFFRACTION' ? 
r_mcangle_it                 1.997  2.000  ? 746  'X-RAY DIFFRACTION' ? 
r_scbond_it                  3.529  3.000  ? 325  'X-RAY DIFFRACTION' ? 
r_scangle_it                 5.930  4.500  ? 320  'X-RAY DIFFRACTION' ? 
r_rigid_bond_restr           ?      ?      ? ?    'X-RAY DIFFRACTION' ? 
r_sphericity_free            ?      ?      ? ?    'X-RAY DIFFRACTION' ? 
r_sphericity_bonded          ?      ?      ? ?    'X-RAY DIFFRACTION' ? 
# 
_refine_ls_shell.pdbx_refine_id                   'X-RAY DIFFRACTION' 
_refine_ls_shell.pdbx_total_number_of_bins_used   20 
_refine_ls_shell.d_res_high                       1.950 
_refine_ls_shell.d_res_low                        2.001 
_refine_ls_shell.number_reflns_R_work             839 
_refine_ls_shell.R_factor_R_work                  0.190 
_refine_ls_shell.percent_reflns_obs               98.65 
_refine_ls_shell.R_factor_R_free                  0.265 
_refine_ls_shell.R_factor_R_free_error            ? 
_refine_ls_shell.percent_reflns_R_free            ? 
_refine_ls_shell.number_reflns_R_free             37 
_refine_ls_shell.number_reflns_all                ? 
_refine_ls_shell.R_factor_all                     ? 
_refine_ls_shell.redundancy_reflns_obs            ? 
_refine_ls_shell.number_reflns_obs                ? 
# 
_struct.entry_id                  3HRL 
_struct.title                     'Crystal structure of a putative endonuclease-like protein (ngo0050) from neisseria gonorrhoeae' 
_struct.pdbx_model_details        ? 
_struct.pdbx_CASP_flag            ? 
_struct.pdbx_model_type_details   ? 
# 
_struct_keywords.entry_id        3HRL 
_struct_keywords.pdbx_keywords   'structural genomics, unknown function' 
_struct_keywords.text            
;STRUCTURAL GENOMICS; ENDONUCLEASE; NEISSERIA GONORRHOEAE, PSI-2, Protein Structure Initiative, Midwest Center for Structural Genomics, MCSG, structural genomics, unknown function
;
# 
loop_
_struct_asym.id 
_struct_asym.pdbx_blank_PDB_chainid_flag 
_struct_asym.pdbx_modified 
_struct_asym.entity_id 
_struct_asym.details 
A N N 1 ? 
B N N 2 ? 
C N N 3 ? 
# 
_struct_ref.id                         1 
_struct_ref.db_name                    UNP 
_struct_ref.db_code                    Q5FAH0_NEIG1 
_struct_ref.pdbx_db_accession          Q5FAH0 
_struct_ref.entity_id                  1 
_struct_ref.pdbx_seq_one_letter_code   
;SEAEAKLWQHLRAGRLNGYKFRRQQPMGNYIVDFMCVTPKLIVEADGGQHAEQAVYDHARTVYLNSLGFTVLRFWNHEIL
QQTNDVLAEILRVLQELEKQ
;
_struct_ref.pdbx_align_begin           27 
_struct_ref.pdbx_db_isoform            ? 
# 
_struct_ref_seq.align_id                      1 
_struct_ref_seq.ref_id                        1 
_struct_ref_seq.pdbx_PDB_id_code              3HRL 
_struct_ref_seq.pdbx_strand_id                A 
_struct_ref_seq.seq_align_beg                 5 
_struct_ref_seq.pdbx_seq_align_beg_ins_code   ? 
_struct_ref_seq.seq_align_end                 104 
_struct_ref_seq.pdbx_seq_align_end_ins_code   ? 
_struct_ref_seq.pdbx_db_accession             Q5FAH0 
_struct_ref_seq.db_align_beg                  27 
_struct_ref_seq.pdbx_db_align_beg_ins_code    ? 
_struct_ref_seq.db_align_end                  126 
_struct_ref_seq.pdbx_db_align_end_ins_code    ? 
_struct_ref_seq.pdbx_auth_seq_align_beg       27 
_struct_ref_seq.pdbx_auth_seq_align_end       126 
# 
loop_
_struct_ref_seq_dif.align_id 
_struct_ref_seq_dif.pdbx_pdb_id_code 
_struct_ref_seq_dif.mon_id 
_struct_ref_seq_dif.pdbx_pdb_strand_id 
_struct_ref_seq_dif.seq_num 
_struct_ref_seq_dif.pdbx_pdb_ins_code 
_struct_ref_seq_dif.pdbx_seq_db_name 
_struct_ref_seq_dif.pdbx_seq_db_accession_code 
_struct_ref_seq_dif.db_mon_id 
_struct_ref_seq_dif.pdbx_seq_db_seq_num 
_struct_ref_seq_dif.details 
_struct_ref_seq_dif.pdbx_auth_seq_num 
_struct_ref_seq_dif.pdbx_ordinal 
1 3HRL SER A 1 ? UNP Q5FAH0 ? ? 'expression tag' -2 1 
1 3HRL ASN A 2 ? UNP Q5FAH0 ? ? 'expression tag' -1 2 
1 3HRL ALA A 3 ? UNP Q5FAH0 ? ? 'expression tag' 0  3 
1 3HRL MSE A 4 ? UNP Q5FAH0 ? ? 'expression tag' 26 4 
# 
_pdbx_struct_assembly.id                   1 
_pdbx_struct_assembly.details              author_and_software_defined_assembly 
_pdbx_struct_assembly.method_details       PISA 
_pdbx_struct_assembly.oligomeric_details   monomeric 
_pdbx_struct_assembly.oligomeric_count     1 
# 
_pdbx_struct_assembly_gen.assembly_id       1 
_pdbx_struct_assembly_gen.oper_expression   1 
_pdbx_struct_assembly_gen.asym_id_list      A,B,C 
# 
_pdbx_struct_oper_list.id                   1 
_pdbx_struct_oper_list.type                 'identity operation' 
_pdbx_struct_oper_list.name                 1_555 
_pdbx_struct_oper_list.symmetry_operation   x,y,z 
_pdbx_struct_oper_list.matrix[1][1]         1.0000000000 
_pdbx_struct_oper_list.matrix[1][2]         0.0000000000 
_pdbx_struct_oper_list.matrix[1][3]         0.0000000000 
_pdbx_struct_oper_list.vector[1]            0.0000000000 
_pdbx_struct_oper_list.matrix[2][1]         0.0000000000 
_pdbx_struct_oper_list.matrix[2][2]         1.0000000000 
_pdbx_struct_oper_list.matrix[2][3]         0.0000000000 
_pdbx_struct_oper_list.vector[2]            0.0000000000 
_pdbx_struct_oper_list.matrix[3][1]         0.0000000000 
_pdbx_struct_oper_list.matrix[3][2]         0.0000000000 
_pdbx_struct_oper_list.matrix[3][3]         1.0000000000 
_pdbx_struct_oper_list.vector[3]            0.0000000000 
# 
_struct_biol.id        1 
_struct_biol.details   ? 
# 
loop_
_struct_conf.conf_type_id 
_struct_conf.id 
_struct_conf.pdbx_PDB_helix_id 
_struct_conf.beg_label_comp_id 
_struct_conf.beg_label_asym_id 
_struct_conf.beg_label_seq_id 
_struct_conf.pdbx_beg_PDB_ins_code 
_struct_conf.end_label_comp_id 
_struct_conf.end_label_asym_id 
_struct_conf.end_label_seq_id 
_struct_conf.pdbx_end_PDB_ins_code 
_struct_conf.beg_auth_comp_id 
_struct_conf.beg_auth_asym_id 
_struct_conf.beg_auth_seq_id 
_struct_conf.end_auth_comp_id 
_struct_conf.end_auth_asym_id 
_struct_conf.end_auth_seq_id 
_struct_conf.pdbx_PDB_helix_class 
_struct_conf.details 
_struct_conf.pdbx_PDB_helix_length 
HELX_P HELX_P1 1 SER A 5  ? ARG A 16  ? SER A 27  ARG A 38  1 ? 12 
HELX_P HELX_P2 2 ALA A 17 ? ARG A 19  ? ALA A 39  ARG A 41  5 ? 3  
HELX_P HELX_P3 3 ASP A 61 ? LEU A 71  ? ASP A 83  LEU A 93  1 ? 11 
HELX_P HELX_P4 4 ASN A 80 ? GLN A 86  ? ASN A 102 GLN A 108 1 ? 7  
HELX_P HELX_P5 5 GLN A 86 ? LYS A 103 ? GLN A 108 LYS A 125 1 ? 18 
# 
_struct_conf_type.id          HELX_P 
_struct_conf_type.criteria    ? 
_struct_conf_type.reference   ? 
# 
loop_
_struct_conn.id 
_struct_conn.conn_type_id 
_struct_conn.pdbx_leaving_atom_flag 
_struct_conn.pdbx_PDB_id 
_struct_conn.ptnr1_label_asym_id 
_struct_conn.ptnr1_label_comp_id 
_struct_conn.ptnr1_label_seq_id 
_struct_conn.ptnr1_label_atom_id 
_struct_conn.pdbx_ptnr1_label_alt_id 
_struct_conn.pdbx_ptnr1_PDB_ins_code 
_struct_conn.pdbx_ptnr1_standard_comp_id 
_struct_conn.ptnr1_symmetry 
_struct_conn.ptnr2_label_asym_id 
_struct_conn.ptnr2_label_comp_id 
_struct_conn.ptnr2_label_seq_id 
_struct_conn.ptnr2_label_atom_id 
_struct_conn.pdbx_ptnr2_label_alt_id 
_struct_conn.pdbx_ptnr2_PDB_ins_code 
_struct_conn.ptnr1_auth_asym_id 
_struct_conn.ptnr1_auth_comp_id 
_struct_conn.ptnr1_auth_seq_id 
_struct_conn.ptnr2_auth_asym_id 
_struct_conn.ptnr2_auth_comp_id 
_struct_conn.ptnr2_auth_seq_id 
_struct_conn.ptnr2_symmetry 
_struct_conn.pdbx_ptnr3_label_atom_id 
_struct_conn.pdbx_ptnr3_label_seq_id 
_struct_conn.pdbx_ptnr3_label_comp_id 
_struct_conn.pdbx_ptnr3_label_asym_id 
_struct_conn.pdbx_ptnr3_label_alt_id 
_struct_conn.pdbx_ptnr3_PDB_ins_code 
_struct_conn.details 
_struct_conn.pdbx_dist_value 
_struct_conn.pdbx_value_order 
_struct_conn.pdbx_role 
covale1 covale both ? A ALA 3  C ? ? ? 1_555 A MSE 4  N ? ? A ALA 0  A MSE 26 1_555 ? ? ? ? ? ? ? 1.332 ? ? 
covale2 covale both ? A MSE 4  C ? ? ? 1_555 A SER 5  N ? ? A MSE 26 A SER 27 1_555 ? ? ? ? ? ? ? 1.327 ? ? 
covale3 covale both ? A PRO 30 C ? ? ? 1_555 A MSE 31 N ? ? A PRO 52 A MSE 53 1_555 ? ? ? ? ? ? ? 1.325 ? ? 
covale4 covale both ? A MSE 31 C ? ? ? 1_555 A GLY 32 N ? ? A MSE 53 A GLY 54 1_555 ? ? ? ? ? ? ? 1.322 ? ? 
covale5 covale both ? A PHE 38 C ? ? ? 1_555 A MSE 39 N ? ? A PHE 60 A MSE 61 1_555 ? ? ? ? ? ? ? 1.330 ? ? 
covale6 covale both ? A MSE 39 C ? ? ? 1_555 A CYS 40 N ? ? A MSE 61 A CYS 62 1_555 ? ? ? ? ? ? ? 1.323 ? ? 
# 
_struct_conn_type.id          covale 
_struct_conn_type.criteria    ? 
_struct_conn_type.reference   ? 
# 
loop_
_pdbx_modification_feature.ordinal 
_pdbx_modification_feature.label_comp_id 
_pdbx_modification_feature.label_asym_id 
_pdbx_modification_feature.label_seq_id 
_pdbx_modification_feature.label_alt_id 
_pdbx_modification_feature.modified_residue_label_comp_id 
_pdbx_modification_feature.modified_residue_label_asym_id 
_pdbx_modification_feature.modified_residue_label_seq_id 
_pdbx_modification_feature.modified_residue_label_alt_id 
_pdbx_modification_feature.auth_comp_id 
_pdbx_modification_feature.auth_asym_id 
_pdbx_modification_feature.auth_seq_id 
_pdbx_modification_feature.PDB_ins_code 
_pdbx_modification_feature.symmetry 
_pdbx_modification_feature.modified_residue_auth_comp_id 
_pdbx_modification_feature.modified_residue_auth_asym_id 
_pdbx_modification_feature.modified_residue_auth_seq_id 
_pdbx_modification_feature.modified_residue_PDB_ins_code 
_pdbx_modification_feature.modified_residue_symmetry 
_pdbx_modification_feature.comp_id_linking_atom 
_pdbx_modification_feature.modified_residue_id_linking_atom 
_pdbx_modification_feature.modified_residue_id 
_pdbx_modification_feature.ref_pcm_id 
_pdbx_modification_feature.ref_comp_id 
_pdbx_modification_feature.type 
_pdbx_modification_feature.category 
1 MSE A 4  ? . . . . MSE A 26 ? 1_555 . . . . . . . MET 1 MSE Selenomethionine 'Named protein modification' 
2 MSE A 31 ? . . . . MSE A 53 ? 1_555 . . . . . . . MET 1 MSE Selenomethionine 'Named protein modification' 
3 MSE A 39 ? . . . . MSE A 61 ? 1_555 . . . . . . . MET 1 MSE Selenomethionine 'Named protein modification' 
# 
_struct_mon_prot_cis.pdbx_id                1 
_struct_mon_prot_cis.label_comp_id          THR 
_struct_mon_prot_cis.label_seq_id           42 
_struct_mon_prot_cis.label_asym_id          A 
_struct_mon_prot_cis.label_alt_id           . 
_struct_mon_prot_cis.pdbx_PDB_ins_code      ? 
_struct_mon_prot_cis.auth_comp_id           THR 
_struct_mon_prot_cis.auth_seq_id            64 
_struct_mon_prot_cis.auth_asym_id           A 
_struct_mon_prot_cis.pdbx_label_comp_id_2   PRO 
_struct_mon_prot_cis.pdbx_label_seq_id_2    43 
_struct_mon_prot_cis.pdbx_label_asym_id_2   A 
_struct_mon_prot_cis.pdbx_PDB_ins_code_2    ? 
_struct_mon_prot_cis.pdbx_auth_comp_id_2    PRO 
_struct_mon_prot_cis.pdbx_auth_seq_id_2     65 
_struct_mon_prot_cis.pdbx_auth_asym_id_2    A 
_struct_mon_prot_cis.pdbx_PDB_model_num     1 
_struct_mon_prot_cis.pdbx_omega_angle       -3.69 
# 
_struct_sheet.id               A 
_struct_sheet.type             ? 
_struct_sheet.number_strands   4 
_struct_sheet.details          ? 
# 
loop_
_struct_sheet_order.sheet_id 
_struct_sheet_order.range_id_1 
_struct_sheet_order.range_id_2 
_struct_sheet_order.offset 
_struct_sheet_order.sense 
A 1 2 ? anti-parallel 
A 2 3 ? anti-parallel 
A 3 4 ? parallel      
# 
loop_
_struct_sheet_range.sheet_id 
_struct_sheet_range.id 
_struct_sheet_range.beg_label_comp_id 
_struct_sheet_range.beg_label_asym_id 
_struct_sheet_range.beg_label_seq_id 
_struct_sheet_range.pdbx_beg_PDB_ins_code 
_struct_sheet_range.end_label_comp_id 
_struct_sheet_range.end_label_asym_id 
_struct_sheet_range.end_label_seq_id 
_struct_sheet_range.pdbx_end_PDB_ins_code 
_struct_sheet_range.beg_auth_comp_id 
_struct_sheet_range.beg_auth_asym_id 
_struct_sheet_range.beg_auth_seq_id 
_struct_sheet_range.end_auth_comp_id 
_struct_sheet_range.end_auth_asym_id 
_struct_sheet_range.end_auth_seq_id 
A 1 PHE A 25 ? MSE A 31 ? PHE A 47 MSE A 53  
A 2 TYR A 34 ? CYS A 40 ? TYR A 56 CYS A 62  
A 3 LEU A 45 ? ASP A 50 ? LEU A 67 ASP A 72  
A 4 THR A 74 ? TRP A 79 ? THR A 96 TRP A 101 
# 
loop_
_pdbx_struct_sheet_hbond.sheet_id 
_pdbx_struct_sheet_hbond.range_id_1 
_pdbx_struct_sheet_hbond.range_id_2 
_pdbx_struct_sheet_hbond.range_1_label_atom_id 
_pdbx_struct_sheet_hbond.range_1_label_comp_id 
_pdbx_struct_sheet_hbond.range_1_label_asym_id 
_pdbx_struct_sheet_hbond.range_1_label_seq_id 
_pdbx_struct_sheet_hbond.range_1_PDB_ins_code 
_pdbx_struct_sheet_hbond.range_1_auth_atom_id 
_pdbx_struct_sheet_hbond.range_1_auth_comp_id 
_pdbx_struct_sheet_hbond.range_1_auth_asym_id 
_pdbx_struct_sheet_hbond.range_1_auth_seq_id 
_pdbx_struct_sheet_hbond.range_2_label_atom_id 
_pdbx_struct_sheet_hbond.range_2_label_comp_id 
_pdbx_struct_sheet_hbond.range_2_label_asym_id 
_pdbx_struct_sheet_hbond.range_2_label_seq_id 
_pdbx_struct_sheet_hbond.range_2_PDB_ins_code 
_pdbx_struct_sheet_hbond.range_2_auth_atom_id 
_pdbx_struct_sheet_hbond.range_2_auth_comp_id 
_pdbx_struct_sheet_hbond.range_2_auth_asym_id 
_pdbx_struct_sheet_hbond.range_2_auth_seq_id 
A 1 2 N MSE A 31 ? N MSE A 53 O TYR A 34 ? O TYR A 56  
A 2 3 N CYS A 40 ? N CYS A 62 O LEU A 45 ? O LEU A 67  
A 3 4 N ASP A 50 ? N ASP A 72 O PHE A 78 ? O PHE A 100 
# 
_struct_site.id                   AC1 
_struct_site.pdbx_evidence_code   Software 
_struct_site.pdbx_auth_asym_id    A 
_struct_site.pdbx_auth_comp_id    CL 
_struct_site.pdbx_auth_seq_id     1 
_struct_site.pdbx_auth_ins_code   ? 
_struct_site.pdbx_num_residues    4 
_struct_site.details              'BINDING SITE FOR RESIDUE CL A 1' 
# 
loop_
_struct_site_gen.id 
_struct_site_gen.site_id 
_struct_site_gen.pdbx_num_res 
_struct_site_gen.label_comp_id 
_struct_site_gen.label_asym_id 
_struct_site_gen.label_seq_id 
_struct_site_gen.pdbx_auth_ins_code 
_struct_site_gen.auth_comp_id 
_struct_site_gen.auth_asym_id 
_struct_site_gen.auth_seq_id 
_struct_site_gen.label_atom_id 
_struct_site_gen.label_alt_id 
_struct_site_gen.symmetry 
_struct_site_gen.details 
1 AC1 4 TYR A 34 ? TYR A 56  . ? 1_555 ? 
2 AC1 4 ILE A 35 ? ILE A 57  . ? 1_555 ? 
3 AC1 4 ARG A 64 ? ARG A 86  . ? 1_555 ? 
4 AC1 4 HOH C .  ? HOH A 146 . ? 1_555 ? 
# 
_pdbx_entry_details.entry_id                   3HRL 
_pdbx_entry_details.compound_details           ? 
_pdbx_entry_details.source_details             ? 
_pdbx_entry_details.nonpolymer_details         ? 
_pdbx_entry_details.sequence_details           ? 
_pdbx_entry_details.has_ligand_of_interest     ? 
_pdbx_entry_details.has_protein_modification   Y 
# 
_pdbx_SG_project.id                    1 
_pdbx_SG_project.project_name          'PSI, Protein Structure Initiative' 
_pdbx_SG_project.full_name_of_center   'Midwest Center for Structural Genomics' 
_pdbx_SG_project.initial_of_center     MCSG 
# 
loop_
_pdbx_struct_mod_residue.id 
_pdbx_struct_mod_residue.label_asym_id 
_pdbx_struct_mod_residue.label_comp_id 
_pdbx_struct_mod_residue.label_seq_id 
_pdbx_struct_mod_residue.auth_asym_id 
_pdbx_struct_mod_residue.auth_comp_id 
_pdbx_struct_mod_residue.auth_seq_id 
_pdbx_struct_mod_residue.PDB_ins_code 
_pdbx_struct_mod_residue.parent_comp_id 
_pdbx_struct_mod_residue.details 
1 A MSE 4  A MSE 26 ? MET SELENOMETHIONINE 
2 A MSE 31 A MSE 53 ? MET SELENOMETHIONINE 
3 A MSE 39 A MSE 61 ? MET SELENOMETHIONINE 
# 
_pdbx_refine_tls.pdbx_refine_id   'X-RAY DIFFRACTION' 
_pdbx_refine_tls.id               1 
_pdbx_refine_tls.details          ? 
_pdbx_refine_tls.method           refined 
_pdbx_refine_tls.origin_x         -0.1440 
_pdbx_refine_tls.origin_y         0.1163 
_pdbx_refine_tls.origin_z         -0.0010 
_pdbx_refine_tls.T[1][1]          0.0269 
_pdbx_refine_tls.T[2][2]          0.0388 
_pdbx_refine_tls.T[3][3]          0.0814 
_pdbx_refine_tls.T[1][2]          -0.0168 
_pdbx_refine_tls.T[1][3]          0.0181 
_pdbx_refine_tls.T[2][3]          0.0199 
_pdbx_refine_tls.L[1][1]          1.7385 
_pdbx_refine_tls.L[2][2]          1.9517 
_pdbx_refine_tls.L[3][3]          1.6833 
_pdbx_refine_tls.L[1][2]          -1.0231 
_pdbx_refine_tls.L[1][3]          -0.9047 
_pdbx_refine_tls.L[2][3]          0.7227 
_pdbx_refine_tls.S[1][1]          -0.0694 
_pdbx_refine_tls.S[1][2]          -0.0401 
_pdbx_refine_tls.S[1][3]          0.0103 
_pdbx_refine_tls.S[2][1]          0.0665 
_pdbx_refine_tls.S[2][2]          0.0085 
_pdbx_refine_tls.S[2][3]          0.1386 
_pdbx_refine_tls.S[3][1]          0.0889 
_pdbx_refine_tls.S[3][2]          -0.0154 
_pdbx_refine_tls.S[3][3]          0.0610 
# 
_pdbx_refine_tls_group.pdbx_refine_id      'X-RAY DIFFRACTION' 
_pdbx_refine_tls_group.id                  1 
_pdbx_refine_tls_group.refine_tls_id       1 
_pdbx_refine_tls_group.beg_auth_asym_id    A 
_pdbx_refine_tls_group.beg_auth_seq_id     26 
_pdbx_refine_tls_group.beg_label_asym_id   ? 
_pdbx_refine_tls_group.beg_label_seq_id    ? 
_pdbx_refine_tls_group.end_auth_asym_id    A 
_pdbx_refine_tls_group.end_auth_seq_id     125 
_pdbx_refine_tls_group.end_label_asym_id   ? 
_pdbx_refine_tls_group.end_label_seq_id    ? 
_pdbx_refine_tls_group.selection           ? 
_pdbx_refine_tls_group.selection_details   ? 
# 
loop_
_pdbx_unobs_or_zero_occ_residues.id 
_pdbx_unobs_or_zero_occ_residues.PDB_model_num 
_pdbx_unobs_or_zero_occ_residues.polymer_flag 
_pdbx_unobs_or_zero_occ_residues.occupancy_flag 
_pdbx_unobs_or_zero_occ_residues.auth_asym_id 
_pdbx_unobs_or_zero_occ_residues.auth_comp_id 
_pdbx_unobs_or_zero_occ_residues.auth_seq_id 
_pdbx_unobs_or_zero_occ_residues.PDB_ins_code 
_pdbx_unobs_or_zero_occ_residues.label_asym_id 
_pdbx_unobs_or_zero_occ_residues.label_comp_id 
_pdbx_unobs_or_zero_occ_residues.label_seq_id 
1  1 Y 1 A SER -2  ? A SER 1   
2  1 Y 1 A ASN -1  ? A ASN 2   
3  1 Y 1 A GLY 74  ? A GLY 52  
4  1 Y 1 A GLN 75  ? A GLN 53  
5  1 Y 1 A HIS 76  ? A HIS 54  
6  1 Y 1 A ALA 77  ? A ALA 55  
7  1 Y 1 A GLU 78  ? A GLU 56  
8  1 Y 1 A GLN 79  ? A GLN 57  
9  1 Y 1 A ALA 80  ? A ALA 58  
10 1 Y 1 A GLN 126 ? A GLN 104 
# 
loop_
_chem_comp_atom.comp_id 
_chem_comp_atom.atom_id 
_chem_comp_atom.type_symbol 
_chem_comp_atom.pdbx_aromatic_flag 
_chem_comp_atom.pdbx_stereo_config 
_chem_comp_atom.pdbx_ordinal 
ALA N    N  N N 1   
ALA CA   C  N S 2   
ALA C    C  N N 3   
ALA O    O  N N 4   
ALA CB   C  N N 5   
ALA OXT  O  N N 6   
ALA H    H  N N 7   
ALA H2   H  N N 8   
ALA HA   H  N N 9   
ALA HB1  H  N N 10  
ALA HB2  H  N N 11  
ALA HB3  H  N N 12  
ALA HXT  H  N N 13  
ARG N    N  N N 14  
ARG CA   C  N S 15  
ARG C    C  N N 16  
ARG O    O  N N 17  
ARG CB   C  N N 18  
ARG CG   C  N N 19  
ARG CD   C  N N 20  
ARG NE   N  N N 21  
ARG CZ   C  N N 22  
ARG NH1  N  N N 23  
ARG NH2  N  N N 24  
ARG OXT  O  N N 25  
ARG H    H  N N 26  
ARG H2   H  N N 27  
ARG HA   H  N N 28  
ARG HB2  H  N N 29  
ARG HB3  H  N N 30  
ARG HG2  H  N N 31  
ARG HG3  H  N N 32  
ARG HD2  H  N N 33  
ARG HD3  H  N N 34  
ARG HE   H  N N 35  
ARG HH11 H  N N 36  
ARG HH12 H  N N 37  
ARG HH21 H  N N 38  
ARG HH22 H  N N 39  
ARG HXT  H  N N 40  
ASN N    N  N N 41  
ASN CA   C  N S 42  
ASN C    C  N N 43  
ASN O    O  N N 44  
ASN CB   C  N N 45  
ASN CG   C  N N 46  
ASN OD1  O  N N 47  
ASN ND2  N  N N 48  
ASN OXT  O  N N 49  
ASN H    H  N N 50  
ASN H2   H  N N 51  
ASN HA   H  N N 52  
ASN HB2  H  N N 53  
ASN HB3  H  N N 54  
ASN HD21 H  N N 55  
ASN HD22 H  N N 56  
ASN HXT  H  N N 57  
ASP N    N  N N 58  
ASP CA   C  N S 59  
ASP C    C  N N 60  
ASP O    O  N N 61  
ASP CB   C  N N 62  
ASP CG   C  N N 63  
ASP OD1  O  N N 64  
ASP OD2  O  N N 65  
ASP OXT  O  N N 66  
ASP H    H  N N 67  
ASP H2   H  N N 68  
ASP HA   H  N N 69  
ASP HB2  H  N N 70  
ASP HB3  H  N N 71  
ASP HD2  H  N N 72  
ASP HXT  H  N N 73  
CL  CL   CL N N 74  
CYS N    N  N N 75  
CYS CA   C  N R 76  
CYS C    C  N N 77  
CYS O    O  N N 78  
CYS CB   C  N N 79  
CYS SG   S  N N 80  
CYS OXT  O  N N 81  
CYS H    H  N N 82  
CYS H2   H  N N 83  
CYS HA   H  N N 84  
CYS HB2  H  N N 85  
CYS HB3  H  N N 86  
CYS HG   H  N N 87  
CYS HXT  H  N N 88  
GLN N    N  N N 89  
GLN CA   C  N S 90  
GLN C    C  N N 91  
GLN O    O  N N 92  
GLN CB   C  N N 93  
GLN CG   C  N N 94  
GLN CD   C  N N 95  
GLN OE1  O  N N 96  
GLN NE2  N  N N 97  
GLN OXT  O  N N 98  
GLN H    H  N N 99  
GLN H2   H  N N 100 
GLN HA   H  N N 101 
GLN HB2  H  N N 102 
GLN HB3  H  N N 103 
GLN HG2  H  N N 104 
GLN HG3  H  N N 105 
GLN HE21 H  N N 106 
GLN HE22 H  N N 107 
GLN HXT  H  N N 108 
GLU N    N  N N 109 
GLU CA   C  N S 110 
GLU C    C  N N 111 
GLU O    O  N N 112 
GLU CB   C  N N 113 
GLU CG   C  N N 114 
GLU CD   C  N N 115 
GLU OE1  O  N N 116 
GLU OE2  O  N N 117 
GLU OXT  O  N N 118 
GLU H    H  N N 119 
GLU H2   H  N N 120 
GLU HA   H  N N 121 
GLU HB2  H  N N 122 
GLU HB3  H  N N 123 
GLU HG2  H  N N 124 
GLU HG3  H  N N 125 
GLU HE2  H  N N 126 
GLU HXT  H  N N 127 
GLY N    N  N N 128 
GLY CA   C  N N 129 
GLY C    C  N N 130 
GLY O    O  N N 131 
GLY OXT  O  N N 132 
GLY H    H  N N 133 
GLY H2   H  N N 134 
GLY HA2  H  N N 135 
GLY HA3  H  N N 136 
GLY HXT  H  N N 137 
HIS N    N  N N 138 
HIS CA   C  N S 139 
HIS C    C  N N 140 
HIS O    O  N N 141 
HIS CB   C  N N 142 
HIS CG   C  Y N 143 
HIS ND1  N  Y N 144 
HIS CD2  C  Y N 145 
HIS CE1  C  Y N 146 
HIS NE2  N  Y N 147 
HIS OXT  O  N N 148 
HIS H    H  N N 149 
HIS H2   H  N N 150 
HIS HA   H  N N 151 
HIS HB2  H  N N 152 
HIS HB3  H  N N 153 
HIS HD1  H  N N 154 
HIS HD2  H  N N 155 
HIS HE1  H  N N 156 
HIS HE2  H  N N 157 
HIS HXT  H  N N 158 
HOH O    O  N N 159 
HOH H1   H  N N 160 
HOH H2   H  N N 161 
ILE N    N  N N 162 
ILE CA   C  N S 163 
ILE C    C  N N 164 
ILE O    O  N N 165 
ILE CB   C  N S 166 
ILE CG1  C  N N 167 
ILE CG2  C  N N 168 
ILE CD1  C  N N 169 
ILE OXT  O  N N 170 
ILE H    H  N N 171 
ILE H2   H  N N 172 
ILE HA   H  N N 173 
ILE HB   H  N N 174 
ILE HG12 H  N N 175 
ILE HG13 H  N N 176 
ILE HG21 H  N N 177 
ILE HG22 H  N N 178 
ILE HG23 H  N N 179 
ILE HD11 H  N N 180 
ILE HD12 H  N N 181 
ILE HD13 H  N N 182 
ILE HXT  H  N N 183 
LEU N    N  N N 184 
LEU CA   C  N S 185 
LEU C    C  N N 186 
LEU O    O  N N 187 
LEU CB   C  N N 188 
LEU CG   C  N N 189 
LEU CD1  C  N N 190 
LEU CD2  C  N N 191 
LEU OXT  O  N N 192 
LEU H    H  N N 193 
LEU H2   H  N N 194 
LEU HA   H  N N 195 
LEU HB2  H  N N 196 
LEU HB3  H  N N 197 
LEU HG   H  N N 198 
LEU HD11 H  N N 199 
LEU HD12 H  N N 200 
LEU HD13 H  N N 201 
LEU HD21 H  N N 202 
LEU HD22 H  N N 203 
LEU HD23 H  N N 204 
LEU HXT  H  N N 205 
LYS N    N  N N 206 
LYS CA   C  N S 207 
LYS C    C  N N 208 
LYS O    O  N N 209 
LYS CB   C  N N 210 
LYS CG   C  N N 211 
LYS CD   C  N N 212 
LYS CE   C  N N 213 
LYS NZ   N  N N 214 
LYS OXT  O  N N 215 
LYS H    H  N N 216 
LYS H2   H  N N 217 
LYS HA   H  N N 218 
LYS HB2  H  N N 219 
LYS HB3  H  N N 220 
LYS HG2  H  N N 221 
LYS HG3  H  N N 222 
LYS HD2  H  N N 223 
LYS HD3  H  N N 224 
LYS HE2  H  N N 225 
LYS HE3  H  N N 226 
LYS HZ1  H  N N 227 
LYS HZ2  H  N N 228 
LYS HZ3  H  N N 229 
LYS HXT  H  N N 230 
MSE N    N  N N 231 
MSE CA   C  N S 232 
MSE C    C  N N 233 
MSE O    O  N N 234 
MSE OXT  O  N N 235 
MSE CB   C  N N 236 
MSE CG   C  N N 237 
MSE SE   SE N N 238 
MSE CE   C  N N 239 
MSE H    H  N N 240 
MSE H2   H  N N 241 
MSE HA   H  N N 242 
MSE HXT  H  N N 243 
MSE HB2  H  N N 244 
MSE HB3  H  N N 245 
MSE HG2  H  N N 246 
MSE HG3  H  N N 247 
MSE HE1  H  N N 248 
MSE HE2  H  N N 249 
MSE HE3  H  N N 250 
PHE N    N  N N 251 
PHE CA   C  N S 252 
PHE C    C  N N 253 
PHE O    O  N N 254 
PHE CB   C  N N 255 
PHE CG   C  Y N 256 
PHE CD1  C  Y N 257 
PHE CD2  C  Y N 258 
PHE CE1  C  Y N 259 
PHE CE2  C  Y N 260 
PHE CZ   C  Y N 261 
PHE OXT  O  N N 262 
PHE H    H  N N 263 
PHE H2   H  N N 264 
PHE HA   H  N N 265 
PHE HB2  H  N N 266 
PHE HB3  H  N N 267 
PHE HD1  H  N N 268 
PHE HD2  H  N N 269 
PHE HE1  H  N N 270 
PHE HE2  H  N N 271 
PHE HZ   H  N N 272 
PHE HXT  H  N N 273 
PRO N    N  N N 274 
PRO CA   C  N S 275 
PRO C    C  N N 276 
PRO O    O  N N 277 
PRO CB   C  N N 278 
PRO CG   C  N N 279 
PRO CD   C  N N 280 
PRO OXT  O  N N 281 
PRO H    H  N N 282 
PRO HA   H  N N 283 
PRO HB2  H  N N 284 
PRO HB3  H  N N 285 
PRO HG2  H  N N 286 
PRO HG3  H  N N 287 
PRO HD2  H  N N 288 
PRO HD3  H  N N 289 
PRO HXT  H  N N 290 
SER N    N  N N 291 
SER CA   C  N S 292 
SER C    C  N N 293 
SER O    O  N N 294 
SER CB   C  N N 295 
SER OG   O  N N 296 
SER OXT  O  N N 297 
SER H    H  N N 298 
SER H2   H  N N 299 
SER HA   H  N N 300 
SER HB2  H  N N 301 
SER HB3  H  N N 302 
SER HG   H  N N 303 
SER HXT  H  N N 304 
THR N    N  N N 305 
THR CA   C  N S 306 
THR C    C  N N 307 
THR O    O  N N 308 
THR CB   C  N R 309 
THR OG1  O  N N 310 
THR CG2  C  N N 311 
THR OXT  O  N N 312 
THR H    H  N N 313 
THR H2   H  N N 314 
THR HA   H  N N 315 
THR HB   H  N N 316 
THR HG1  H  N N 317 
THR HG21 H  N N 318 
THR HG22 H  N N 319 
THR HG23 H  N N 320 
THR HXT  H  N N 321 
TRP N    N  N N 322 
TRP CA   C  N S 323 
TRP C    C  N N 324 
TRP O    O  N N 325 
TRP CB   C  N N 326 
TRP CG   C  Y N 327 
TRP CD1  C  Y N 328 
TRP CD2  C  Y N 329 
TRP NE1  N  Y N 330 
TRP CE2  C  Y N 331 
TRP CE3  C  Y N 332 
TRP CZ2  C  Y N 333 
TRP CZ3  C  Y N 334 
TRP CH2  C  Y N 335 
TRP OXT  O  N N 336 
TRP H    H  N N 337 
TRP H2   H  N N 338 
TRP HA   H  N N 339 
TRP HB2  H  N N 340 
TRP HB3  H  N N 341 
TRP HD1  H  N N 342 
TRP HE1  H  N N 343 
TRP HE3  H  N N 344 
TRP HZ2  H  N N 345 
TRP HZ3  H  N N 346 
TRP HH2  H  N N 347 
TRP HXT  H  N N 348 
TYR N    N  N N 349 
TYR CA   C  N S 350 
TYR C    C  N N 351 
TYR O    O  N N 352 
TYR CB   C  N N 353 
TYR CG   C  Y N 354 
TYR CD1  C  Y N 355 
TYR CD2  C  Y N 356 
TYR CE1  C  Y N 357 
TYR CE2  C  Y N 358 
TYR CZ   C  Y N 359 
TYR OH   O  N N 360 
TYR OXT  O  N N 361 
TYR H    H  N N 362 
TYR H2   H  N N 363 
TYR HA   H  N N 364 
TYR HB2  H  N N 365 
TYR HB3  H  N N 366 
TYR HD1  H  N N 367 
TYR HD2  H  N N 368 
TYR HE1  H  N N 369 
TYR HE2  H  N N 370 
TYR HH   H  N N 371 
TYR HXT  H  N N 372 
VAL N    N  N N 373 
VAL CA   C  N S 374 
VAL C    C  N N 375 
VAL O    O  N N 376 
VAL CB   C  N N 377 
VAL CG1  C  N N 378 
VAL CG2  C  N N 379 
VAL OXT  O  N N 380 
VAL H    H  N N 381 
VAL H2   H  N N 382 
VAL HA   H  N N 383 
VAL HB   H  N N 384 
VAL HG11 H  N N 385 
VAL HG12 H  N N 386 
VAL HG13 H  N N 387 
VAL HG21 H  N N 388 
VAL HG22 H  N N 389 
VAL HG23 H  N N 390 
VAL HXT  H  N N 391 
# 
loop_
_chem_comp_bond.comp_id 
_chem_comp_bond.atom_id_1 
_chem_comp_bond.atom_id_2 
_chem_comp_bond.value_order 
_chem_comp_bond.pdbx_aromatic_flag 
_chem_comp_bond.pdbx_stereo_config 
_chem_comp_bond.pdbx_ordinal 
ALA N   CA   sing N N 1   
ALA N   H    sing N N 2   
ALA N   H2   sing N N 3   
ALA CA  C    sing N N 4   
ALA CA  CB   sing N N 5   
ALA CA  HA   sing N N 6   
ALA C   O    doub N N 7   
ALA C   OXT  sing N N 8   
ALA CB  HB1  sing N N 9   
ALA CB  HB2  sing N N 10  
ALA CB  HB3  sing N N 11  
ALA OXT HXT  sing N N 12  
ARG N   CA   sing N N 13  
ARG N   H    sing N N 14  
ARG N   H2   sing N N 15  
ARG CA  C    sing N N 16  
ARG CA  CB   sing N N 17  
ARG CA  HA   sing N N 18  
ARG C   O    doub N N 19  
ARG C   OXT  sing N N 20  
ARG CB  CG   sing N N 21  
ARG CB  HB2  sing N N 22  
ARG CB  HB3  sing N N 23  
ARG CG  CD   sing N N 24  
ARG CG  HG2  sing N N 25  
ARG CG  HG3  sing N N 26  
ARG CD  NE   sing N N 27  
ARG CD  HD2  sing N N 28  
ARG CD  HD3  sing N N 29  
ARG NE  CZ   sing N N 30  
ARG NE  HE   sing N N 31  
ARG CZ  NH1  sing N N 32  
ARG CZ  NH2  doub N N 33  
ARG NH1 HH11 sing N N 34  
ARG NH1 HH12 sing N N 35  
ARG NH2 HH21 sing N N 36  
ARG NH2 HH22 sing N N 37  
ARG OXT HXT  sing N N 38  
ASN N   CA   sing N N 39  
ASN N   H    sing N N 40  
ASN N   H2   sing N N 41  
ASN CA  C    sing N N 42  
ASN CA  CB   sing N N 43  
ASN CA  HA   sing N N 44  
ASN C   O    doub N N 45  
ASN C   OXT  sing N N 46  
ASN CB  CG   sing N N 47  
ASN CB  HB2  sing N N 48  
ASN CB  HB3  sing N N 49  
ASN CG  OD1  doub N N 50  
ASN CG  ND2  sing N N 51  
ASN ND2 HD21 sing N N 52  
ASN ND2 HD22 sing N N 53  
ASN OXT HXT  sing N N 54  
ASP N   CA   sing N N 55  
ASP N   H    sing N N 56  
ASP N   H2   sing N N 57  
ASP CA  C    sing N N 58  
ASP CA  CB   sing N N 59  
ASP CA  HA   sing N N 60  
ASP C   O    doub N N 61  
ASP C   OXT  sing N N 62  
ASP CB  CG   sing N N 63  
ASP CB  HB2  sing N N 64  
ASP CB  HB3  sing N N 65  
ASP CG  OD1  doub N N 66  
ASP CG  OD2  sing N N 67  
ASP OD2 HD2  sing N N 68  
ASP OXT HXT  sing N N 69  
CYS N   CA   sing N N 70  
CYS N   H    sing N N 71  
CYS N   H2   sing N N 72  
CYS CA  C    sing N N 73  
CYS CA  CB   sing N N 74  
CYS CA  HA   sing N N 75  
CYS C   O    doub N N 76  
CYS C   OXT  sing N N 77  
CYS CB  SG   sing N N 78  
CYS CB  HB2  sing N N 79  
CYS CB  HB3  sing N N 80  
CYS SG  HG   sing N N 81  
CYS OXT HXT  sing N N 82  
GLN N   CA   sing N N 83  
GLN N   H    sing N N 84  
GLN N   H2   sing N N 85  
GLN CA  C    sing N N 86  
GLN CA  CB   sing N N 87  
GLN CA  HA   sing N N 88  
GLN C   O    doub N N 89  
GLN C   OXT  sing N N 90  
GLN CB  CG   sing N N 91  
GLN CB  HB2  sing N N 92  
GLN CB  HB3  sing N N 93  
GLN CG  CD   sing N N 94  
GLN CG  HG2  sing N N 95  
GLN CG  HG3  sing N N 96  
GLN CD  OE1  doub N N 97  
GLN CD  NE2  sing N N 98  
GLN NE2 HE21 sing N N 99  
GLN NE2 HE22 sing N N 100 
GLN OXT HXT  sing N N 101 
GLU N   CA   sing N N 102 
GLU N   H    sing N N 103 
GLU N   H2   sing N N 104 
GLU CA  C    sing N N 105 
GLU CA  CB   sing N N 106 
GLU CA  HA   sing N N 107 
GLU C   O    doub N N 108 
GLU C   OXT  sing N N 109 
GLU CB  CG   sing N N 110 
GLU CB  HB2  sing N N 111 
GLU CB  HB3  sing N N 112 
GLU CG  CD   sing N N 113 
GLU CG  HG2  sing N N 114 
GLU CG  HG3  sing N N 115 
GLU CD  OE1  doub N N 116 
GLU CD  OE2  sing N N 117 
GLU OE2 HE2  sing N N 118 
GLU OXT HXT  sing N N 119 
GLY N   CA   sing N N 120 
GLY N   H    sing N N 121 
GLY N   H2   sing N N 122 
GLY CA  C    sing N N 123 
GLY CA  HA2  sing N N 124 
GLY CA  HA3  sing N N 125 
GLY C   O    doub N N 126 
GLY C   OXT  sing N N 127 
GLY OXT HXT  sing N N 128 
HIS N   CA   sing N N 129 
HIS N   H    sing N N 130 
HIS N   H2   sing N N 131 
HIS CA  C    sing N N 132 
HIS CA  CB   sing N N 133 
HIS CA  HA   sing N N 134 
HIS C   O    doub N N 135 
HIS C   OXT  sing N N 136 
HIS CB  CG   sing N N 137 
HIS CB  HB2  sing N N 138 
HIS CB  HB3  sing N N 139 
HIS CG  ND1  sing Y N 140 
HIS CG  CD2  doub Y N 141 
HIS ND1 CE1  doub Y N 142 
HIS ND1 HD1  sing N N 143 
HIS CD2 NE2  sing Y N 144 
HIS CD2 HD2  sing N N 145 
HIS CE1 NE2  sing Y N 146 
HIS CE1 HE1  sing N N 147 
HIS NE2 HE2  sing N N 148 
HIS OXT HXT  sing N N 149 
HOH O   H1   sing N N 150 
HOH O   H2   sing N N 151 
ILE N   CA   sing N N 152 
ILE N   H    sing N N 153 
ILE N   H2   sing N N 154 
ILE CA  C    sing N N 155 
ILE CA  CB   sing N N 156 
ILE CA  HA   sing N N 157 
ILE C   O    doub N N 158 
ILE C   OXT  sing N N 159 
ILE CB  CG1  sing N N 160 
ILE CB  CG2  sing N N 161 
ILE CB  HB   sing N N 162 
ILE CG1 CD1  sing N N 163 
ILE CG1 HG12 sing N N 164 
ILE CG1 HG13 sing N N 165 
ILE CG2 HG21 sing N N 166 
ILE CG2 HG22 sing N N 167 
ILE CG2 HG23 sing N N 168 
ILE CD1 HD11 sing N N 169 
ILE CD1 HD12 sing N N 170 
ILE CD1 HD13 sing N N 171 
ILE OXT HXT  sing N N 172 
LEU N   CA   sing N N 173 
LEU N   H    sing N N 174 
LEU N   H2   sing N N 175 
LEU CA  C    sing N N 176 
LEU CA  CB   sing N N 177 
LEU CA  HA   sing N N 178 
LEU C   O    doub N N 179 
LEU C   OXT  sing N N 180 
LEU CB  CG   sing N N 181 
LEU CB  HB2  sing N N 182 
LEU CB  HB3  sing N N 183 
LEU CG  CD1  sing N N 184 
LEU CG  CD2  sing N N 185 
LEU CG  HG   sing N N 186 
LEU CD1 HD11 sing N N 187 
LEU CD1 HD12 sing N N 188 
LEU CD1 HD13 sing N N 189 
LEU CD2 HD21 sing N N 190 
LEU CD2 HD22 sing N N 191 
LEU CD2 HD23 sing N N 192 
LEU OXT HXT  sing N N 193 
LYS N   CA   sing N N 194 
LYS N   H    sing N N 195 
LYS N   H2   sing N N 196 
LYS CA  C    sing N N 197 
LYS CA  CB   sing N N 198 
LYS CA  HA   sing N N 199 
LYS C   O    doub N N 200 
LYS C   OXT  sing N N 201 
LYS CB  CG   sing N N 202 
LYS CB  HB2  sing N N 203 
LYS CB  HB3  sing N N 204 
LYS CG  CD   sing N N 205 
LYS CG  HG2  sing N N 206 
LYS CG  HG3  sing N N 207 
LYS CD  CE   sing N N 208 
LYS CD  HD2  sing N N 209 
LYS CD  HD3  sing N N 210 
LYS CE  NZ   sing N N 211 
LYS CE  HE2  sing N N 212 
LYS CE  HE3  sing N N 213 
LYS NZ  HZ1  sing N N 214 
LYS NZ  HZ2  sing N N 215 
LYS NZ  HZ3  sing N N 216 
LYS OXT HXT  sing N N 217 
MSE N   CA   sing N N 218 
MSE N   H    sing N N 219 
MSE N   H2   sing N N 220 
MSE CA  C    sing N N 221 
MSE CA  CB   sing N N 222 
MSE CA  HA   sing N N 223 
MSE C   O    doub N N 224 
MSE C   OXT  sing N N 225 
MSE OXT HXT  sing N N 226 
MSE CB  CG   sing N N 227 
MSE CB  HB2  sing N N 228 
MSE CB  HB3  sing N N 229 
MSE CG  SE   sing N N 230 
MSE CG  HG2  sing N N 231 
MSE CG  HG3  sing N N 232 
MSE SE  CE   sing N N 233 
MSE CE  HE1  sing N N 234 
MSE CE  HE2  sing N N 235 
MSE CE  HE3  sing N N 236 
PHE N   CA   sing N N 237 
PHE N   H    sing N N 238 
PHE N   H2   sing N N 239 
PHE CA  C    sing N N 240 
PHE CA  CB   sing N N 241 
PHE CA  HA   sing N N 242 
PHE C   O    doub N N 243 
PHE C   OXT  sing N N 244 
PHE CB  CG   sing N N 245 
PHE CB  HB2  sing N N 246 
PHE CB  HB3  sing N N 247 
PHE CG  CD1  doub Y N 248 
PHE CG  CD2  sing Y N 249 
PHE CD1 CE1  sing Y N 250 
PHE CD1 HD1  sing N N 251 
PHE CD2 CE2  doub Y N 252 
PHE CD2 HD2  sing N N 253 
PHE CE1 CZ   doub Y N 254 
PHE CE1 HE1  sing N N 255 
PHE CE2 CZ   sing Y N 256 
PHE CE2 HE2  sing N N 257 
PHE CZ  HZ   sing N N 258 
PHE OXT HXT  sing N N 259 
PRO N   CA   sing N N 260 
PRO N   CD   sing N N 261 
PRO N   H    sing N N 262 
PRO CA  C    sing N N 263 
PRO CA  CB   sing N N 264 
PRO CA  HA   sing N N 265 
PRO C   O    doub N N 266 
PRO C   OXT  sing N N 267 
PRO CB  CG   sing N N 268 
PRO CB  HB2  sing N N 269 
PRO CB  HB3  sing N N 270 
PRO CG  CD   sing N N 271 
PRO CG  HG2  sing N N 272 
PRO CG  HG3  sing N N 273 
PRO CD  HD2  sing N N 274 
PRO CD  HD3  sing N N 275 
PRO OXT HXT  sing N N 276 
SER N   CA   sing N N 277 
SER N   H    sing N N 278 
SER N   H2   sing N N 279 
SER CA  C    sing N N 280 
SER CA  CB   sing N N 281 
SER CA  HA   sing N N 282 
SER C   O    doub N N 283 
SER C   OXT  sing N N 284 
SER CB  OG   sing N N 285 
SER CB  HB2  sing N N 286 
SER CB  HB3  sing N N 287 
SER OG  HG   sing N N 288 
SER OXT HXT  sing N N 289 
THR N   CA   sing N N 290 
THR N   H    sing N N 291 
THR N   H2   sing N N 292 
THR CA  C    sing N N 293 
THR CA  CB   sing N N 294 
THR CA  HA   sing N N 295 
THR C   O    doub N N 296 
THR C   OXT  sing N N 297 
THR CB  OG1  sing N N 298 
THR CB  CG2  sing N N 299 
THR CB  HB   sing N N 300 
THR OG1 HG1  sing N N 301 
THR CG2 HG21 sing N N 302 
THR CG2 HG22 sing N N 303 
THR CG2 HG23 sing N N 304 
THR OXT HXT  sing N N 305 
TRP N   CA   sing N N 306 
TRP N   H    sing N N 307 
TRP N   H2   sing N N 308 
TRP CA  C    sing N N 309 
TRP CA  CB   sing N N 310 
TRP CA  HA   sing N N 311 
TRP C   O    doub N N 312 
TRP C   OXT  sing N N 313 
TRP CB  CG   sing N N 314 
TRP CB  HB2  sing N N 315 
TRP CB  HB3  sing N N 316 
TRP CG  CD1  doub Y N 317 
TRP CG  CD2  sing Y N 318 
TRP CD1 NE1  sing Y N 319 
TRP CD1 HD1  sing N N 320 
TRP CD2 CE2  doub Y N 321 
TRP CD2 CE3  sing Y N 322 
TRP NE1 CE2  sing Y N 323 
TRP NE1 HE1  sing N N 324 
TRP CE2 CZ2  sing Y N 325 
TRP CE3 CZ3  doub Y N 326 
TRP CE3 HE3  sing N N 327 
TRP CZ2 CH2  doub Y N 328 
TRP CZ2 HZ2  sing N N 329 
TRP CZ3 CH2  sing Y N 330 
TRP CZ3 HZ3  sing N N 331 
TRP CH2 HH2  sing N N 332 
TRP OXT HXT  sing N N 333 
TYR N   CA   sing N N 334 
TYR N   H    sing N N 335 
TYR N   H2   sing N N 336 
TYR CA  C    sing N N 337 
TYR CA  CB   sing N N 338 
TYR CA  HA   sing N N 339 
TYR C   O    doub N N 340 
TYR C   OXT  sing N N 341 
TYR CB  CG   sing N N 342 
TYR CB  HB2  sing N N 343 
TYR CB  HB3  sing N N 344 
TYR CG  CD1  doub Y N 345 
TYR CG  CD2  sing Y N 346 
TYR CD1 CE1  sing Y N 347 
TYR CD1 HD1  sing N N 348 
TYR CD2 CE2  doub Y N 349 
TYR CD2 HD2  sing N N 350 
TYR CE1 CZ   doub Y N 351 
TYR CE1 HE1  sing N N 352 
TYR CE2 CZ   sing Y N 353 
TYR CE2 HE2  sing N N 354 
TYR CZ  OH   sing N N 355 
TYR OH  HH   sing N N 356 
TYR OXT HXT  sing N N 357 
VAL N   CA   sing N N 358 
VAL N   H    sing N N 359 
VAL N   H2   sing N N 360 
VAL CA  C    sing N N 361 
VAL CA  CB   sing N N 362 
VAL CA  HA   sing N N 363 
VAL C   O    doub N N 364 
VAL C   OXT  sing N N 365 
VAL CB  CG1  sing N N 366 
VAL CB  CG2  sing N N 367 
VAL CB  HB   sing N N 368 
VAL CG1 HG11 sing N N 369 
VAL CG1 HG12 sing N N 370 
VAL CG1 HG13 sing N N 371 
VAL CG2 HG21 sing N N 372 
VAL CG2 HG22 sing N N 373 
VAL CG2 HG23 sing N N 374 
VAL OXT HXT  sing N N 375 
# 
_atom_sites.entry_id                    3HRL 
_atom_sites.fract_transf_matrix[1][1]   0.00326791 
_atom_sites.fract_transf_matrix[1][2]   -0.01868538 
_atom_sites.fract_transf_matrix[1][3]   -0.01078158 
_atom_sites.fract_transf_matrix[2][1]   -0.01069784 
_atom_sites.fract_transf_matrix[2][2]   -0.00386598 
_atom_sites.fract_transf_matrix[2][3]   -0.01861932 
_atom_sites.fract_transf_matrix[3][1]   0.00726108 
_atom_sites.fract_transf_matrix[3][2]   0.00417761 
_atom_sites.fract_transf_matrix[3][3]   -0.00503930 
_atom_sites.fract_transf_vector[1]      0.898904 
_atom_sites.fract_transf_vector[2]      0.489517 
_atom_sites.fract_transf_vector[3]      0.200407 
# 
loop_
_atom_type.symbol 
C  
CL 
N  
O  
S  
SE 
# 
loop_
_atom_site.group_PDB 
_atom_site.id 
_atom_site.type_symbol 
_atom_site.label_atom_id 
_atom_site.label_alt_id 
_atom_site.label_comp_id 
_atom_site.label_asym_id 
_atom_site.label_entity_id 
_atom_site.label_seq_id 
_atom_site.pdbx_PDB_ins_code 
_atom_site.Cartn_x 
_atom_site.Cartn_y 
_atom_site.Cartn_z 
_atom_site.occupancy 
_atom_site.B_iso_or_equiv 
_atom_site.pdbx_formal_charge 
_atom_site.auth_seq_id 
_atom_site.auth_comp_id 
_atom_site.auth_asym_id 
_atom_site.auth_atom_id 
_atom_site.pdbx_PDB_model_num 
ATOM   1   N  N   . ALA A 1 3   ? -11.646 5.498   -12.040 1.00 47.02 ? 0   ALA A N   1 
ATOM   2   C  CA  . ALA A 1 3   ? -11.075 6.365   -10.984 1.00 46.49 ? 0   ALA A CA  1 
ATOM   3   C  C   . ALA A 1 3   ? -10.439 5.440   -9.936  1.00 45.91 ? 0   ALA A C   1 
ATOM   4   O  O   . ALA A 1 3   ? -9.801  4.440   -10.294 1.00 47.36 ? 0   ALA A O   1 
ATOM   5   C  CB  . ALA A 1 3   ? -12.191 7.275   -10.388 1.00 46.20 ? 0   ALA A CB  1 
HETATM 6   N  N   . MSE A 1 4   ? -10.586 5.766   -8.653  1.00 44.57 ? 26  MSE A N   1 
HETATM 7   C  CA  . MSE A 1 4   ? -10.175 4.867   -7.567  1.00 43.06 ? 26  MSE A CA  1 
HETATM 8   C  C   . MSE A 1 4   ? -11.417 4.122   -7.086  1.00 39.52 ? 26  MSE A C   1 
HETATM 9   O  O   . MSE A 1 4   ? -12.492 4.675   -7.091  1.00 39.85 ? 26  MSE A O   1 
HETATM 10  C  CB  . MSE A 1 4   ? -9.575  5.660   -6.405  1.00 44.10 ? 26  MSE A CB  1 
HETATM 11  C  CG  . MSE A 1 4   ? -8.076  5.971   -6.543  1.00 48.01 ? 26  MSE A CG  1 
HETATM 12  SE SE  . MSE A 1 4   ? -7.517  6.821   -4.863  1.00 59.44 ? 26  MSE A SE  1 
HETATM 13  C  CE  . MSE A 1 4   ? -8.717  8.373   -4.920  1.00 50.90 ? 26  MSE A CE  1 
ATOM   14  N  N   . SER A 1 5   ? -11.258 2.865   -6.694  1.00 35.61 ? 27  SER A N   1 
ATOM   15  C  CA  . SER A 1 5   ? -12.341 2.103   -6.091  1.00 32.50 ? 27  SER A CA  1 
ATOM   16  C  C   . SER A 1 5   ? -12.781 2.706   -4.769  1.00 30.09 ? 27  SER A C   1 
ATOM   17  O  O   . SER A 1 5   ? -12.094 3.544   -4.195  1.00 27.18 ? 27  SER A O   1 
ATOM   18  C  CB  . SER A 1 5   ? -11.909 0.649   -5.855  1.00 32.56 ? 27  SER A CB  1 
ATOM   19  O  OG  . SER A 1 5   ? -11.019 0.508   -4.763  1.00 29.43 ? 27  SER A OG  1 
ATOM   20  N  N   . GLU A 1 6   ? -13.927 2.258   -4.276  1.00 28.89 ? 28  GLU A N   1 
ATOM   21  C  CA  . GLU A 1 6   ? -14.375 2.739   -2.998  1.00 27.96 ? 28  GLU A CA  1 
ATOM   22  C  C   . GLU A 1 6   ? -13.290 2.485   -1.930  1.00 26.25 ? 28  GLU A C   1 
ATOM   23  O  O   . GLU A 1 6   ? -12.984 3.378   -1.114  1.00 23.37 ? 28  GLU A O   1 
ATOM   24  C  CB  . GLU A 1 6   ? -15.673 2.041   -2.602  1.00 29.31 ? 28  GLU A CB  1 
ATOM   25  C  CG  . GLU A 1 6   ? -16.200 2.492   -1.255  1.00 33.25 ? 28  GLU A CG  1 
ATOM   26  C  CD  . GLU A 1 6   ? -17.550 1.829   -0.854  1.00 39.09 ? 28  GLU A CD  1 
ATOM   27  O  OE1 . GLU A 1 6   ? -17.901 0.739   -1.401  1.00 41.07 ? 28  GLU A OE1 1 
ATOM   28  O  OE2 . GLU A 1 6   ? -18.233 2.407   0.033   1.00 42.41 ? 28  GLU A OE2 1 
ATOM   29  N  N   . ALA A 1 7   ? -12.713 1.280   -1.930  1.00 24.05 ? 29  ALA A N   1 
ATOM   30  C  CA  . ALA A 1 7   ? -11.733 0.924   -0.891  1.00 23.81 ? 29  ALA A CA  1 
ATOM   31  C  C   . ALA A 1 7   ? -10.451 1.750   -1.026  1.00 23.52 ? 29  ALA A C   1 
ATOM   32  O  O   . ALA A 1 7   ? -9.878  2.224   -0.027  1.00 22.05 ? 29  ALA A O   1 
ATOM   33  C  CB  . ALA A 1 7   ? -11.438 -0.581  -0.941  1.00 22.46 ? 29  ALA A CB  1 
ATOM   34  N  N   . GLU A 1 8   ? -10.005 1.949   -2.260  1.00 23.55 ? 30  GLU A N   1 
ATOM   35  C  CA  . GLU A 1 8   ? -8.834  2.742   -2.498  1.00 24.41 ? 30  GLU A CA  1 
ATOM   36  C  C   . GLU A 1 8   ? -9.042  4.173   -2.042  1.00 22.34 ? 30  GLU A C   1 
ATOM   37  O  O   . GLU A 1 8   ? -8.172  4.725   -1.370  1.00 22.06 ? 30  GLU A O   1 
ATOM   38  C  CB  . GLU A 1 8   ? -8.456  2.742   -3.975  1.00 25.63 ? 30  GLU A CB  1 
ATOM   39  C  CG  . GLU A 1 8   ? -7.830  1.471   -4.443  1.00 30.24 ? 30  GLU A CG  1 
ATOM   40  C  CD  . GLU A 1 8   ? -8.033  1.204   -5.952  1.00 36.88 ? 30  GLU A CD  1 
ATOM   41  O  OE1 . GLU A 1 8   ? -8.580  2.064   -6.692  1.00 38.90 ? 30  GLU A OE1 1 
ATOM   42  O  OE2 . GLU A 1 8   ? -7.631  0.099   -6.386  1.00 44.67 ? 30  GLU A OE2 1 
ATOM   43  N  N   . ALA A 1 9   ? -10.178 4.773   -2.383  1.00 21.77 ? 31  ALA A N   1 
ATOM   44  C  CA  . ALA A 1 9   ? -10.441 6.154   -1.957  1.00 21.61 ? 31  ALA A CA  1 
ATOM   45  C  C   . ALA A 1 9   ? -10.470 6.293   -0.435  1.00 20.59 ? 31  ALA A C   1 
ATOM   46  O  O   . ALA A 1 9   ? -9.959  7.277   0.105   1.00 19.25 ? 31  ALA A O   1 
ATOM   47  C  CB  . ALA A 1 9   ? -11.711 6.695   -2.563  1.00 21.80 ? 31  ALA A CB  1 
ATOM   48  N  N   . LYS A 1 10  ? -11.070 5.323   0.235   1.00 21.19 ? 32  LYS A N   1 
ATOM   49  C  CA  . LYS A 1 10  ? -11.204 5.333   1.712   1.00 21.52 ? 32  LYS A CA  1 
ATOM   50  C  C   . LYS A 1 10  ? -9.813  5.254   2.310   1.00 21.73 ? 32  LYS A C   1 
ATOM   51  O  O   . LYS A 1 10  ? -9.504  5.996   3.208   1.00 21.82 ? 32  LYS A O   1 
ATOM   52  C  CB  . LYS A 1 10  ? -12.107 4.184   2.209   1.00 21.49 ? 32  LYS A CB  1 
ATOM   53  C  CG  . LYS A 1 10  ? -12.478 4.260   3.710   1.00 22.48 ? 32  LYS A CG  1 
ATOM   54  C  CD  . LYS A 1 10  ? -13.464 3.173   4.160   1.00 25.43 ? 32  LYS A CD  1 
ATOM   55  C  CE  . LYS A 1 10  ? -14.265 3.555   5.472   1.00 25.81 ? 32  LYS A CE  1 
ATOM   56  N  NZ  . LYS A 1 10  ? -13.399 3.482   6.745   1.00 22.20 ? 32  LYS A NZ  1 
ATOM   57  N  N   . LEU A 1 11  ? -8.958  4.386   1.788   1.00 21.50 ? 33  LEU A N   1 
ATOM   58  C  CA  . LEU A 1 11  ? -7.598  4.273   2.295   1.00 22.38 ? 33  LEU A CA  1 
ATOM   59  C  C   . LEU A 1 11  ? -6.728  5.511   1.987   1.00 22.02 ? 33  LEU A C   1 
ATOM   60  O  O   . LEU A 1 11  ? -5.945  5.944   2.840   1.00 21.37 ? 33  LEU A O   1 
ATOM   61  C  CB  . LEU A 1 11  ? -6.909  3.026   1.749   1.00 22.52 ? 33  LEU A CB  1 
ATOM   62  C  CG  . LEU A 1 11  ? -5.577  2.623   2.349   1.00 26.48 ? 33  LEU A CG  1 
ATOM   63  C  CD1 . LEU A 1 11  ? -5.655  2.554   3.890   1.00 27.04 ? 33  LEU A CD1 1 
ATOM   64  C  CD2 . LEU A 1 11  ? -5.121  1.294   1.767   1.00 26.95 ? 33  LEU A CD2 1 
ATOM   65  N  N   . TRP A 1 12  ? -6.902  6.105   0.806   1.00 19.12 ? 34  TRP A N   1 
ATOM   66  C  CA  . TRP A 1 12  ? -6.073  7.312   0.431   1.00 19.98 ? 34  TRP A CA  1 
ATOM   67  C  C   . TRP A 1 12  ? -6.284  8.458   1.427   1.00 19.47 ? 34  TRP A C   1 
ATOM   68  O  O   . TRP A 1 12  ? -5.365  9.207   1.672   1.00 19.33 ? 34  TRP A O   1 
ATOM   69  C  CB  . TRP A 1 12  ? -6.440  7.759   -0.984  1.00 18.85 ? 34  TRP A CB  1 
ATOM   70  C  CG  . TRP A 1 12  ? -5.694  8.899   -1.515  1.00 19.34 ? 34  TRP A CG  1 
ATOM   71  C  CD1 . TRP A 1 12  ? -6.213  9.984   -2.145  1.00 20.38 ? 34  TRP A CD1 1 
ATOM   72  C  CD2 . TRP A 1 12  ? -4.284  9.056   -1.534  1.00 18.74 ? 34  TRP A CD2 1 
ATOM   73  N  NE1 . TRP A 1 12  ? -5.197  10.819  -2.563  1.00 19.01 ? 34  TRP A NE1 1 
ATOM   74  C  CE2 . TRP A 1 12  ? -4.008  10.289  -2.166  1.00 22.73 ? 34  TRP A CE2 1 
ATOM   75  C  CE3 . TRP A 1 12  ? -3.218  8.309   -1.008  1.00 21.19 ? 34  TRP A CE3 1 
ATOM   76  C  CZ2 . TRP A 1 12  ? -2.729  10.752  -2.366  1.00 23.81 ? 34  TRP A CZ2 1 
ATOM   77  C  CZ3 . TRP A 1 12  ? -1.937  8.780   -1.212  1.00 19.93 ? 34  TRP A CZ3 1 
ATOM   78  C  CH2 . TRP A 1 12  ? -1.711  9.994   -1.870  1.00 22.61 ? 34  TRP A CH2 1 
ATOM   79  N  N   . GLN A 1 13  ? -7.475  8.594   2.042   1.00 19.35 ? 35  GLN A N   1 
ATOM   80  C  CA  . GLN A 1 13  ? -7.671  9.704   3.024   1.00 19.20 ? 35  GLN A CA  1 
ATOM   81  C  C   . GLN A 1 13  ? -6.746  9.570   4.157   1.00 18.85 ? 35  GLN A C   1 
ATOM   82  O  O   . GLN A 1 13  ? -6.352  10.562  4.789   1.00 19.70 ? 35  GLN A O   1 
ATOM   83  C  CB  . GLN A 1 13  ? -9.078  9.772   3.696   1.00 20.62 ? 35  GLN A CB  1 
ATOM   84  C  CG  . GLN A 1 13  ? -10.217 9.247   2.982   1.00 24.62 ? 35  GLN A CG  1 
ATOM   85  C  CD  . GLN A 1 13  ? -11.445 9.088   3.898   1.00 22.37 ? 35  GLN A CD  1 
ATOM   86  O  OE1 . GLN A 1 13  ? -11.829 7.960   4.329   1.00 20.33 ? 35  GLN A OE1 1 
ATOM   87  N  NE2 . GLN A 1 13  ? -12.094 10.194  4.136   1.00 17.25 ? 35  GLN A NE2 1 
ATOM   88  N  N   . HIS A 1 14  ? -6.446  8.324   4.526   1.00 18.73 ? 36  HIS A N   1 
ATOM   89  C  CA  . HIS A 1 14  ? -5.564  8.077   5.655   1.00 17.94 ? 36  HIS A CA  1 
ATOM   90  C  C   . HIS A 1 14  ? -4.102  8.105   5.305   1.00 17.95 ? 36  HIS A C   1 
ATOM   91  O  O   . HIS A 1 14  ? -3.261  8.348   6.159   1.00 19.40 ? 36  HIS A O   1 
ATOM   92  C  CB  . HIS A 1 14  ? -5.911  6.737   6.288   1.00 17.75 ? 36  HIS A CB  1 
ATOM   93  C  CG  . HIS A 1 14  ? -7.315  6.692   6.819   1.00 17.22 ? 36  HIS A CG  1 
ATOM   94  N  ND1 . HIS A 1 14  ? -7.647  7.235   8.041   1.00 14.76 ? 36  HIS A ND1 1 
ATOM   95  C  CD2 . HIS A 1 14  ? -8.472  6.239   6.277   1.00 18.42 ? 36  HIS A CD2 1 
ATOM   96  C  CE1 . HIS A 1 14  ? -8.944  7.064   8.264   1.00 16.36 ? 36  HIS A CE1 1 
ATOM   97  N  NE2 . HIS A 1 14  ? -9.473  6.463   7.217   1.00 17.36 ? 36  HIS A NE2 1 
ATOM   98  N  N   . LEU A 1 15  ? -3.767  7.795   4.064   1.00 18.34 ? 37  LEU A N   1 
ATOM   99  C  CA  . LEU A 1 15  ? -2.340  7.746   3.667   1.00 18.38 ? 37  LEU A CA  1 
ATOM   100 C  C   . LEU A 1 15  ? -1.772  9.014   3.021   1.00 18.14 ? 37  LEU A C   1 
ATOM   101 O  O   . LEU A 1 15  ? -0.571  9.201   3.027   1.00 18.83 ? 37  LEU A O   1 
ATOM   102 C  CB  . LEU A 1 15  ? -2.124  6.529   2.746   1.00 18.40 ? 37  LEU A CB  1 
ATOM   103 C  CG  . LEU A 1 15  ? -2.482  5.146   3.257   1.00 20.97 ? 37  LEU A CG  1 
ATOM   104 C  CD1 . LEU A 1 15  ? -2.111  4.043   2.236   1.00 23.02 ? 37  LEU A CD1 1 
ATOM   105 C  CD2 . LEU A 1 15  ? -1.779  4.894   4.605   1.00 23.80 ? 37  LEU A CD2 1 
ATOM   106 N  N   . ARG A 1 16  ? -2.630  9.875   2.469   1.00 18.61 ? 38  ARG A N   1 
ATOM   107 C  CA  . ARG A 1 16  ? -2.218  11.075  1.793   1.00 19.87 ? 38  ARG A CA  1 
ATOM   108 C  C   . ARG A 1 16  ? -1.662  12.066  2.834   1.00 20.75 ? 38  ARG A C   1 
ATOM   109 O  O   . ARG A 1 16  ? -1.954  11.998  4.041   1.00 19.96 ? 38  ARG A O   1 
ATOM   110 C  CB  . ARG A 1 16  ? -3.399  11.658  0.987   1.00 20.91 ? 38  ARG A CB  1 
ATOM   111 C  CG  . ARG A 1 16  ? -4.421  12.384  1.841   1.00 20.57 ? 38  ARG A CG  1 
ATOM   112 C  CD  . ARG A 1 16  ? -5.658  12.732  1.042   1.00 24.75 ? 38  ARG A CD  1 
ATOM   113 N  NE  . ARG A 1 16  ? -5.299  13.728  0.044   1.00 27.32 ? 38  ARG A NE  1 
ATOM   114 C  CZ  . ARG A 1 16  ? -6.065  14.069  -0.988  1.00 35.58 ? 38  ARG A CZ  1 
ATOM   115 N  NH1 . ARG A 1 16  ? -5.634  15.002  -1.837  1.00 36.85 ? 38  ARG A NH1 1 
ATOM   116 N  NH2 . ARG A 1 16  ? -7.248  13.487  -1.202  1.00 34.50 ? 38  ARG A NH2 1 
ATOM   117 N  N   . ALA A 1 17  ? -0.851  12.984  2.338   1.00 21.06 ? 39  ALA A N   1 
ATOM   118 C  CA  . ALA A 1 17  ? -0.479  14.205  3.076   1.00 21.74 ? 39  ALA A CA  1 
ATOM   119 C  C   . ALA A 1 17  ? 0.285   13.851  4.356   1.00 21.86 ? 39  ALA A C   1 
ATOM   120 O  O   . ALA A 1 17  ? 0.249   14.580  5.346   1.00 21.17 ? 39  ALA A O   1 
ATOM   121 C  CB  . ALA A 1 17  ? -1.706  15.043  3.367   1.00 21.55 ? 39  ALA A CB  1 
ATOM   122 N  N   . GLY A 1 18  ? 0.978   12.709  4.346   1.00 21.37 ? 40  GLY A N   1 
ATOM   123 C  CA  . GLY A 1 18  ? 1.760   12.289  5.511   1.00 20.65 ? 40  GLY A CA  1 
ATOM   124 C  C   . GLY A 1 18  ? 0.908   12.035  6.736   1.00 20.43 ? 40  GLY A C   1 
ATOM   125 O  O   . GLY A 1 18  ? 1.410   12.107  7.883   1.00 19.34 ? 40  GLY A O   1 
ATOM   126 N  N   . ARG A 1 19  ? -0.373  11.748  6.533   1.00 18.99 ? 41  ARG A N   1 
ATOM   127 C  CA  . ARG A 1 19  ? -1.267  11.582  7.688   1.00 18.48 ? 41  ARG A CA  1 
ATOM   128 C  C   . ARG A 1 19  ? -0.981  10.369  8.570   1.00 18.48 ? 41  ARG A C   1 
ATOM   129 O  O   . ARG A 1 19  ? -1.257  10.417  9.770   1.00 17.37 ? 41  ARG A O   1 
ATOM   130 C  CB  . ARG A 1 19  ? -2.734  11.575  7.296   1.00 18.38 ? 41  ARG A CB  1 
ATOM   131 C  CG  . ARG A 1 19  ? -3.199  12.952  6.791   1.00 17.82 ? 41  ARG A CG  1 
ATOM   132 C  CD  . ARG A 1 19  ? -4.460  12.808  5.995   1.00 17.56 ? 41  ARG A CD  1 
ATOM   133 N  NE  . ARG A 1 19  ? -4.976  14.121  5.637   1.00 19.54 ? 41  ARG A NE  1 
ATOM   134 C  CZ  . ARG A 1 19  ? -6.107  14.341  4.960   1.00 22.46 ? 41  ARG A CZ  1 
ATOM   135 N  NH1 . ARG A 1 19  ? -6.863  13.340  4.505   1.00 18.46 ? 41  ARG A NH1 1 
ATOM   136 N  NH2 . ARG A 1 19  ? -6.472  15.590  4.725   1.00 21.96 ? 41  ARG A NH2 1 
ATOM   137 N  N   . LEU A 1 20  ? -0.417  9.302   8.018   1.00 19.10 ? 42  LEU A N   1 
ATOM   138 C  CA  . LEU A 1 20  ? -0.141  8.125   8.819   1.00 19.37 ? 42  LEU A CA  1 
ATOM   139 C  C   . LEU A 1 20  ? 1.254   8.287   9.368   1.00 20.41 ? 42  LEU A C   1 
ATOM   140 O  O   . LEU A 1 20  ? 2.235   7.900   8.739   1.00 20.38 ? 42  LEU A O   1 
ATOM   141 C  CB  . LEU A 1 20  ? -0.263  6.843   8.012   1.00 20.10 ? 42  LEU A CB  1 
ATOM   142 C  CG  . LEU A 1 20  ? -0.240  5.582   8.851   1.00 20.42 ? 42  LEU A CG  1 
ATOM   143 C  CD1 . LEU A 1 20  ? -1.495  5.432   9.731   1.00 22.35 ? 42  LEU A CD1 1 
ATOM   144 C  CD2 . LEU A 1 20  ? -0.082  4.343   7.946   1.00 20.71 ? 42  LEU A CD2 1 
ATOM   145 N  N   . ASN A 1 21  ? 1.351   8.936   10.517  1.00 21.01 ? 43  ASN A N   1 
ATOM   146 C  CA  . ASN A 1 21  ? 2.631   9.122   11.206  1.00 21.78 ? 43  ASN A CA  1 
ATOM   147 C  C   . ASN A 1 21  ? 3.779   9.748   10.374  1.00 21.66 ? 43  ASN A C   1 
ATOM   148 O  O   . ASN A 1 21  ? 4.939   9.486   10.653  1.00 21.07 ? 43  ASN A O   1 
ATOM   149 C  CB  . ASN A 1 21  ? 3.136   7.805   11.823  1.00 22.52 ? 43  ASN A CB  1 
ATOM   150 C  CG  . ASN A 1 21  ? 2.418   7.423   13.124  1.00 26.92 ? 43  ASN A CG  1 
ATOM   151 O  OD1 . ASN A 1 21  ? 1.222   7.576   13.266  1.00 32.55 ? 43  ASN A OD1 1 
ATOM   152 N  ND2 . ASN A 1 21  ? 3.164   6.897   14.053  1.00 28.40 ? 43  ASN A ND2 1 
ATOM   153 N  N   . GLY A 1 22  ? 3.462   10.619  9.417   1.00 21.71 ? 44  GLY A N   1 
ATOM   154 C  CA  . GLY A 1 22  ? 4.474   11.315  8.619   1.00 21.95 ? 44  GLY A CA  1 
ATOM   155 C  C   . GLY A 1 22  ? 5.006   10.604  7.425   1.00 22.43 ? 44  GLY A C   1 
ATOM   156 O  O   . GLY A 1 22  ? 5.751   11.178  6.620   1.00 20.74 ? 44  GLY A O   1 
ATOM   157 N  N   . TYR A 1 23  ? 4.651   9.325   7.281   1.00 21.50 ? 45  TYR A N   1 
ATOM   158 C  CA  . TYR A 1 23  ? 5.152   8.562   6.143   1.00 22.09 ? 45  TYR A CA  1 
ATOM   159 C  C   . TYR A 1 23  ? 4.495   9.061   4.851   1.00 22.55 ? 45  TYR A C   1 
ATOM   160 O  O   . TYR A 1 23  ? 3.283   9.272   4.820   1.00 22.22 ? 45  TYR A O   1 
ATOM   161 C  CB  . TYR A 1 23  ? 4.888   7.064   6.342   1.00 21.53 ? 45  TYR A CB  1 
ATOM   162 C  CG  . TYR A 1 23  ? 5.685   6.487   7.484   1.00 21.71 ? 45  TYR A CG  1 
ATOM   163 C  CD1 . TYR A 1 23  ? 7.023   6.119   7.308   1.00 22.40 ? 45  TYR A CD1 1 
ATOM   164 C  CD2 . TYR A 1 23  ? 5.096   6.271   8.733   1.00 18.93 ? 45  TYR A CD2 1 
ATOM   165 C  CE1 . TYR A 1 23  ? 7.751   5.593   8.334   1.00 24.59 ? 45  TYR A CE1 1 
ATOM   166 C  CE2 . TYR A 1 23  ? 5.811   5.737   9.762   1.00 22.22 ? 45  TYR A CE2 1 
ATOM   167 C  CZ  . TYR A 1 23  ? 7.149   5.400   9.559   1.00 25.30 ? 45  TYR A CZ  1 
ATOM   168 O  OH  . TYR A 1 23  ? 7.892   4.881   10.603  1.00 27.56 ? 45  TYR A OH  1 
ATOM   169 N  N   . LYS A 1 24  ? 5.304   9.273   3.810   1.00 22.18 ? 46  LYS A N   1 
ATOM   170 C  CA  . LYS A 1 24  ? 4.809   9.844   2.584   1.00 22.38 ? 46  LYS A CA  1 
ATOM   171 C  C   . LYS A 1 24  ? 4.455   8.745   1.593   1.00 22.56 ? 46  LYS A C   1 
ATOM   172 O  O   . LYS A 1 24  ? 5.317   7.971   1.138   1.00 23.56 ? 46  LYS A O   1 
ATOM   173 C  CB  . LYS A 1 24  ? 5.834   10.828  2.004   1.00 23.68 ? 46  LYS A CB  1 
ATOM   174 C  CG  . LYS A 1 24  ? 5.995   12.045  2.888   1.00 28.37 ? 46  LYS A CG  1 
ATOM   175 C  CD  . LYS A 1 24  ? 7.059   12.977  2.350   1.00 35.42 ? 46  LYS A CD  1 
ATOM   176 C  CE  . LYS A 1 24  ? 7.200   14.274  3.182   1.00 38.27 ? 46  LYS A CE  1 
ATOM   177 N  NZ  . LYS A 1 24  ? 8.273   15.016  2.487   1.00 39.61 ? 46  LYS A NZ  1 
ATOM   178 N  N   . PHE A 1 25  ? 3.185   8.693   1.244   1.00 20.66 ? 47  PHE A N   1 
ATOM   179 C  CA  . PHE A 1 25  ? 2.675   7.794   0.227   1.00 20.29 ? 47  PHE A CA  1 
ATOM   180 C  C   . PHE A 1 25  ? 2.235   8.580   -0.976  1.00 21.95 ? 47  PHE A C   1 
ATOM   181 O  O   . PHE A 1 25  ? 1.703   9.689   -0.840  1.00 22.34 ? 47  PHE A O   1 
ATOM   182 C  CB  . PHE A 1 25  ? 1.474   7.053   0.755   1.00 19.40 ? 47  PHE A CB  1 
ATOM   183 C  CG  . PHE A 1 25  ? 1.813   5.913   1.617   1.00 19.60 ? 47  PHE A CG  1 
ATOM   184 C  CD1 . PHE A 1 25  ? 1.972   4.638   1.074   1.00 20.48 ? 47  PHE A CD1 1 
ATOM   185 C  CD2 . PHE A 1 25  ? 1.913   6.085   2.997   1.00 20.68 ? 47  PHE A CD2 1 
ATOM   186 C  CE1 . PHE A 1 25  ? 2.228   3.551   1.886   1.00 20.15 ? 47  PHE A CE1 1 
ATOM   187 C  CE2 . PHE A 1 25  ? 2.210   5.021   3.815   1.00 20.13 ? 47  PHE A CE2 1 
ATOM   188 C  CZ  . PHE A 1 25  ? 2.367   3.742   3.276   1.00 19.32 ? 47  PHE A CZ  1 
ATOM   189 N  N   . ARG A 1 26  ? 2.417   7.994   -2.148  1.00 20.99 ? 48  ARG A N   1 
ATOM   190 C  CA  . ARG A 1 26  ? 1.792   8.477   -3.361  1.00 20.87 ? 48  ARG A CA  1 
ATOM   191 C  C   . ARG A 1 26  ? 0.901   7.400   -3.945  1.00 20.61 ? 48  ARG A C   1 
ATOM   192 O  O   . ARG A 1 26  ? 1.089   6.221   -3.670  1.00 21.92 ? 48  ARG A O   1 
ATOM   193 C  CB  . ARG A 1 26  ? 2.843   8.934   -4.368  1.00 21.46 ? 48  ARG A CB  1 
ATOM   194 C  CG  . ARG A 1 26  ? 3.638   10.136  -3.838  1.00 24.17 ? 48  ARG A CG  1 
ATOM   195 C  CD  . ARG A 1 26  ? 4.811   10.458  -4.740  1.00 32.93 ? 48  ARG A CD  1 
ATOM   196 N  NE  . ARG A 1 26  ? 4.326   10.938  -6.007  1.00 37.90 ? 48  ARG A NE  1 
ATOM   197 C  CZ  . ARG A 1 26  ? 5.097   11.014  -7.103  1.00 44.56 ? 48  ARG A CZ  1 
ATOM   198 N  NH1 . ARG A 1 26  ? 4.555   11.463  -8.220  1.00 44.75 ? 48  ARG A NH1 1 
ATOM   199 N  NH2 . ARG A 1 26  ? 6.392   10.622  -7.092  1.00 43.66 ? 48  ARG A NH2 1 
ATOM   200 N  N   . ARG A 1 27  ? -0.093  7.796   -4.736  1.00 19.89 ? 49  ARG A N   1 
ATOM   201 C  CA  . ARG A 1 27  ? -1.022  6.815   -5.307  1.00 21.01 ? 49  ARG A CA  1 
ATOM   202 C  C   . ARG A 1 27  ? -0.821  6.595   -6.780  1.00 20.92 ? 49  ARG A C   1 
ATOM   203 O  O   . ARG A 1 27  ? -0.295  7.489   -7.465  1.00 21.14 ? 49  ARG A O   1 
ATOM   204 C  CB  . ARG A 1 27  ? -2.475  7.224   -5.023  1.00 22.02 ? 49  ARG A CB  1 
ATOM   205 C  CG  . ARG A 1 27  ? -2.910  8.399   -5.661  1.00 25.21 ? 49  ARG A CG  1 
ATOM   206 C  CD  . ARG A 1 27  ? -4.378  8.498   -5.441  1.00 34.43 ? 49  ARG A CD  1 
ATOM   207 N  NE  . ARG A 1 27  ? -4.735  9.822   -5.895  1.00 40.23 ? 49  ARG A NE  1 
ATOM   208 C  CZ  . ARG A 1 27  ? -5.345  10.064  -7.041  1.00 47.85 ? 49  ARG A CZ  1 
ATOM   209 N  NH1 . ARG A 1 27  ? -5.684  9.059   -7.872  1.00 49.01 ? 49  ARG A NH1 1 
ATOM   210 N  NH2 . ARG A 1 27  ? -5.644  11.327  -7.338  1.00 51.45 ? 49  ARG A NH2 1 
ATOM   211 N  N   . GLN A 1 28  ? -1.236  5.408   -7.246  1.00 21.33 ? 50  GLN A N   1 
ATOM   212 C  CA  . GLN A 1 28  ? -1.254  5.049   -8.669  1.00 21.22 ? 50  GLN A CA  1 
ATOM   213 C  C   . GLN A 1 28  ? 0.103   5.386   -9.319  1.00 20.72 ? 50  GLN A C   1 
ATOM   214 O  O   . GLN A 1 28  ? 0.197   6.081   -10.321 1.00 19.71 ? 50  GLN A O   1 
ATOM   215 C  CB  . GLN A 1 28  ? -2.430  5.711   -9.373  1.00 23.25 ? 50  GLN A CB  1 
ATOM   216 C  CG  . GLN A 1 28  ? -3.743  5.219   -8.832  1.00 26.75 ? 50  GLN A CG  1 
ATOM   217 C  CD  . GLN A 1 28  ? -4.934  5.955   -9.359  1.00 35.77 ? 50  GLN A CD  1 
ATOM   218 O  OE1 . GLN A 1 28  ? -4.873  7.166   -9.616  1.00 42.85 ? 50  GLN A OE1 1 
ATOM   219 N  NE2 . GLN A 1 28  ? -6.052  5.238   -9.516  1.00 36.69 ? 50  GLN A NE2 1 
ATOM   220 N  N   . GLN A 1 29  ? 1.147   4.813   -8.748  1.00 20.29 ? 51  GLN A N   1 
ATOM   221 C  CA  . GLN A 1 29  ? 2.531   5.076   -9.183  1.00 20.25 ? 51  GLN A CA  1 
ATOM   222 C  C   . GLN A 1 29  ? 3.015   4.048   -10.189 1.00 19.33 ? 51  GLN A C   1 
ATOM   223 O  O   . GLN A 1 29  ? 2.988   2.857   -9.881  1.00 19.73 ? 51  GLN A O   1 
ATOM   224 C  CB  . GLN A 1 29  ? 3.442   5.041   -7.961  1.00 21.26 ? 51  GLN A CB  1 
ATOM   225 C  CG  . GLN A 1 29  ? 3.192   6.273   -7.023  1.00 20.16 ? 51  GLN A CG  1 
ATOM   226 C  CD  . GLN A 1 29  ? 3.496   7.552   -7.718  1.00 23.40 ? 51  GLN A CD  1 
ATOM   227 O  OE1 . GLN A 1 29  ? 4.644   7.815   -8.078  1.00 26.09 ? 51  GLN A OE1 1 
ATOM   228 N  NE2 . GLN A 1 29  ? 2.443   8.362   -7.988  1.00 22.09 ? 51  GLN A NE2 1 
ATOM   229 N  N   . PRO A 1 30  ? 3.458   4.506   -11.366 1.00 19.55 ? 52  PRO A N   1 
ATOM   230 C  CA  . PRO A 1 30  ? 4.030   3.584   -12.343 1.00 20.33 ? 52  PRO A CA  1 
ATOM   231 C  C   . PRO A 1 30  ? 5.367   2.996   -11.850 1.00 20.51 ? 52  PRO A C   1 
ATOM   232 O  O   . PRO A 1 30  ? 6.218   3.757   -11.298 1.00 17.90 ? 52  PRO A O   1 
ATOM   233 C  CB  . PRO A 1 30  ? 4.283   4.458   -13.551 1.00 21.63 ? 52  PRO A CB  1 
ATOM   234 C  CG  . PRO A 1 30  ? 3.503   5.727   -13.340 1.00 20.35 ? 52  PRO A CG  1 
ATOM   235 C  CD  . PRO A 1 30  ? 3.324   5.870   -11.884 1.00 20.90 ? 52  PRO A CD  1 
HETATM 236 N  N   . MSE A 1 31  ? 5.546   1.695   -12.022 1.00 19.06 ? 53  MSE A N   1 
HETATM 237 C  CA  . MSE A 1 31  ? 6.832   1.020   -11.775 1.00 20.47 ? 53  MSE A CA  1 
HETATM 238 C  C   . MSE A 1 31  ? 6.992   -0.093  -12.820 1.00 19.85 ? 53  MSE A C   1 
HETATM 239 O  O   . MSE A 1 31  ? 6.307   -1.126  -12.756 1.00 20.63 ? 53  MSE A O   1 
HETATM 240 C  CB  . MSE A 1 31  ? 6.924   0.417   -10.376 1.00 21.89 ? 53  MSE A CB  1 
HETATM 241 C  CG  . MSE A 1 31  ? 6.601   1.294   -9.227  1.00 28.53 ? 53  MSE A CG  1 
HETATM 242 SE SE  . MSE A 1 31  ? 8.074   2.668   -9.015  1.00 44.03 ? 53  MSE A SE  1 
HETATM 243 C  CE  . MSE A 1 31  ? 9.412   1.685   -7.916  1.00 34.27 ? 53  MSE A CE  1 
ATOM   244 N  N   . GLY A 1 32  ? 7.852   0.136   -13.798 1.00 19.82 ? 54  GLY A N   1 
ATOM   245 C  CA  . GLY A 1 32  ? 8.041   -0.807  -14.937 1.00 20.56 ? 54  GLY A CA  1 
ATOM   246 C  C   . GLY A 1 32  ? 6.719   -1.001  -15.689 1.00 21.52 ? 54  GLY A C   1 
ATOM   247 O  O   . GLY A 1 32  ? 6.075   -0.013  -16.091 1.00 21.61 ? 54  GLY A O   1 
ATOM   248 N  N   . ASN A 1 33  ? 6.329   -2.261  -15.860 1.00 21.39 ? 55  ASN A N   1 
ATOM   249 C  CA  . ASN A 1 33  ? 5.061   -2.614  -16.494 1.00 22.84 ? 55  ASN A CA  1 
ATOM   250 C  C   . ASN A 1 33  ? 3.829   -2.307  -15.665 1.00 22.84 ? 55  ASN A C   1 
ATOM   251 O  O   . ASN A 1 33  ? 2.708   -2.506  -16.166 1.00 22.62 ? 55  ASN A O   1 
ATOM   252 C  CB  . ASN A 1 33  ? 4.962   -4.137  -16.733 1.00 24.84 ? 55  ASN A CB  1 
ATOM   253 C  CG  . ASN A 1 33  ? 5.930   -4.646  -17.726 1.00 27.29 ? 55  ASN A CG  1 
ATOM   254 O  OD1 . ASN A 1 33  ? 6.665   -3.890  -18.373 1.00 30.03 ? 55  ASN A OD1 1 
ATOM   255 N  ND2 . ASN A 1 33  ? 5.931   -5.989  -17.892 1.00 33.34 ? 55  ASN A ND2 1 
ATOM   256 N  N   . TYR A 1 34  ? 3.977   -1.847  -14.414 1.00 20.29 ? 56  TYR A N   1 
ATOM   257 C  CA  . TYR A 1 34  ? 2.887   -1.891  -13.459 1.00 19.87 ? 56  TYR A CA  1 
ATOM   258 C  C   . TYR A 1 34  ? 2.542   -0.520  -12.953 1.00 20.92 ? 56  TYR A C   1 
ATOM   259 O  O   . TYR A 1 34  ? 3.324   0.431   -13.162 1.00 19.00 ? 56  TYR A O   1 
ATOM   260 C  CB  . TYR A 1 34  ? 3.250   -2.826  -12.283 1.00 20.95 ? 56  TYR A CB  1 
ATOM   261 C  CG  . TYR A 1 34  ? 3.717   -4.181  -12.752 1.00 21.13 ? 56  TYR A CG  1 
ATOM   262 C  CD1 . TYR A 1 34  ? 2.846   -5.059  -13.355 1.00 22.17 ? 56  TYR A CD1 1 
ATOM   263 C  CD2 . TYR A 1 34  ? 5.037   -4.602  -12.574 1.00 23.34 ? 56  TYR A CD2 1 
ATOM   264 C  CE1 . TYR A 1 34  ? 3.311   -6.322  -13.830 1.00 21.92 ? 56  TYR A CE1 1 
ATOM   265 C  CE2 . TYR A 1 34  ? 5.458   -5.853  -12.993 1.00 21.14 ? 56  TYR A CE2 1 
ATOM   266 C  CZ  . TYR A 1 34  ? 4.576   -6.706  -13.598 1.00 22.91 ? 56  TYR A CZ  1 
ATOM   267 O  OH  . TYR A 1 34  ? 5.035   -7.924  -14.051 1.00 24.13 ? 56  TYR A OH  1 
ATOM   268 N  N   . ILE A 1 35  ? 1.342   -0.407  -12.372 1.00 20.45 ? 57  ILE A N   1 
ATOM   269 C  CA  . ILE A 1 35  ? 0.901   0.787   -11.631 1.00 22.11 ? 57  ILE A CA  1 
ATOM   270 C  C   . ILE A 1 35  ? 0.483   0.316   -10.241 1.00 23.08 ? 57  ILE A C   1 
ATOM   271 O  O   . ILE A 1 35  ? -0.389  -0.584  -10.112 1.00 22.98 ? 57  ILE A O   1 
ATOM   272 C  CB  . ILE A 1 35  ? -0.262  1.531   -12.325 1.00 22.39 ? 57  ILE A CB  1 
ATOM   273 C  CG1 . ILE A 1 35  ? 0.182   2.004   -13.727 1.00 24.74 ? 57  ILE A CG1 1 
ATOM   274 C  CG2 . ILE A 1 35  ? -0.773  2.689   -11.425 1.00 23.20 ? 57  ILE A CG2 1 
ATOM   275 C  CD1 . ILE A 1 35  ? -0.918  2.661   -14.557 1.00 29.45 ? 57  ILE A CD1 1 
ATOM   276 N  N   . VAL A 1 36  ? 1.100   0.833   -9.188  1.00 23.10 ? 58  VAL A N   1 
ATOM   277 C  CA  . VAL A 1 36  ? 0.778   0.337   -7.855  1.00 22.21 ? 58  VAL A CA  1 
ATOM   278 C  C   . VAL A 1 36  ? -0.183  1.303   -7.116  1.00 22.68 ? 58  VAL A C   1 
ATOM   279 O  O   . VAL A 1 36  ? -0.105  2.519   -7.306  1.00 20.87 ? 58  VAL A O   1 
ATOM   280 C  CB  . VAL A 1 36  ? 2.056   0.014   -7.050  1.00 23.41 ? 58  VAL A CB  1 
ATOM   281 C  CG1 . VAL A 1 36  ? 2.932   -1.013  -7.846  1.00 25.70 ? 58  VAL A CG1 1 
ATOM   282 C  CG2 . VAL A 1 36  ? 2.814   1.217   -6.766  1.00 23.03 ? 58  VAL A CG2 1 
ATOM   283 N  N   . ASP A 1 37  ? -1.101  0.756   -6.310  1.00 21.71 ? 59  ASP A N   1 
ATOM   284 C  CA  . ASP A 1 37  ? -2.162  1.578   -5.693  1.00 22.55 ? 59  ASP A CA  1 
ATOM   285 C  C   . ASP A 1 37  ? -1.567  2.663   -4.831  1.00 21.04 ? 59  ASP A C   1 
ATOM   286 O  O   . ASP A 1 37  ? -1.912  3.798   -4.986  1.00 22.54 ? 59  ASP A O   1 
ATOM   287 C  CB  . ASP A 1 37  ? -3.150  0.771   -4.803  1.00 21.59 ? 59  ASP A CB  1 
ATOM   288 C  CG  . ASP A 1 37  ? -3.972  -0.283  -5.566  1.00 29.86 ? 59  ASP A CG  1 
ATOM   289 O  OD1 . ASP A 1 37  ? -3.982  -0.285  -6.828  1.00 32.83 ? 59  ASP A OD1 1 
ATOM   290 O  OD2 . ASP A 1 37  ? -4.631  -1.130  -4.891  1.00 30.94 ? 59  ASP A OD2 1 
ATOM   291 N  N   . PHE A 1 38  ? -0.704  2.296   -3.886  1.00 21.83 ? 60  PHE A N   1 
ATOM   292 C  CA  . PHE A 1 38  ? -0.074  3.236   -2.943  1.00 20.92 ? 60  PHE A CA  1 
ATOM   293 C  C   . PHE A 1 38  ? 1.403   2.826   -2.738  1.00 21.40 ? 60  PHE A C   1 
ATOM   294 O  O   . PHE A 1 38  ? 1.693   1.639   -2.657  1.00 21.38 ? 60  PHE A O   1 
ATOM   295 C  CB  . PHE A 1 38  ? -0.776  3.183   -1.601  1.00 20.99 ? 60  PHE A CB  1 
ATOM   296 C  CG  . PHE A 1 38  ? -2.224  3.500   -1.702  1.00 21.63 ? 60  PHE A CG  1 
ATOM   297 C  CD1 . PHE A 1 38  ? -2.627  4.797   -1.965  1.00 21.90 ? 60  PHE A CD1 1 
ATOM   298 C  CD2 . PHE A 1 38  ? -3.166  2.532   -1.555  1.00 23.16 ? 60  PHE A CD2 1 
ATOM   299 C  CE1 . PHE A 1 38  ? -3.976  5.126   -2.099  1.00 24.36 ? 60  PHE A CE1 1 
ATOM   300 C  CE2 . PHE A 1 38  ? -4.521  2.851   -1.674  1.00 21.64 ? 60  PHE A CE2 1 
ATOM   301 C  CZ  . PHE A 1 38  ? -4.924  4.152   -1.946  1.00 21.27 ? 60  PHE A CZ  1 
HETATM 302 N  N   . MSE A 1 39  ? 2.310   3.796   -2.664  1.00 18.73 ? 61  MSE A N   1 
HETATM 303 C  CA  . MSE A 1 39  ? 3.748   3.520   -2.534  1.00 19.74 ? 61  MSE A CA  1 
HETATM 304 C  C   . MSE A 1 39  ? 4.420   4.551   -1.704  1.00 19.10 ? 61  MSE A C   1 
HETATM 305 O  O   . MSE A 1 39  ? 4.252   5.749   -1.971  1.00 18.61 ? 61  MSE A O   1 
HETATM 306 C  CB  . MSE A 1 39  ? 4.395   3.565   -3.910  1.00 20.28 ? 61  MSE A CB  1 
HETATM 307 C  CG  . MSE A 1 39  ? 5.816   3.148   -3.911  1.00 27.86 ? 61  MSE A CG  1 
HETATM 308 SE SE  . MSE A 1 39  ? 6.483   3.409   -5.774  1.00 34.19 ? 61  MSE A SE  1 
HETATM 309 C  CE  . MSE A 1 39  ? 7.359   5.060   -5.417  1.00 38.73 ? 61  MSE A CE  1 
ATOM   310 N  N   . CYS A 1 40  ? 5.165   4.072   -0.721  1.00 19.95 ? 62  CYS A N   1 
ATOM   311 C  CA  . CYS A 1 40  ? 6.051   4.853   0.123   1.00 21.22 ? 62  CYS A CA  1 
ATOM   312 C  C   . CYS A 1 40  ? 7.472   4.448   -0.275  1.00 22.04 ? 62  CYS A C   1 
ATOM   313 O  O   . CYS A 1 40  ? 7.733   3.270   -0.419  1.00 21.85 ? 62  CYS A O   1 
ATOM   314 C  CB  . CYS A 1 40  ? 5.780   4.576   1.596   1.00 20.80 ? 62  CYS A CB  1 
ATOM   315 S  SG  . CYS A 1 40  ? 6.868   5.480   2.731   1.00 24.35 ? 62  CYS A SG  1 
ATOM   316 N  N   . VAL A 1 41  ? 8.357   5.424   -0.452  1.00 21.63 ? 63  VAL A N   1 
ATOM   317 C  CA  . VAL A 1 41  ? 9.745   5.162   -0.829  1.00 23.54 ? 63  VAL A CA  1 
ATOM   318 C  C   . VAL A 1 41  ? 10.649  5.009   0.364   1.00 24.60 ? 63  VAL A C   1 
ATOM   319 O  O   . VAL A 1 41  ? 11.582  4.197   0.327   1.00 24.62 ? 63  VAL A O   1 
ATOM   320 C  CB  . VAL A 1 41  ? 10.329  6.270   -1.774  1.00 23.46 ? 63  VAL A CB  1 
ATOM   321 C  CG1 . VAL A 1 41  ? 11.843  6.012   -1.971  1.00 24.83 ? 63  VAL A CG1 1 
ATOM   322 C  CG2 . VAL A 1 41  ? 9.534   6.245   -3.085  1.00 25.25 ? 63  VAL A CG2 1 
ATOM   323 N  N   . THR A 1 42  ? 10.373  5.742   1.437   1.00 25.65 ? 64  THR A N   1 
ATOM   324 C  CA  . THR A 1 42  ? 11.159  5.623   2.674   1.00 26.99 ? 64  THR A CA  1 
ATOM   325 C  C   . THR A 1 42  ? 10.309  5.326   3.899   1.00 25.16 ? 64  THR A C   1 
ATOM   326 O  O   . THR A 1 42  ? 9.634   6.219   4.419   1.00 25.02 ? 64  THR A O   1 
ATOM   327 C  CB  . THR A 1 42  ? 12.051  6.836   2.927   1.00 27.97 ? 64  THR A CB  1 
ATOM   328 O  OG1 . THR A 1 42  ? 12.631  7.241   1.670   1.00 31.73 ? 64  THR A OG1 1 
ATOM   329 C  CG2 . THR A 1 42  ? 13.215  6.448   3.904   1.00 29.99 ? 64  THR A CG2 1 
ATOM   330 N  N   . PRO A 1 43  ? 10.266  4.052   4.324   1.00 23.85 ? 65  PRO A N   1 
ATOM   331 C  CA  . PRO A 1 43  ? 10.853  2.859   3.760   1.00 23.93 ? 65  PRO A CA  1 
ATOM   332 C  C   . PRO A 1 43  ? 10.072  2.349   2.556   1.00 21.94 ? 65  PRO A C   1 
ATOM   333 O  O   . PRO A 1 43  ? 9.003   2.850   2.234   1.00 21.84 ? 65  PRO A O   1 
ATOM   334 C  CB  . PRO A 1 43  ? 10.754  1.861   4.916   1.00 23.98 ? 65  PRO A CB  1 
ATOM   335 C  CG  . PRO A 1 43  ? 9.449   2.206   5.511   1.00 23.75 ? 65  PRO A CG  1 
ATOM   336 C  CD  . PRO A 1 43  ? 9.455   3.695   5.512   1.00 25.01 ? 65  PRO A CD  1 
ATOM   337 N  N   . LYS A 1 44  ? 10.588  1.319   1.904   1.00 20.09 ? 66  LYS A N   1 
ATOM   338 C  CA  . LYS A 1 44  ? 9.994   0.910   0.644   1.00 20.56 ? 66  LYS A CA  1 
ATOM   339 C  C   . LYS A 1 44  ? 8.826   -0.036  0.864   1.00 20.71 ? 66  LYS A C   1 
ATOM   340 O  O   . LYS A 1 44  ? 8.999   -1.283  1.038   1.00 18.92 ? 66  LYS A O   1 
ATOM   341 C  CB  . LYS A 1 44  ? 11.010  0.274   -0.276  1.00 20.55 ? 66  LYS A CB  1 
ATOM   342 C  CG  . LYS A 1 44  ? 11.985  1.229   -1.001  1.00 24.25 ? 66  LYS A CG  1 
ATOM   343 C  CD  . LYS A 1 44  ? 12.850  0.360   -1.907  1.00 28.20 ? 66  LYS A CD  1 
ATOM   344 C  CE  . LYS A 1 44  ? 14.022  1.065   -2.573  1.00 31.73 ? 66  LYS A CE  1 
ATOM   345 N  NZ  . LYS A 1 44  ? 14.986  1.686   -1.589  1.00 34.75 ? 66  LYS A NZ  1 
ATOM   346 N  N   . LEU A 1 45  ? 7.635   0.518   0.745   1.00 19.73 ? 67  LEU A N   1 
ATOM   347 C  CA  . LEU A 1 45  ? 6.417   -0.229  0.982   1.00 19.35 ? 67  LEU A CA  1 
ATOM   348 C  C   . LEU A 1 45  ? 5.360   0.129   -0.009  1.00 20.08 ? 67  LEU A C   1 
ATOM   349 O  O   . LEU A 1 45  ? 5.042   1.331   -0.175  1.00 19.99 ? 67  LEU A O   1 
ATOM   350 C  CB  . LEU A 1 45  ? 5.882   0.044   2.393   1.00 20.44 ? 67  LEU A CB  1 
ATOM   351 C  CG  . LEU A 1 45  ? 4.602   -0.680  2.786   1.00 20.49 ? 67  LEU A CG  1 
ATOM   352 C  CD1 . LEU A 1 45  ? 4.795   -2.205  2.916   1.00 20.20 ? 67  LEU A CD1 1 
ATOM   353 C  CD2 . LEU A 1 45  ? 4.090   -0.125  4.150   1.00 21.28 ? 67  LEU A CD2 1 
ATOM   354 N  N   . ILE A 1 46  ? 4.771   -0.902  -0.605  1.00 19.11 ? 68  ILE A N   1 
ATOM   355 C  CA  . ILE A 1 46  ? 3.617   -0.753  -1.479  1.00 20.51 ? 68  ILE A CA  1 
ATOM   356 C  C   . ILE A 1 46  ? 2.406   -1.353  -0.767  1.00 20.98 ? 68  ILE A C   1 
ATOM   357 O  O   . ILE A 1 46  ? 2.527   -2.406  -0.126  1.00 21.16 ? 68  ILE A O   1 
ATOM   358 C  CB  . ILE A 1 46  ? 3.899   -1.460  -2.845  1.00 20.78 ? 68  ILE A CB  1 
ATOM   359 C  CG1 . ILE A 1 46  ? 4.931   -0.637  -3.640  1.00 21.81 ? 68  ILE A CG1 1 
ATOM   360 C  CG2 . ILE A 1 46  ? 2.566   -1.750  -3.686  1.00 22.47 ? 68  ILE A CG2 1 
ATOM   361 C  CD1 . ILE A 1 46  ? 5.530   -1.434  -4.827  1.00 22.83 ? 68  ILE A CD1 1 
ATOM   362 N  N   . VAL A 1 47  ? 1.261   -0.675  -0.843  1.00 20.73 ? 69  VAL A N   1 
ATOM   363 C  CA  . VAL A 1 47  ? 0.026   -1.179  -0.235  1.00 21.56 ? 69  VAL A CA  1 
ATOM   364 C  C   . VAL A 1 47  ? -0.964  -1.258  -1.362  1.00 23.17 ? 69  VAL A C   1 
ATOM   365 O  O   . VAL A 1 47  ? -1.085  -0.311  -2.131  1.00 23.39 ? 69  VAL A O   1 
ATOM   366 C  CB  . VAL A 1 47  ? -0.521  -0.238  0.866   1.00 21.26 ? 69  VAL A CB  1 
ATOM   367 C  CG1 . VAL A 1 47  ? -1.840  -0.776  1.480   1.00 22.00 ? 69  VAL A CG1 1 
ATOM   368 C  CG2 . VAL A 1 47  ? 0.501   -0.123  1.968   1.00 20.93 ? 69  VAL A CG2 1 
ATOM   369 N  N   . GLU A 1 48  ? -1.662  -2.383  -1.465  1.00 23.61 ? 70  GLU A N   1 
ATOM   370 C  CA  . GLU A 1 48  ? -2.661  -2.593  -2.494  1.00 23.89 ? 70  GLU A CA  1 
ATOM   371 C  C   . GLU A 1 48  ? -3.979  -3.132  -1.925  1.00 25.73 ? 70  GLU A C   1 
ATOM   372 O  O   . GLU A 1 48  ? -3.992  -3.794  -0.910  1.00 24.49 ? 70  GLU A O   1 
ATOM   373 C  CB  . GLU A 1 48  ? -2.120  -3.502  -3.562  1.00 24.79 ? 70  GLU A CB  1 
ATOM   374 C  CG  . GLU A 1 48  ? -0.872  -2.835  -4.169  1.00 29.23 ? 70  GLU A CG  1 
ATOM   375 C  CD  . GLU A 1 48  ? -0.637  -3.265  -5.561  1.00 36.28 ? 70  GLU A CD  1 
ATOM   376 O  OE1 . GLU A 1 48  ? -0.444  -4.496  -5.720  1.00 39.47 ? 70  GLU A OE1 1 
ATOM   377 O  OE2 . GLU A 1 48  ? -0.685  -2.399  -6.477  1.00 32.39 ? 70  GLU A OE2 1 
ATOM   378 N  N   . ALA A 1 49  ? -5.074  -2.767  -2.578  1.00 27.80 ? 71  ALA A N   1 
ATOM   379 C  CA  . ALA A 1 49  ? -6.428  -3.209  -2.196  1.00 29.32 ? 71  ALA A CA  1 
ATOM   380 C  C   . ALA A 1 49  ? -6.896  -4.273  -3.191  1.00 31.51 ? 71  ALA A C   1 
ATOM   381 O  O   . ALA A 1 49  ? -6.797  -4.059  -4.396  1.00 33.44 ? 71  ALA A O   1 
ATOM   382 C  CB  . ALA A 1 49  ? -7.362  -2.030  -2.236  1.00 28.62 ? 71  ALA A CB  1 
ATOM   383 N  N   . ASP A 1 50  ? -7.407  -5.392  -2.708  1.00 33.36 ? 72  ASP A N   1 
ATOM   384 C  CA  . ASP A 1 50  ? -7.800  -6.533  -3.561  1.00 35.44 ? 72  ASP A CA  1 
ATOM   385 C  C   . ASP A 1 50  ? -9.342  -6.732  -3.458  1.00 36.44 ? 72  ASP A C   1 
ATOM   386 O  O   . ASP A 1 50  ? -9.838  -6.989  -2.379  1.00 35.10 ? 72  ASP A O   1 
ATOM   387 C  CB  . ASP A 1 50  ? -7.095  -7.766  -2.995  1.00 36.48 ? 72  ASP A CB  1 
ATOM   388 C  CG  . ASP A 1 50  ? -7.148  -9.013  -3.927  1.00 41.78 ? 72  ASP A CG  1 
ATOM   389 O  OD1 . ASP A 1 50  ? -8.236  -9.332  -4.468  1.00 44.32 ? 72  ASP A OD1 1 
ATOM   390 O  OD2 . ASP A 1 50  ? -6.092  -9.701  -4.072  1.00 48.92 ? 72  ASP A OD2 1 
ATOM   391 N  N   . GLY A 1 51  ? -10.070 -6.628  -4.572  1.00 37.90 ? 73  GLY A N   1 
ATOM   392 C  CA  . GLY A 1 51  ? -11.480 -7.072  -4.638  1.00 39.47 ? 73  GLY A CA  1 
ATOM   393 C  C   . GLY A 1 51  ? -11.777 -8.420  -4.000  1.00 39.83 ? 73  GLY A C   1 
ATOM   394 O  O   . GLY A 1 51  ? -12.493 -9.265  -4.581  1.00 41.94 ? 73  GLY A O   1 
ATOM   395 N  N   . VAL A 1 59  ? -6.939  -13.866 -10.699 1.00 31.49 ? 81  VAL A N   1 
ATOM   396 C  CA  . VAL A 1 59  ? -5.678  -14.580 -10.908 1.00 29.75 ? 81  VAL A CA  1 
ATOM   397 C  C   . VAL A 1 59  ? -4.570  -13.673 -10.335 1.00 28.60 ? 81  VAL A C   1 
ATOM   398 O  O   . VAL A 1 59  ? -4.453  -12.476 -10.660 1.00 28.85 ? 81  VAL A O   1 
ATOM   399 C  CB  . VAL A 1 59  ? -5.430  -14.980 -12.408 1.00 30.50 ? 81  VAL A CB  1 
ATOM   400 C  CG1 . VAL A 1 59  ? -3.979  -15.285 -12.695 1.00 31.65 ? 81  VAL A CG1 1 
ATOM   401 C  CG2 . VAL A 1 59  ? -6.294  -16.168 -12.825 1.00 30.11 ? 81  VAL A CG2 1 
ATOM   402 N  N   . TYR A 1 60  ? -3.768  -14.243 -9.433  1.00 26.24 ? 82  TYR A N   1 
ATOM   403 C  CA  . TYR A 1 60  ? -2.664  -13.527 -8.810  1.00 24.23 ? 82  TYR A CA  1 
ATOM   404 C  C   . TYR A 1 60  ? -1.508  -13.414 -9.790  1.00 21.59 ? 82  TYR A C   1 
ATOM   405 O  O   . TYR A 1 60  ? -1.115  -14.417 -10.375 1.00 20.65 ? 82  TYR A O   1 
ATOM   406 C  CB  . TYR A 1 60  ? -2.218  -14.310 -7.568  1.00 24.94 ? 82  TYR A CB  1 
ATOM   407 C  CG  . TYR A 1 60  ? -1.234  -13.554 -6.735  1.00 22.33 ? 82  TYR A CG  1 
ATOM   408 C  CD1 . TYR A 1 60  ? -1.656  -12.558 -5.877  1.00 20.55 ? 82  TYR A CD1 1 
ATOM   409 C  CD2 . TYR A 1 60  ? 0.113   -13.842 -6.802  1.00 20.11 ? 82  TYR A CD2 1 
ATOM   410 C  CE1 . TYR A 1 60  ? -0.754  -11.846 -5.116  1.00 19.99 ? 82  TYR A CE1 1 
ATOM   411 C  CE2 . TYR A 1 60  ? 1.007   -13.173 -6.023  1.00 18.32 ? 82  TYR A CE2 1 
ATOM   412 C  CZ  . TYR A 1 60  ? 0.578   -12.195 -5.168  1.00 21.62 ? 82  TYR A CZ  1 
ATOM   413 O  OH  . TYR A 1 60  ? 1.513   -11.504 -4.447  1.00 21.06 ? 82  TYR A OH  1 
ATOM   414 N  N   . ASP A 1 61  ? -0.932  -12.221 -9.950  1.00 20.84 ? 83  ASP A N   1 
ATOM   415 C  CA  . ASP A 1 61  ? 0.189   -12.038 -10.858 1.00 20.47 ? 83  ASP A CA  1 
ATOM   416 C  C   . ASP A 1 61  ? 1.503   -12.241 -10.110 1.00 19.06 ? 83  ASP A C   1 
ATOM   417 O  O   . ASP A 1 61  ? 2.041   -11.314 -9.503  1.00 17.42 ? 83  ASP A O   1 
ATOM   418 C  CB  . ASP A 1 61  ? 0.135   -10.661 -11.544 1.00 20.94 ? 83  ASP A CB  1 
ATOM   419 C  CG  . ASP A 1 61  ? 1.165   -10.507 -12.623 1.00 23.79 ? 83  ASP A CG  1 
ATOM   420 O  OD1 . ASP A 1 61  ? 2.164   -11.255 -12.642 1.00 22.69 ? 83  ASP A OD1 1 
ATOM   421 O  OD2 . ASP A 1 61  ? 0.992   -9.601  -13.463 1.00 26.97 ? 83  ASP A OD2 1 
ATOM   422 N  N   . HIS A 1 62  ? 1.993   -13.483 -10.116 1.00 18.17 ? 84  HIS A N   1 
ATOM   423 C  CA  . HIS A 1 62  ? 3.216   -13.785 -9.369  1.00 17.89 ? 84  HIS A CA  1 
ATOM   424 C  C   . HIS A 1 62  ? 4.430   -13.005 -9.825  1.00 17.61 ? 84  HIS A C   1 
ATOM   425 O  O   . HIS A 1 62  ? 5.208   -12.557 -9.008  1.00 17.54 ? 84  HIS A O   1 
ATOM   426 C  CB  . HIS A 1 62  ? 3.515   -15.273 -9.408  1.00 16.88 ? 84  HIS A CB  1 
ATOM   427 C  CG  . HIS A 1 62  ? 2.457   -16.097 -8.749  1.00 15.46 ? 84  HIS A CG  1 
ATOM   428 N  ND1 . HIS A 1 62  ? 2.423   -16.302 -7.392  1.00 16.16 ? 84  HIS A ND1 1 
ATOM   429 C  CD2 . HIS A 1 62  ? 1.360   -16.713 -9.251  1.00 18.09 ? 84  HIS A CD2 1 
ATOM   430 C  CE1 . HIS A 1 62  ? 1.371   -17.039 -7.083  1.00 17.21 ? 84  HIS A CE1 1 
ATOM   431 N  NE2 . HIS A 1 62  ? 0.720   -17.325 -8.200  1.00 18.51 ? 84  HIS A NE2 1 
ATOM   432 N  N   . ALA A 1 63  ? 4.591   -12.847 -11.139 1.00 18.30 ? 85  ALA A N   1 
ATOM   433 C  CA  . ALA A 1 63  ? 5.762   -12.183 -11.718 1.00 19.61 ? 85  ALA A CA  1 
ATOM   434 C  C   . ALA A 1 63  ? 5.830   -10.726 -11.294 1.00 19.77 ? 85  ALA A C   1 
ATOM   435 O  O   . ALA A 1 63  ? 6.929   -10.164 -11.118 1.00 21.24 ? 85  ALA A O   1 
ATOM   436 C  CB  . ALA A 1 63  ? 5.737   -12.300 -13.249 1.00 19.38 ? 85  ALA A CB  1 
ATOM   437 N  N   . ARG A 1 64  ? 4.658   -10.126 -11.141 1.00 19.61 ? 86  ARG A N   1 
ATOM   438 C  CA  . ARG A 1 64  ? 4.518   -8.752  -10.673 1.00 18.23 ? 86  ARG A CA  1 
ATOM   439 C  C   . ARG A 1 64  ? 5.076   -8.594  -9.266  1.00 19.18 ? 86  ARG A C   1 
ATOM   440 O  O   . ARG A 1 64  ? 5.888   -7.701  -9.024  1.00 17.59 ? 86  ARG A O   1 
ATOM   441 C  CB  . ARG A 1 64  ? 3.077   -8.332  -10.706 1.00 18.18 ? 86  ARG A CB  1 
ATOM   442 C  CG  . ARG A 1 64  ? 2.767   -6.915  -10.269 1.00 19.41 ? 86  ARG A CG  1 
ATOM   443 C  CD  . ARG A 1 64  ? 1.304   -6.701  -10.511 1.00 22.88 ? 86  ARG A CD  1 
ATOM   444 N  NE  . ARG A 1 64  ? 0.879   -5.324  -10.311 1.00 21.45 ? 86  ARG A NE  1 
ATOM   445 C  CZ  . ARG A 1 64  ? 0.605   -4.794  -9.134  1.00 24.86 ? 86  ARG A CZ  1 
ATOM   446 N  NH1 . ARG A 1 64  ? 0.788   -5.491  -8.013  1.00 26.92 ? 86  ARG A NH1 1 
ATOM   447 N  NH2 . ARG A 1 64  ? 0.154   -3.555  -9.053  1.00 26.97 ? 86  ARG A NH2 1 
ATOM   448 N  N   . THR A 1 65  ? 4.695   -9.501  -8.372  1.00 18.52 ? 87  THR A N   1 
ATOM   449 C  CA  . THR A 1 65  ? 5.193   -9.445  -7.000  1.00 18.47 ? 87  THR A CA  1 
ATOM   450 C  C   . THR A 1 65  ? 6.688   -9.648  -6.959  1.00 18.27 ? 87  THR A C   1 
ATOM   451 O  O   . THR A 1 65  ? 7.397   -8.915  -6.255  1.00 18.77 ? 87  THR A O   1 
ATOM   452 C  CB  . THR A 1 65  ? 4.397   -10.439 -6.113  1.00 19.44 ? 87  THR A CB  1 
ATOM   453 O  OG1 . THR A 1 65  ? 3.013   -10.040 -6.162  1.00 20.05 ? 87  THR A OG1 1 
ATOM   454 C  CG2 . THR A 1 65  ? 4.890   -10.364 -4.691  1.00 20.84 ? 87  THR A CG2 1 
ATOM   455 N  N   . VAL A 1 66  ? 7.180   -10.620 -7.732  1.00 18.66 ? 88  VAL A N   1 
ATOM   456 C  CA  . VAL A 1 66  ? 8.596   -10.889 -7.829  1.00 18.99 ? 88  VAL A CA  1 
ATOM   457 C  C   . VAL A 1 66  ? 9.379   -9.631  -8.302  1.00 19.53 ? 88  VAL A C   1 
ATOM   458 O  O   . VAL A 1 66  ? 10.437  -9.294  -7.739  1.00 19.45 ? 88  VAL A O   1 
ATOM   459 C  CB  . VAL A 1 66  ? 8.850   -12.128 -8.717  1.00 19.02 ? 88  VAL A CB  1 
ATOM   460 C  CG1 . VAL A 1 66  ? 10.368  -12.269 -9.058  1.00 22.99 ? 88  VAL A CG1 1 
ATOM   461 C  CG2 . VAL A 1 66  ? 8.294   -13.408 -7.980  1.00 15.89 ? 88  VAL A CG2 1 
ATOM   462 N  N   . TYR A 1 67  ? 8.814   -8.935  -9.274  1.00 19.09 ? 89  TYR A N   1 
ATOM   463 C  CA  . TYR A 1 67  ? 9.443   -7.729  -9.848  1.00 18.96 ? 89  TYR A CA  1 
ATOM   464 C  C   . TYR A 1 67  ? 9.498   -6.638  -8.788  1.00 18.78 ? 89  TYR A C   1 
ATOM   465 O  O   . TYR A 1 67  ? 10.540  -6.041  -8.564  1.00 19.36 ? 89  TYR A O   1 
ATOM   466 C  CB  . TYR A 1 67  ? 8.671   -7.260  -11.052 1.00 19.04 ? 89  TYR A CB  1 
ATOM   467 C  CG  . TYR A 1 67  ? 9.149   -5.922  -11.579 1.00 17.68 ? 89  TYR A CG  1 
ATOM   468 C  CD1 . TYR A 1 67  ? 10.296  -5.836  -12.347 1.00 22.08 ? 89  TYR A CD1 1 
ATOM   469 C  CD2 . TYR A 1 67  ? 8.464   -4.777  -11.304 1.00 19.45 ? 89  TYR A CD2 1 
ATOM   470 C  CE1 . TYR A 1 67  ? 10.741  -4.598  -12.840 1.00 20.35 ? 89  TYR A CE1 1 
ATOM   471 C  CE2 . TYR A 1 67  ? 8.906   -3.544  -11.760 1.00 20.80 ? 89  TYR A CE2 1 
ATOM   472 C  CZ  . TYR A 1 67  ? 10.020  -3.474  -12.543 1.00 20.55 ? 89  TYR A CZ  1 
ATOM   473 O  OH  . TYR A 1 67  ? 10.479  -2.279  -13.011 1.00 23.08 ? 89  TYR A OH  1 
ATOM   474 N  N   . LEU A 1 68  ? 8.373   -6.398  -8.111  1.00 18.58 ? 90  LEU A N   1 
ATOM   475 C  CA  . LEU A 1 68  ? 8.315   -5.318  -7.138  1.00 18.70 ? 90  LEU A CA  1 
ATOM   476 C  C   . LEU A 1 68  ? 9.238   -5.616  -5.959  1.00 18.98 ? 90  LEU A C   1 
ATOM   477 O  O   . LEU A 1 68  ? 9.942   -4.721  -5.477  1.00 19.79 ? 90  LEU A O   1 
ATOM   478 C  CB  . LEU A 1 68  ? 6.882   -5.107  -6.637  1.00 19.24 ? 90  LEU A CB  1 
ATOM   479 C  CG  . LEU A 1 68  ? 5.931   -4.613  -7.735  1.00 18.81 ? 90  LEU A CG  1 
ATOM   480 C  CD1 . LEU A 1 68  ? 4.492   -4.609  -7.202  1.00 18.62 ? 90  LEU A CD1 1 
ATOM   481 C  CD2 . LEU A 1 68  ? 6.295   -3.275  -8.329  1.00 18.62 ? 90  LEU A CD2 1 
ATOM   482 N  N   . ASN A 1 69  ? 9.287   -6.876  -5.549  1.00 18.34 ? 91  ASN A N   1 
ATOM   483 C  CA  . ASN A 1 69  ? 10.209  -7.314  -4.502  1.00 18.70 ? 91  ASN A CA  1 
ATOM   484 C  C   . ASN A 1 69  ? 11.678  -7.118  -4.964  1.00 19.74 ? 91  ASN A C   1 
ATOM   485 O  O   . ASN A 1 69  ? 12.517  -6.803  -4.162  1.00 18.96 ? 91  ASN A O   1 
ATOM   486 C  CB  . ASN A 1 69  ? 9.975   -8.772  -4.141  1.00 18.23 ? 91  ASN A CB  1 
ATOM   487 C  CG  . ASN A 1 69  ? 8.746   -9.007  -3.225  1.00 20.37 ? 91  ASN A CG  1 
ATOM   488 O  OD1 . ASN A 1 69  ? 8.188   -8.079  -2.576  1.00 24.01 ? 91  ASN A OD1 1 
ATOM   489 N  ND2 . ASN A 1 69  ? 8.377   -10.258 -3.109  1.00 18.38 ? 91  ASN A ND2 1 
ATOM   490 N  N   . SER A 1 70  ? 11.969  -7.344  -6.236  1.00 19.52 ? 92  SER A N   1 
ATOM   491 C  CA  . SER A 1 70  ? 13.327  -7.187  -6.781  1.00 21.12 ? 92  SER A CA  1 
ATOM   492 C  C   . SER A 1 70  ? 13.813  -5.745  -6.728  1.00 21.55 ? 92  SER A C   1 
ATOM   493 O  O   . SER A 1 70  ? 15.021  -5.478  -6.668  1.00 20.51 ? 92  SER A O   1 
ATOM   494 C  CB  . SER A 1 70  ? 13.394  -7.723  -8.223  1.00 20.70 ? 92  SER A CB  1 
ATOM   495 O  OG  . SER A 1 70  ? 12.893  -6.847  -9.219  1.00 20.46 ? 92  SER A OG  1 
ATOM   496 N  N   . LEU A 1 71  ? 12.871  -4.818  -6.718  1.00 20.05 ? 93  LEU A N   1 
ATOM   497 C  CA  . LEU A 1 71  ? 13.203  -3.389  -6.609  1.00 21.02 ? 93  LEU A CA  1 
ATOM   498 C  C   . LEU A 1 71  ? 13.418  -2.988  -5.158  1.00 22.02 ? 93  LEU A C   1 
ATOM   499 O  O   . LEU A 1 71  ? 13.731  -1.832  -4.851  1.00 22.37 ? 93  LEU A O   1 
ATOM   500 C  CB  . LEU A 1 71  ? 12.093  -2.542  -7.196  1.00 20.55 ? 93  LEU A CB  1 
ATOM   501 C  CG  . LEU A 1 71  ? 11.887  -2.643  -8.725  1.00 21.16 ? 93  LEU A CG  1 
ATOM   502 C  CD1 . LEU A 1 71  ? 10.621  -1.845  -9.138  1.00 21.87 ? 93  LEU A CD1 1 
ATOM   503 C  CD2 . LEU A 1 71  ? 13.117  -2.133  -9.393  1.00 22.26 ? 93  LEU A CD2 1 
ATOM   504 N  N   . GLY A 1 72  ? 13.144  -3.930  -4.260  1.00 22.86 ? 94  GLY A N   1 
ATOM   505 C  CA  . GLY A 1 72  ? 13.330  -3.740  -2.833  1.00 22.81 ? 94  GLY A CA  1 
ATOM   506 C  C   . GLY A 1 72  ? 12.055  -3.419  -2.052  1.00 21.61 ? 94  GLY A C   1 
ATOM   507 O  O   . GLY A 1 72  ? 12.128  -3.117  -0.837  1.00 22.02 ? 94  GLY A O   1 
ATOM   508 N  N   . PHE A 1 73  ? 10.890  -3.499  -2.688  1.00 21.42 ? 95  PHE A N   1 
ATOM   509 C  CA  . PHE A 1 73  ? 9.628   -3.104  -2.038  1.00 21.29 ? 95  PHE A CA  1 
ATOM   510 C  C   . PHE A 1 73  ? 8.961   -4.286  -1.374  1.00 21.82 ? 95  PHE A C   1 
ATOM   511 O  O   . PHE A 1 73  ? 8.936   -5.389  -1.899  1.00 23.66 ? 95  PHE A O   1 
ATOM   512 C  CB  . PHE A 1 73  ? 8.631   -2.501  -3.019  1.00 21.66 ? 95  PHE A CB  1 
ATOM   513 C  CG  . PHE A 1 73  ? 8.961   -1.123  -3.408  1.00 22.18 ? 95  PHE A CG  1 
ATOM   514 C  CD1 . PHE A 1 73  ? 8.425   -0.042  -2.720  1.00 22.90 ? 95  PHE A CD1 1 
ATOM   515 C  CD2 . PHE A 1 73  ? 9.871   -0.898  -4.400  1.00 27.38 ? 95  PHE A CD2 1 
ATOM   516 C  CE1 . PHE A 1 73  ? 8.772   1.261   -3.029  1.00 25.76 ? 95  PHE A CE1 1 
ATOM   517 C  CE2 . PHE A 1 73  ? 10.237  0.418   -4.755  1.00 29.22 ? 95  PHE A CE2 1 
ATOM   518 C  CZ  . PHE A 1 73  ? 9.672   1.524   -4.052  1.00 30.56 ? 95  PHE A CZ  1 
ATOM   519 N  N   . THR A 1 74  ? 8.496   -4.048  -0.176  1.00 20.57 ? 96  THR A N   1 
ATOM   520 C  CA  . THR A 1 74  ? 7.573   -4.941  0.498   1.00 21.11 ? 96  THR A CA  1 
ATOM   521 C  C   . THR A 1 74  ? 6.184   -4.605  -0.049  1.00 21.30 ? 96  THR A C   1 
ATOM   522 O  O   . THR A 1 74  ? 5.876   -3.448  -0.276  1.00 21.37 ? 96  THR A O   1 
ATOM   523 C  CB  . THR A 1 74  ? 7.659   -4.713  2.026   1.00 22.12 ? 96  THR A CB  1 
ATOM   524 O  OG1 . THR A 1 74  ? 8.998   -5.021  2.474   1.00 22.02 ? 96  THR A OG1 1 
ATOM   525 C  CG2 . THR A 1 74  ? 6.640   -5.589  2.828   1.00 23.57 ? 96  THR A CG2 1 
ATOM   526 N  N   . VAL A 1 75  ? 5.368   -5.615  -0.238  1.00 21.44 ? 97  VAL A N   1 
ATOM   527 C  CA  . VAL A 1 75  ? 4.052   -5.431  -0.767  1.00 21.58 ? 97  VAL A CA  1 
ATOM   528 C  C   . VAL A 1 75  ? 3.068   -5.975  0.270   1.00 21.41 ? 97  VAL A C   1 
ATOM   529 O  O   . VAL A 1 75  ? 3.161   -7.139  0.688   1.00 21.36 ? 97  VAL A O   1 
ATOM   530 C  CB  . VAL A 1 75  ? 3.887   -6.155  -2.054  1.00 20.75 ? 97  VAL A CB  1 
ATOM   531 C  CG1 . VAL A 1 75  ? 2.421   -5.975  -2.514  1.00 22.96 ? 97  VAL A CG1 1 
ATOM   532 C  CG2 . VAL A 1 75  ? 4.944   -5.630  -3.146  1.00 20.70 ? 97  VAL A CG2 1 
ATOM   533 N  N   . LEU A 1 76  ? 2.181   -5.120  0.712   1.00 21.52 ? 98  LEU A N   1 
ATOM   534 C  CA  . LEU A 1 76  ? 1.084   -5.499  1.616   1.00 23.17 ? 98  LEU A CA  1 
ATOM   535 C  C   . LEU A 1 76  ? -0.186  -5.376  0.840   1.00 24.55 ? 98  LEU A C   1 
ATOM   536 O  O   . LEU A 1 76  ? -0.425  -4.337  0.238   1.00 26.77 ? 98  LEU A O   1 
ATOM   537 C  CB  . LEU A 1 76  ? 1.009   -4.520  2.770   1.00 23.70 ? 98  LEU A CB  1 
ATOM   538 C  CG  . LEU A 1 76  ? 1.606   -4.748  4.118   1.00 26.68 ? 98  LEU A CG  1 
ATOM   539 C  CD1 . LEU A 1 76  ? 1.237   -3.568  5.001   1.00 25.67 ? 98  LEU A CD1 1 
ATOM   540 C  CD2 . LEU A 1 76  ? 1.137   -6.097  4.763   1.00 29.44 ? 98  LEU A CD2 1 
ATOM   541 N  N   . ARG A 1 77  ? -1.036  -6.403  0.882   1.00 24.40 ? 99  ARG A N   1 
ATOM   542 C  CA  . ARG A 1 77  ? -2.214  -6.441  0.073   1.00 25.31 ? 99  ARG A CA  1 
ATOM   543 C  C   . ARG A 1 77  ? -3.396  -6.755  1.027   1.00 25.77 ? 99  ARG A C   1 
ATOM   544 O  O   . ARG A 1 77  ? -3.312  -7.697  1.831   1.00 25.12 ? 99  ARG A O   1 
ATOM   545 C  CB  . ARG A 1 77  ? -2.007  -7.486  -1.021  1.00 27.04 ? 99  ARG A CB  1 
ATOM   546 C  CG  . ARG A 1 77  ? -3.157  -7.642  -1.946  1.00 30.68 ? 99  ARG A CG  1 
ATOM   547 C  CD  . ARG A 1 77  ? -2.849  -8.614  -3.118  1.00 35.48 ? 99  ARG A CD  1 
ATOM   548 N  NE  . ARG A 1 77  ? -2.350  -7.870  -4.240  1.00 42.79 ? 99  ARG A NE  1 
ATOM   549 C  CZ  . ARG A 1 77  ? -3.096  -7.137  -5.075  1.00 49.49 ? 99  ARG A CZ  1 
ATOM   550 N  NH1 . ARG A 1 77  ? -4.442  -7.091  -4.954  1.00 53.78 ? 99  ARG A NH1 1 
ATOM   551 N  NH2 . ARG A 1 77  ? -2.498  -6.452  -6.057  1.00 51.08 ? 99  ARG A NH2 1 
ATOM   552 N  N   . PHE A 1 78  ? -4.424  -5.906  0.998   1.00 22.98 ? 100 PHE A N   1 
ATOM   553 C  CA  . PHE A 1 78  ? -5.615  -6.094  1.845   1.00 24.40 ? 100 PHE A CA  1 
ATOM   554 C  C   . PHE A 1 78  ? -6.857  -6.373  0.997   1.00 24.00 ? 100 PHE A C   1 
ATOM   555 O  O   . PHE A 1 78  ? -7.000  -5.801  -0.058  1.00 24.20 ? 100 PHE A O   1 
ATOM   556 C  CB  . PHE A 1 78  ? -5.855  -4.834  2.684   1.00 24.06 ? 100 PHE A CB  1 
ATOM   557 C  CG  . PHE A 1 78  ? -4.732  -4.526  3.614   1.00 23.54 ? 100 PHE A CG  1 
ATOM   558 C  CD1 . PHE A 1 78  ? -4.630  -5.200  4.834   1.00 23.86 ? 100 PHE A CD1 1 
ATOM   559 C  CD2 . PHE A 1 78  ? -3.749  -3.612  3.258   1.00 22.46 ? 100 PHE A CD2 1 
ATOM   560 C  CE1 . PHE A 1 78  ? -3.616  -4.931  5.697   1.00 26.62 ? 100 PHE A CE1 1 
ATOM   561 C  CE2 . PHE A 1 78  ? -2.714  -3.350  4.120   1.00 24.00 ? 100 PHE A CE2 1 
ATOM   562 C  CZ  . PHE A 1 78  ? -2.631  -4.021  5.348   1.00 24.09 ? 100 PHE A CZ  1 
ATOM   563 N  N   . TRP A 1 79  ? -7.770  -7.221  1.480   1.00 24.75 ? 101 TRP A N   1 
ATOM   564 C  CA  . TRP A 1 79  ? -9.083  -7.334  0.839   1.00 25.73 ? 101 TRP A CA  1 
ATOM   565 C  C   . TRP A 1 79  ? -9.860  -6.036  1.001   1.00 26.51 ? 101 TRP A C   1 
ATOM   566 O  O   . TRP A 1 79  ? -9.783  -5.402  2.068   1.00 24.81 ? 101 TRP A O   1 
ATOM   567 C  CB  . TRP A 1 79  ? -9.900  -8.439  1.483   1.00 26.75 ? 101 TRP A CB  1 
ATOM   568 C  CG  . TRP A 1 79  ? -9.255  -9.759  1.335   1.00 30.78 ? 101 TRP A CG  1 
ATOM   569 C  CD1 . TRP A 1 79  ? -8.701  -10.498 2.315   1.00 35.04 ? 101 TRP A CD1 1 
ATOM   570 C  CD2 . TRP A 1 79  ? -9.062  -10.478 0.110   1.00 35.22 ? 101 TRP A CD2 1 
ATOM   571 N  NE1 . TRP A 1 79  ? -8.173  -11.664 1.784   1.00 38.94 ? 101 TRP A NE1 1 
ATOM   572 C  CE2 . TRP A 1 79  ? -8.381  -11.672 0.433   1.00 37.22 ? 101 TRP A CE2 1 
ATOM   573 C  CE3 . TRP A 1 79  ? -9.393  -10.222 -1.227  1.00 36.78 ? 101 TRP A CE3 1 
ATOM   574 C  CZ2 . TRP A 1 79  ? -8.043  -12.639 -0.529  1.00 39.24 ? 101 TRP A CZ2 1 
ATOM   575 C  CZ3 . TRP A 1 79  ? -9.048  -11.181 -2.191  1.00 39.62 ? 101 TRP A CZ3 1 
ATOM   576 C  CH2 . TRP A 1 79  ? -8.377  -12.370 -1.834  1.00 39.39 ? 101 TRP A CH2 1 
ATOM   577 N  N   . ASN A 1 80  ? -10.656 -5.672  -0.009  1.00 26.53 ? 102 ASN A N   1 
ATOM   578 C  CA  . ASN A 1 80  ? -11.533 -4.505  0.108   1.00 27.11 ? 102 ASN A CA  1 
ATOM   579 C  C   . ASN A 1 80  ? -12.356 -4.528  1.394   1.00 26.01 ? 102 ASN A C   1 
ATOM   580 O  O   . ASN A 1 80  ? -12.460 -3.502  2.039   1.00 24.55 ? 102 ASN A O   1 
ATOM   581 C  CB  . ASN A 1 80  ? -12.496 -4.346  -1.071  1.00 27.42 ? 102 ASN A CB  1 
ATOM   582 C  CG  . ASN A 1 80  ? -11.797 -3.936  -2.360  1.00 30.55 ? 102 ASN A CG  1 
ATOM   583 O  OD1 . ASN A 1 80  ? -10.614 -3.531  -2.401  1.00 28.77 ? 102 ASN A OD1 1 
ATOM   584 N  ND2 . ASN A 1 80  ? -12.555 -4.030  -3.445  1.00 32.32 ? 102 ASN A ND2 1 
ATOM   585 N  N   . HIS A 1 81  ? -12.868 -5.681  1.798   1.00 26.27 ? 103 HIS A N   1 
ATOM   586 C  CA  . HIS A 1 81  ? -13.703 -5.750  2.991   1.00 27.52 ? 103 HIS A CA  1 
ATOM   587 C  C   . HIS A 1 81  ? -12.942 -5.385  4.268   1.00 26.98 ? 103 HIS A C   1 
ATOM   588 O  O   . HIS A 1 81  ? -13.527 -4.786  5.187   1.00 27.42 ? 103 HIS A O   1 
ATOM   589 C  CB  . HIS A 1 81  ? -14.456 -7.097  3.124   1.00 28.14 ? 103 HIS A CB  1 
ATOM   590 C  CG  . HIS A 1 81  ? -13.595 -8.255  3.573   1.00 31.46 ? 103 HIS A CG  1 
ATOM   591 N  ND1 . HIS A 1 81  ? -13.086 -9.200  2.695   1.00 35.30 ? 103 HIS A ND1 1 
ATOM   592 C  CD2 . HIS A 1 81  ? -13.192 -8.642  4.811   1.00 34.95 ? 103 HIS A CD2 1 
ATOM   593 C  CE1 . HIS A 1 81  ? -12.382 -10.096 3.371   1.00 36.92 ? 103 HIS A CE1 1 
ATOM   594 N  NE2 . HIS A 1 81  ? -12.427 -9.780  4.658   1.00 37.26 ? 103 HIS A NE2 1 
ATOM   595 N  N   . GLU A 1 82  ? -11.645 -5.660  4.318   1.00 26.15 ? 104 GLU A N   1 
ATOM   596 C  CA  . GLU A 1 82  ? -10.844 -5.241  5.465   1.00 26.20 ? 104 GLU A CA  1 
ATOM   597 C  C   . GLU A 1 82  ? -10.717 -3.713  5.479   1.00 25.78 ? 104 GLU A C   1 
ATOM   598 O  O   . GLU A 1 82  ? -10.814 -3.071  6.541   1.00 24.93 ? 104 GLU A O   1 
ATOM   599 C  CB  . GLU A 1 82  ? -9.462  -5.883  5.459   1.00 27.25 ? 104 GLU A CB  1 
ATOM   600 C  CG  . GLU A 1 82  ? -9.471  -7.387  5.539   1.00 31.34 ? 104 GLU A CG  1 
ATOM   601 C  CD  . GLU A 1 82  ? -8.057  -8.001  5.410   1.00 36.82 ? 104 GLU A CD  1 
ATOM   602 O  OE1 . GLU A 1 82  ? -7.371  -7.861  4.345   1.00 27.96 ? 104 GLU A OE1 1 
ATOM   603 O  OE2 . GLU A 1 82  ? -7.666  -8.689  6.388   1.00 42.04 ? 104 GLU A OE2 1 
ATOM   604 N  N   . ILE A 1 83  ? -10.500 -3.126  4.309   1.00 25.27 ? 105 ILE A N   1 
ATOM   605 C  CA  . ILE A 1 83  ? -10.320 -1.678  4.223   1.00 24.65 ? 105 ILE A CA  1 
ATOM   606 C  C   . ILE A 1 83  ? -11.617 -0.982  4.588   1.00 25.56 ? 105 ILE A C   1 
ATOM   607 O  O   . ILE A 1 83  ? -11.626 0.003   5.321   1.00 25.65 ? 105 ILE A O   1 
ATOM   608 C  CB  . ILE A 1 83  ? -9.845  -1.240  2.822   1.00 25.22 ? 105 ILE A CB  1 
ATOM   609 C  CG1 . ILE A 1 83  ? -8.455  -1.802  2.572   1.00 27.47 ? 105 ILE A CG1 1 
ATOM   610 C  CG2 . ILE A 1 83  ? -9.800  0.321   2.741   1.00 25.48 ? 105 ILE A CG2 1 
ATOM   611 C  CD1 . ILE A 1 83  ? -8.038  -1.880  1.110   1.00 29.40 ? 105 ILE A CD1 1 
ATOM   612 N  N   . LEU A 1 84  ? -12.719 -1.531  4.116   1.00 24.08 ? 106 LEU A N   1 
ATOM   613 C  CA  . LEU A 1 84  ? -13.993 -0.910  4.291   1.00 25.18 ? 106 LEU A CA  1 
ATOM   614 C  C   . LEU A 1 84  ? -14.539 -1.075  5.714   1.00 25.10 ? 106 LEU A C   1 
ATOM   615 O  O   . LEU A 1 84  ? -15.054 -0.119  6.284   1.00 25.66 ? 106 LEU A O   1 
ATOM   616 C  CB  . LEU A 1 84  ? -14.979 -1.433  3.243   1.00 25.01 ? 106 LEU A CB  1 
ATOM   617 C  CG  . LEU A 1 84  ? -14.594 -1.071  1.789   1.00 27.17 ? 106 LEU A CG  1 
ATOM   618 C  CD1 . LEU A 1 84  ? -15.505 -1.768  0.773   1.00 28.94 ? 106 LEU A CD1 1 
ATOM   619 C  CD2 . LEU A 1 84  ? -14.595 0.410   1.514   1.00 25.75 ? 106 LEU A CD2 1 
ATOM   620 N  N   . GLN A 1 85  ? -14.402 -2.268  6.276   1.00 24.98 ? 107 GLN A N   1 
ATOM   621 C  CA  . GLN A 1 85  ? -15.019 -2.580  7.563   1.00 26.28 ? 107 GLN A CA  1 
ATOM   622 C  C   . GLN A 1 85  ? -14.064 -2.686  8.740   1.00 25.21 ? 107 GLN A C   1 
ATOM   623 O  O   . GLN A 1 85  ? -14.526 -2.667  9.873   1.00 22.92 ? 107 GLN A O   1 
ATOM   624 C  CB  . GLN A 1 85  ? -15.833 -3.866  7.474   1.00 27.75 ? 107 GLN A CB  1 
ATOM   625 C  CG  . GLN A 1 85  ? -16.670 -4.027  6.218   1.00 32.43 ? 107 GLN A CG  1 
ATOM   626 C  CD  . GLN A 1 85  ? -17.690 -2.926  6.020   1.00 40.09 ? 107 GLN A CD  1 
ATOM   627 O  OE1 . GLN A 1 85  ? -18.229 -2.366  6.993   1.00 45.36 ? 107 GLN A OE1 1 
ATOM   628 N  NE2 . GLN A 1 85  ? -17.991 -2.615  4.747   1.00 42.95 ? 107 GLN A NE2 1 
ATOM   629 N  N   . GLN A 1 86  ? -12.758 -2.794  8.497   1.00 23.58 ? 108 GLN A N   1 
ATOM   630 C  CA  . GLN A 1 86  ? -11.752 -2.952  9.564   1.00 23.57 ? 108 GLN A CA  1 
ATOM   631 C  C   . GLN A 1 86  ? -10.615 -1.949  9.346   1.00 21.82 ? 108 GLN A C   1 
ATOM   632 O  O   . GLN A 1 86  ? -9.449  -2.275  9.481   1.00 18.86 ? 108 GLN A O   1 
ATOM   633 C  CB  . GLN A 1 86  ? -11.158 -4.371  9.558   1.00 24.94 ? 108 GLN A CB  1 
ATOM   634 C  CG  . GLN A 1 86  ? -12.102 -5.529  9.763   1.00 30.30 ? 108 GLN A CG  1 
ATOM   635 C  CD  . GLN A 1 86  ? -11.446 -6.885  9.360   1.00 36.91 ? 108 GLN A CD  1 
ATOM   636 O  OE1 . GLN A 1 86  ? -12.115 -7.758  8.804   1.00 43.45 ? 108 GLN A OE1 1 
ATOM   637 N  NE2 . GLN A 1 86  ? -10.139 -7.045  9.618   1.00 38.60 ? 108 GLN A NE2 1 
ATOM   638 N  N   . THR A 1 87  ? -10.975 -0.707  9.002   1.00 21.10 ? 109 THR A N   1 
ATOM   639 C  CA  . THR A 1 87  ? -9.973  0.285   8.607   1.00 21.17 ? 109 THR A CA  1 
ATOM   640 C  C   . THR A 1 87  ? -8.910  0.556   9.680   1.00 21.07 ? 109 THR A C   1 
ATOM   641 O  O   . THR A 1 87  ? -7.695  0.666   9.377   1.00 19.84 ? 109 THR A O   1 
ATOM   642 C  CB  . THR A 1 87  ? -10.673 1.584   8.259   1.00 22.78 ? 109 THR A CB  1 
ATOM   643 O  OG1 . THR A 1 87  ? -11.805 1.297   7.402   1.00 25.61 ? 109 THR A OG1 1 
ATOM   644 C  CG2 . THR A 1 87  ? -9.692  2.622   7.724   1.00 23.14 ? 109 THR A CG2 1 
ATOM   645 N  N   . ASN A 1 88  ? -9.337  0.641   10.939  1.00 21.11 ? 110 ASN A N   1 
ATOM   646 C  CA  . ASN A 1 88  ? -8.384  0.906   12.008  1.00 22.13 ? 110 ASN A CA  1 
ATOM   647 C  C   . ASN A 1 88  ? -7.326  -0.202  12.117  1.00 22.37 ? 110 ASN A C   1 
ATOM   648 O  O   . ASN A 1 88  ? -6.123  0.074   12.270  1.00 22.35 ? 110 ASN A O   1 
ATOM   649 C  CB  . ASN A 1 88  ? -9.107  1.141   13.345  1.00 22.31 ? 110 ASN A CB  1 
ATOM   650 C  CG  . ASN A 1 88  ? -9.804  2.518   13.424  1.00 22.29 ? 110 ASN A CG  1 
ATOM   651 O  OD1 . ASN A 1 88  ? -9.242  3.528   13.036  1.00 25.35 ? 110 ASN A OD1 1 
ATOM   652 N  ND2 . ASN A 1 88  ? -10.987 2.543   14.002  1.00 23.40 ? 110 ASN A ND2 1 
ATOM   653 N  N   . ASP A 1 89  ? -7.757  -1.448  11.958  1.00 23.78 ? 111 ASP A N   1 
ATOM   654 C  CA  . ASP A 1 89  ? -6.837  -2.571  11.994  1.00 24.19 ? 111 ASP A CA  1 
ATOM   655 C  C   . ASP A 1 89  ? -5.884  -2.579  10.781  1.00 23.19 ? 111 ASP A C   1 
ATOM   656 O  O   . ASP A 1 89  ? -4.699  -2.933  10.912  1.00 21.56 ? 111 ASP A O   1 
ATOM   657 C  CB  . ASP A 1 89  ? -7.599  -3.882  11.954  1.00 25.14 ? 111 ASP A CB  1 
ATOM   658 C  CG  . ASP A 1 89  ? -8.366  -4.198  13.238  1.00 30.43 ? 111 ASP A CG  1 
ATOM   659 O  OD1 . ASP A 1 89  ? -8.262  -3.478  14.270  1.00 36.29 ? 111 ASP A OD1 1 
ATOM   660 O  OD2 . ASP A 1 89  ? -9.089  -5.231  13.204  1.00 36.39 ? 111 ASP A OD2 1 
ATOM   661 N  N   . VAL A 1 90  ? -6.413  -2.254  9.594   1.00 21.42 ? 112 VAL A N   1 
ATOM   662 C  CA  . VAL A 1 90  ? -5.581  -2.110  8.413   1.00 21.38 ? 112 VAL A CA  1 
ATOM   663 C  C   . VAL A 1 90  ? -4.520  -1.045  8.620   1.00 20.98 ? 112 VAL A C   1 
ATOM   664 O  O   . VAL A 1 90  ? -3.347  -1.244  8.321   1.00 19.02 ? 112 VAL A O   1 
ATOM   665 C  CB  . VAL A 1 90  ? -6.414  -1.745  7.155   1.00 21.02 ? 112 VAL A CB  1 
ATOM   666 C  CG1 . VAL A 1 90  ? -5.511  -1.327  5.978   1.00 21.89 ? 112 VAL A CG1 1 
ATOM   667 C  CG2 . VAL A 1 90  ? -7.293  -2.910  6.777   1.00 21.53 ? 112 VAL A CG2 1 
ATOM   668 N  N   . LEU A 1 91  ? -4.926  0.123   9.099   1.00 20.31 ? 113 LEU A N   1 
ATOM   669 C  CA  . LEU A 1 91  ? -3.944  1.209   9.327   1.00 20.70 ? 113 LEU A CA  1 
ATOM   670 C  C   . LEU A 1 91  ? -2.898  0.772   10.348  1.00 21.39 ? 113 LEU A C   1 
ATOM   671 O  O   . LEU A 1 91  ? -1.704  1.116   10.228  1.00 20.66 ? 113 LEU A O   1 
ATOM   672 C  CB  . LEU A 1 91  ? -4.646  2.481   9.815   1.00 21.05 ? 113 LEU A CB  1 
ATOM   673 C  CG  . LEU A 1 91  ? -5.598  3.094   8.797   1.00 22.41 ? 113 LEU A CG  1 
ATOM   674 C  CD1 . LEU A 1 91  ? -6.305  4.273   9.488   1.00 23.01 ? 113 LEU A CD1 1 
ATOM   675 C  CD2 . LEU A 1 91  ? -4.874  3.470   7.495   1.00 21.62 ? 113 LEU A CD2 1 
ATOM   676 N  N   . ALA A 1 92  ? -3.349  0.034   11.368  1.00 21.21 ? 114 ALA A N   1 
ATOM   677 C  CA  . ALA A 1 92  ? -2.419  -0.427  12.394  1.00 21.85 ? 114 ALA A CA  1 
ATOM   678 C  C   . ALA A 1 92  ? -1.352  -1.360  11.815  1.00 22.08 ? 114 ALA A C   1 
ATOM   679 O  O   . ALA A 1 92  ? -0.159  -1.245  12.139  1.00 21.07 ? 114 ALA A O   1 
ATOM   680 C  CB  . ALA A 1 92  ? -3.173  -1.073  13.577  1.00 22.25 ? 114 ALA A CB  1 
ATOM   681 N  N   . GLU A 1 93  ? -1.766  -2.234  10.904  1.00 22.84 ? 115 GLU A N   1 
ATOM   682 C  CA  . GLU A 1 93  ? -0.865  -3.160  10.267  1.00 23.59 ? 115 GLU A CA  1 
ATOM   683 C  C   . GLU A 1 93  ? 0.103   -2.435  9.304   1.00 22.82 ? 115 GLU A C   1 
ATOM   684 O  O   . GLU A 1 93  ? 1.290   -2.727  9.303   1.00 22.85 ? 115 GLU A O   1 
ATOM   685 C  CB  . GLU A 1 93  ? -1.642  -4.255  9.508   1.00 24.72 ? 115 GLU A CB  1 
ATOM   686 C  CG  . GLU A 1 93  ? -0.728  -5.277  8.752   1.00 27.98 ? 115 GLU A CG  1 
ATOM   687 C  CD  . GLU A 1 93  ? 0.164   -6.190  9.648   1.00 36.30 ? 115 GLU A CD  1 
ATOM   688 O  OE1 . GLU A 1 93  ? 0.183   -6.035  10.904  1.00 38.19 ? 115 GLU A OE1 1 
ATOM   689 O  OE2 . GLU A 1 93  ? 0.853   -7.089  9.071   1.00 38.44 ? 115 GLU A OE2 1 
ATOM   690 N  N   . ILE A 1 94  ? -0.400  -1.482  8.515   1.00 20.95 ? 116 ILE A N   1 
ATOM   691 C  CA  . ILE A 1 94  ? 0.474   -0.664  7.645   1.00 20.22 ? 116 ILE A CA  1 
ATOM   692 C  C   . ILE A 1 94  ? 1.543   0.006   8.517   1.00 20.46 ? 116 ILE A C   1 
ATOM   693 O  O   . ILE A 1 94  ? 2.721   -0.041  8.213   1.00 21.03 ? 116 ILE A O   1 
ATOM   694 C  CB  . ILE A 1 94  ? -0.329  0.382   6.815   1.00 19.29 ? 116 ILE A CB  1 
ATOM   695 C  CG1 . ILE A 1 94  ? -1.297  -0.299  5.837   1.00 20.39 ? 116 ILE A CG1 1 
ATOM   696 C  CG2 . ILE A 1 94  ? 0.634   1.417   6.046   1.00 19.96 ? 116 ILE A CG2 1 
ATOM   697 C  CD1 . ILE A 1 94  ? -2.338  0.664   5.175   1.00 17.83 ? 116 ILE A CD1 1 
ATOM   698 N  N   . LEU A 1 95  ? 1.132   0.618   9.623   1.00 21.76 ? 117 LEU A N   1 
ATOM   699 C  CA  . LEU A 1 95  ? 2.060   1.376   10.476  1.00 21.84 ? 117 LEU A CA  1 
ATOM   700 C  C   . LEU A 1 95  ? 3.119   0.443   11.076  1.00 23.21 ? 117 LEU A C   1 
ATOM   701 O  O   . LEU A 1 95  ? 4.304   0.781   11.116  1.00 23.24 ? 117 LEU A O   1 
ATOM   702 C  CB  . LEU A 1 95  ? 1.311   2.110   11.607  1.00 22.05 ? 117 LEU A CB  1 
ATOM   703 C  CG  . LEU A 1 95  ? 2.184   3.021   12.472  1.00 23.85 ? 117 LEU A CG  1 
ATOM   704 C  CD1 . LEU A 1 95  ? 3.031   4.019   11.635  1.00 23.73 ? 117 LEU A CD1 1 
ATOM   705 C  CD2 . LEU A 1 95  ? 1.315   3.747   13.512  1.00 26.98 ? 117 LEU A CD2 1 
ATOM   706 N  N   . ARG A 1 96  ? 2.676   -0.718  11.540  1.00 23.00 ? 118 ARG A N   1 
ATOM   707 C  CA  . ARG A 1 96  ? 3.578   -1.696  12.122  1.00 24.87 ? 118 ARG A CA  1 
ATOM   708 C  C   . ARG A 1 96  ? 4.667   -2.107  11.137  1.00 23.81 ? 118 ARG A C   1 
ATOM   709 O  O   . ARG A 1 96  ? 5.850   -2.237  11.500  1.00 23.78 ? 118 ARG A O   1 
ATOM   710 C  CB  . ARG A 1 96  ? 2.816   -2.955  12.533  1.00 25.31 ? 118 ARG A CB  1 
ATOM   711 C  CG  . ARG A 1 96  ? 3.697   -3.926  13.329  1.00 28.86 ? 118 ARG A CG  1 
ATOM   712 C  CD  . ARG A 1 96  ? 3.005   -5.259  13.548  1.00 32.92 ? 118 ARG A CD  1 
ATOM   713 N  NE  . ARG A 1 96  ? 2.795   -6.003  12.302  1.00 36.37 ? 118 ARG A NE  1 
ATOM   714 C  CZ  . ARG A 1 96  ? 3.758   -6.621  11.614  1.00 39.86 ? 118 ARG A CZ  1 
ATOM   715 N  NH1 . ARG A 1 96  ? 5.029   -6.582  12.034  1.00 41.19 ? 118 ARG A NH1 1 
ATOM   716 N  NH2 . ARG A 1 96  ? 3.458   -7.267  10.492  1.00 38.01 ? 118 ARG A NH2 1 
ATOM   717 N  N   . VAL A 1 97  ? 4.251   -2.348  9.907   1.00 23.51 ? 119 VAL A N   1 
ATOM   718 C  CA  . VAL A 1 97  ? 5.176   -2.781  8.871   1.00 23.26 ? 119 VAL A CA  1 
ATOM   719 C  C   . VAL A 1 97  ? 6.144   -1.643  8.494   1.00 22.08 ? 119 VAL A C   1 
ATOM   720 O  O   . VAL A 1 97  ? 7.359   -1.862  8.418   1.00 23.33 ? 119 VAL A O   1 
ATOM   721 C  CB  . VAL A 1 97  ? 4.411   -3.331  7.645   1.00 23.44 ? 119 VAL A CB  1 
ATOM   722 C  CG1 . VAL A 1 97  ? 5.381   -3.626  6.499   1.00 24.86 ? 119 VAL A CG1 1 
ATOM   723 C  CG2 . VAL A 1 97  ? 3.570   -4.564  8.022   1.00 22.84 ? 119 VAL A CG2 1 
ATOM   724 N  N   . LEU A 1 98  ? 5.631   -0.436  8.286   1.00 22.81 ? 120 LEU A N   1 
ATOM   725 C  CA  . LEU A 1 98  ? 6.498   0.732   8.126   1.00 22.83 ? 120 LEU A CA  1 
ATOM   726 C  C   . LEU A 1 98  ? 7.572   0.799   9.200   1.00 24.53 ? 120 LEU A C   1 
ATOM   727 O  O   . LEU A 1 98  ? 8.766   0.923   8.888   1.00 25.26 ? 120 LEU A O   1 
ATOM   728 C  CB  . LEU A 1 98  ? 5.707   2.051   8.113   1.00 22.33 ? 120 LEU A CB  1 
ATOM   729 C  CG  . LEU A 1 98  ? 4.908   2.287   6.833   1.00 22.37 ? 120 LEU A CG  1 
ATOM   730 C  CD1 . LEU A 1 98  ? 3.756   3.310   7.020   1.00 20.62 ? 120 LEU A CD1 1 
ATOM   731 C  CD2 . LEU A 1 98  ? 5.827   2.652   5.620   1.00 21.94 ? 120 LEU A CD2 1 
ATOM   732 N  N   . GLN A 1 99  ? 7.167   0.700   10.464  1.00 24.59 ? 121 GLN A N   1 
ATOM   733 C  CA  . GLN A 1 99  ? 8.109   0.864   11.562  1.00 26.27 ? 121 GLN A CA  1 
ATOM   734 C  C   . GLN A 1 99  ? 9.115   -0.274  11.604  1.00 27.02 ? 121 GLN A C   1 
ATOM   735 O  O   . GLN A 1 99  ? 10.274  -0.060  11.902  1.00 28.86 ? 121 GLN A O   1 
ATOM   736 C  CB  . GLN A 1 99  ? 7.345   0.943   12.886  1.00 26.91 ? 121 GLN A CB  1 
ATOM   737 C  CG  . GLN A 1 99  ? 6.534   2.208   13.005  1.00 28.39 ? 121 GLN A CG  1 
ATOM   738 C  CD  . GLN A 1 99  ? 5.663   2.242   14.228  1.00 31.51 ? 121 GLN A CD  1 
ATOM   739 O  OE1 . GLN A 1 99  ? 5.336   1.207   14.811  1.00 34.03 ? 121 GLN A OE1 1 
ATOM   740 N  NE2 . GLN A 1 99  ? 5.263   3.439   14.615  1.00 30.50 ? 121 GLN A NE2 1 
ATOM   741 N  N   . GLU A 1 100 ? 8.665   -1.479  11.293  1.00 27.86 ? 122 GLU A N   1 
ATOM   742 C  CA  . GLU A 1 100 ? 9.532   -2.667  11.227  1.00 28.94 ? 122 GLU A CA  1 
ATOM   743 C  C   . GLU A 1 100 ? 10.570  -2.493  10.143  1.00 28.74 ? 122 GLU A C   1 
ATOM   744 O  O   . GLU A 1 100 ? 11.756  -2.742  10.369  1.00 27.38 ? 122 GLU A O   1 
ATOM   745 C  CB  . GLU A 1 100 ? 8.664   -3.869  10.906  1.00 30.39 ? 122 GLU A CB  1 
ATOM   746 C  CG  . GLU A 1 100 ? 9.289   -5.240  10.846  1.00 37.63 ? 122 GLU A CG  1 
ATOM   747 C  CD  . GLU A 1 100 ? 8.209   -6.326  10.543  1.00 47.32 ? 122 GLU A CD  1 
ATOM   748 O  OE1 . GLU A 1 100 ? 7.184   -6.023  9.852   1.00 53.96 ? 122 GLU A OE1 1 
ATOM   749 O  OE2 . GLU A 1 100 ? 8.364   -7.486  11.004  1.00 54.61 ? 122 GLU A OE2 1 
ATOM   750 N  N   . LEU A 1 101 ? 10.127  -2.090  8.967   1.00 27.73 ? 123 LEU A N   1 
ATOM   751 C  CA  . LEU A 1 101 ? 11.021  -1.856  7.830   1.00 30.17 ? 123 LEU A CA  1 
ATOM   752 C  C   . LEU A 1 101 ? 12.045  -0.746  8.114   1.00 32.89 ? 123 LEU A C   1 
ATOM   753 O  O   . LEU A 1 101 ? 13.134  -0.779  7.585   1.00 32.24 ? 123 LEU A O   1 
ATOM   754 C  CB  . LEU A 1 101 ? 10.232  -1.504  6.574   1.00 29.00 ? 123 LEU A CB  1 
ATOM   755 C  CG  . LEU A 1 101 ? 9.468   -2.642  5.920   1.00 28.78 ? 123 LEU A CG  1 
ATOM   756 C  CD1 . LEU A 1 101 ? 8.517   -2.123  4.776   1.00 24.15 ? 123 LEU A CD1 1 
ATOM   757 C  CD2 . LEU A 1 101 ? 10.401  -3.686  5.366   1.00 27.41 ? 123 LEU A CD2 1 
ATOM   758 N  N   . GLU A 1 102 ? 11.704  0.218   8.955   1.00 35.58 ? 124 GLU A N   1 
ATOM   759 C  CA  . GLU A 1 102 ? 12.680  1.220   9.335   1.00 38.63 ? 124 GLU A CA  1 
ATOM   760 C  C   . GLU A 1 102 ? 13.692  0.738   10.350  1.00 40.30 ? 124 GLU A C   1 
ATOM   761 O  O   . GLU A 1 102 ? 14.771  1.304   10.424  1.00 41.85 ? 124 GLU A O   1 
ATOM   762 C  CB  . GLU A 1 102 ? 11.991  2.458   9.868   1.00 38.72 ? 124 GLU A CB  1 
ATOM   763 C  CG  . GLU A 1 102 ? 11.454  3.293   8.742   1.00 41.87 ? 124 GLU A CG  1 
ATOM   764 C  CD  . GLU A 1 102 ? 11.255  4.730   9.105   1.00 44.90 ? 124 GLU A CD  1 
ATOM   765 O  OE1 . GLU A 1 102 ? 10.751  4.986   10.222  1.00 49.09 ? 124 GLU A OE1 1 
ATOM   766 O  OE2 . GLU A 1 102 ? 11.583  5.606   8.259   1.00 47.66 ? 124 GLU A OE2 1 
ATOM   767 N  N   . LYS A 1 103 ? 13.362  -0.286  11.131  1.00 42.75 ? 125 LYS A N   1 
ATOM   768 C  CA  . LYS A 1 103 ? 14.102  -0.584  12.366  1.00 44.35 ? 125 LYS A CA  1 
ATOM   769 C  C   . LYS A 1 103 ? 14.984  -1.817  12.217  1.00 45.12 ? 125 LYS A C   1 
ATOM   770 O  O   . LYS A 1 103 ? 16.091  -1.738  11.681  1.00 46.13 ? 125 LYS A O   1 
ATOM   771 C  CB  . LYS A 1 103 ? 13.127  -0.760  13.547  1.00 44.85 ? 125 LYS A CB  1 
ATOM   772 C  CG  . LYS A 1 103 ? 12.743  -2.217  13.817  1.00 47.59 ? 125 LYS A CG  1 
ATOM   773 C  CD  . LYS A 1 103 ? 11.603  -2.381  14.821  1.00 49.99 ? 125 LYS A CD  1 
ATOM   774 C  CE  . LYS A 1 103 ? 11.531  -3.851  15.336  1.00 51.27 ? 125 LYS A CE  1 
ATOM   775 N  NZ  . LYS A 1 103 ? 11.338  -4.902  14.261  1.00 52.31 ? 125 LYS A NZ  1 
HETATM 776 CL CL  . CL  B 2 .   ? -0.385  -3.301  -12.559 1.00 33.48 ? 1   CL  A CL  1 
HETATM 777 O  O   . HOH C 3 .   ? -0.005  10.972  -5.295  1.00 16.55 ? 2   HOH A O   1 
HETATM 778 O  O   . HOH C 3 .   ? -12.155 0.180   11.815  1.00 20.62 ? 3   HOH A O   1 
HETATM 779 O  O   . HOH C 3 .   ? 0.787   8.856   5.501   1.00 18.28 ? 4   HOH A O   1 
HETATM 780 O  O   . HOH C 3 .   ? 8.413   -12.425 -4.586  1.00 19.34 ? 5   HOH A O   1 
HETATM 781 O  O   . HOH C 3 .   ? -1.699  -9.532  -8.634  1.00 27.92 ? 6   HOH A O   1 
HETATM 782 O  O   . HOH C 3 .   ? 1.427   10.736  2.162   1.00 20.43 ? 7   HOH A O   1 
HETATM 783 O  O   . HOH C 3 .   ? 12.102  -10.788 -6.296  1.00 20.41 ? 8   HOH A O   1 
HETATM 784 O  O   . HOH C 3 .   ? 3.974   -8.416  2.905   1.00 26.47 ? 9   HOH A O   1 
HETATM 785 O  O   . HOH C 3 .   ? -14.744 10.375  3.339   1.00 17.23 ? 10  HOH A O   1 
HETATM 786 O  O   . HOH C 3 .   ? -8.950  12.056  0.369   1.00 19.85 ? 11  HOH A O   1 
HETATM 787 O  O   . HOH C 3 .   ? 7.935   -4.512  -15.036 1.00 21.70 ? 12  HOH A O   1 
HETATM 788 O  O   . HOH C 3 .   ? 8.931   -11.196 -12.316 1.00 24.24 ? 13  HOH A O   1 
HETATM 789 O  O   . HOH C 3 .   ? 3.338   -9.567  -15.061 1.00 25.77 ? 14  HOH A O   1 
HETATM 790 O  O   . HOH C 3 .   ? -0.709  -7.887  -13.110 1.00 36.96 ? 15  HOH A O   1 
HETATM 791 O  O   . HOH C 3 .   ? -11.423 12.792  4.096   1.00 17.93 ? 16  HOH A O   1 
HETATM 792 O  O   . HOH C 3 .   ? 7.576   9.154   9.500   1.00 31.17 ? 17  HOH A O   1 
HETATM 793 O  O   . HOH C 3 .   ? 10.835  -3.057  1.829   1.00 20.70 ? 18  HOH A O   1 
HETATM 794 O  O   . HOH C 3 .   ? 11.991  -2.628  -15.329 1.00 23.69 ? 19  HOH A O   1 
HETATM 795 O  O   . HOH C 3 .   ? 3.803   1.480   -15.609 1.00 22.36 ? 20  HOH A O   1 
HETATM 796 O  O   . HOH C 3 .   ? -0.269  -8.669  2.503   1.00 26.71 ? 21  HOH A O   1 
HETATM 797 O  O   . HOH C 3 .   ? -13.920 -1.025  -3.211  1.00 24.18 ? 22  HOH A O   1 
HETATM 798 O  O   . HOH C 3 .   ? 1.778   -7.843  -6.914  0.50 21.17 ? 23  HOH A O   1 
HETATM 799 O  O   . HOH C 3 .   ? 7.767   8.189   0.195   1.00 27.02 ? 24  HOH A O   1 
HETATM 800 O  O   . HOH C 3 .   ? -14.668 5.314   -0.417  1.00 26.67 ? 25  HOH A O   1 
HETATM 801 O  O   . HOH C 3 .   ? 8.207   8.622   4.130   1.00 24.93 ? 127 HOH A O   1 
HETATM 802 O  O   . HOH C 3 .   ? -10.065 -1.846  -4.614  1.00 30.82 ? 128 HOH A O   1 
HETATM 803 O  O   . HOH C 3 .   ? 13.302  0.519   2.706   1.00 27.05 ? 129 HOH A O   1 
HETATM 804 O  O   . HOH C 3 .   ? -9.955  9.686   -0.743  1.00 20.05 ? 130 HOH A O   1 
HETATM 805 O  O   . HOH C 3 .   ? 13.489  -7.888  -11.640 1.00 25.88 ? 131 HOH A O   1 
HETATM 806 O  O   . HOH C 3 .   ? 0.488   -0.374  14.469  1.00 23.96 ? 132 HOH A O   1 
HETATM 807 O  O   . HOH C 3 .   ? -10.764 -2.078  12.663  1.00 25.42 ? 133 HOH A O   1 
HETATM 808 O  O   . HOH C 3 .   ? 0.855   -9.392  -3.001  1.00 29.28 ? 134 HOH A O   1 
HETATM 809 O  O   . HOH C 3 .   ? -8.030  16.049  2.107   1.00 29.48 ? 135 HOH A O   1 
HETATM 810 O  O   . HOH C 3 .   ? -3.875  -4.563  12.722  1.00 28.91 ? 136 HOH A O   1 
HETATM 811 O  O   . HOH C 3 .   ? -13.714 0.253   9.376   1.00 30.46 ? 137 HOH A O   1 
HETATM 812 O  O   . HOH C 3 .   ? -5.089  -9.320  4.399   1.00 40.28 ? 138 HOH A O   1 
HETATM 813 O  O   . HOH C 3 .   ? 11.734  -9.993  -11.905 1.00 20.67 ? 139 HOH A O   1 
HETATM 814 O  O   . HOH C 3 .   ? 2.837   3.480   -16.863 1.00 30.89 ? 140 HOH A O   1 
HETATM 815 O  O   . HOH C 3 .   ? -5.180  2.143   13.671  1.00 29.05 ? 141 HOH A O   1 
HETATM 816 O  O   . HOH C 3 .   ? -12.784 9.990   -0.232  1.00 24.02 ? 142 HOH A O   1 
HETATM 817 O  O   . HOH C 3 .   ? 5.958   7.258   -3.572  1.00 29.47 ? 143 HOH A O   1 
HETATM 818 O  O   . HOH C 3 .   ? -3.812  16.592  6.522   1.00 23.39 ? 144 HOH A O   1 
HETATM 819 O  O   . HOH C 3 .   ? -2.522  2.915   13.343  1.00 32.62 ? 145 HOH A O   1 
HETATM 820 O  O   . HOH C 3 .   ? -0.733  -5.468  -14.426 1.00 37.68 ? 146 HOH A O   1 
HETATM 821 O  O   . HOH C 3 .   ? -0.882  12.379  11.498  1.00 31.01 ? 147 HOH A O   1 
HETATM 822 O  O   . HOH C 3 .   ? 7.744   -7.466  -15.000 1.00 39.06 ? 148 HOH A O   1 
HETATM 823 O  O   . HOH C 3 .   ? -15.504 0.450   -5.807  1.00 33.52 ? 149 HOH A O   1 
HETATM 824 O  O   . HOH C 3 .   ? -0.968  8.190   12.402  1.00 26.81 ? 150 HOH A O   1 
HETATM 825 O  O   . HOH C 3 .   ? -9.097  13.327  2.629   1.00 26.53 ? 151 HOH A O   1 
HETATM 826 O  O   . HOH C 3 .   ? -6.681  -1.896  -6.193  1.00 48.48 ? 152 HOH A O   1 
HETATM 827 O  O   . HOH C 3 .   ? -5.818  -1.189  -8.523  1.00 49.87 ? 153 HOH A O   1 
HETATM 828 O  O   . HOH C 3 .   ? -4.774  4.321   -5.609  1.00 35.26 ? 154 HOH A O   1 
HETATM 829 O  O   . HOH C 3 .   ? -13.526 7.549   0.796   1.00 40.93 ? 155 HOH A O   1 
HETATM 830 O  O   . HOH C 3 .   ? -11.218 13.685  -0.332  1.00 28.83 ? 156 HOH A O   1 
HETATM 831 O  O   . HOH C 3 .   ? 6.502   5.865   13.256  1.00 38.13 ? 157 HOH A O   1 
HETATM 832 O  O   . HOH C 3 .   ? 5.911   12.148  -1.532  1.00 39.34 ? 158 HOH A O   1 
HETATM 833 O  O   . HOH C 3 .   ? 7.077   9.427   -2.087  1.00 35.91 ? 159 HOH A O   1 
HETATM 834 O  O   . HOH C 3 .   ? 0.069   -7.463  -4.798  1.00 34.35 ? 160 HOH A O   1 
HETATM 835 O  O   . HOH C 3 .   ? 1.055   -8.949  -7.691  0.50 18.95 ? 161 HOH A O   1 
HETATM 836 O  O   . HOH C 3 .   ? -1.610  -16.996 -11.087 1.00 31.92 ? 162 HOH A O   1 
HETATM 837 O  O   . HOH C 3 .   ? -0.900  -13.343 -13.914 1.00 38.75 ? 163 HOH A O   1 
HETATM 838 O  O   . HOH C 3 .   ? 3.248   -17.361 -12.589 1.00 35.13 ? 164 HOH A O   1 
HETATM 839 O  O   . HOH C 3 .   ? 13.788  -6.244  2.014   1.00 59.52 ? 165 HOH A O   1 
HETATM 840 O  O   . HOH C 3 .   ? 14.438  -6.642  -0.411  1.00 58.39 ? 166 HOH A O   1 
HETATM 841 O  O   . HOH C 3 .   ? 4.539   -7.073  5.080   1.00 35.95 ? 167 HOH A O   1 
HETATM 842 O  O   . HOH C 3 .   ? -12.011 -0.116  15.109  1.00 42.79 ? 168 HOH A O   1 
HETATM 843 O  O   . HOH C 3 .   ? -6.955  4.238   13.858  1.00 28.70 ? 169 HOH A O   1 
HETATM 844 O  O   . HOH C 3 .   ? -2.887  -8.245  9.324   1.00 49.65 ? 170 HOH A O   1 
HETATM 845 O  O   . HOH C 3 .   ? -2.653  -10.067 7.710   1.00 57.76 ? 171 HOH A O   1 
HETATM 846 O  O   . HOH C 3 .   ? -2.517  -8.339  4.857   1.00 39.95 ? 172 HOH A O   1 
HETATM 847 O  O   . HOH C 3 .   ? -2.246  -7.722  -10.595 1.00 47.09 ? 173 HOH A O   1 
HETATM 848 O  O   . HOH C 3 .   ? -13.372 -8.110  -0.137  1.00 28.89 ? 174 HOH A O   1 
HETATM 849 O  O   . HOH C 3 .   ? -0.302  5.695   16.144  1.00 43.22 ? 175 HOH A O   1 
HETATM 850 O  O   . HOH C 3 .   ? -2.137  5.715   13.629  1.00 31.37 ? 176 HOH A O   1 
HETATM 851 O  O   . HOH C 3 .   ? -16.868 -1.452  -2.458  1.00 41.06 ? 177 HOH A O   1 
HETATM 852 O  O   . HOH C 3 .   ? 9.690   10.769  3.616   1.00 44.02 ? 178 HOH A O   1 
HETATM 853 O  O   . HOH C 3 .   ? 9.686   7.998   10.706  1.00 53.36 ? 179 HOH A O   1 
HETATM 854 O  O   . HOH C 3 .   ? 9.626   9.830   1.284   1.00 39.30 ? 180 HOH A O   1 
HETATM 855 O  O   . HOH C 3 .   ? 0.121   13.093  -3.347  1.00 44.61 ? 181 HOH A O   1 
HETATM 856 O  O   . HOH C 3 .   ? -2.523  15.388  -0.245  1.00 33.57 ? 182 HOH A O   1 
HETATM 857 O  O   . HOH C 3 .   ? 5.554   0.175   -19.357 1.00 47.92 ? 183 HOH A O   1 
HETATM 858 O  O   . HOH C 3 .   ? 1.214   -5.218  -16.921 1.00 42.29 ? 184 HOH A O   1 
HETATM 859 O  O   . HOH C 3 .   ? 8.671   -12.315 -15.145 1.00 43.92 ? 185 HOH A O   1 
HETATM 860 O  O   . HOH C 3 .   ? -6.578  -0.376  -10.875 1.00 55.19 ? 186 HOH A O   1 
HETATM 861 O  O   . HOH C 3 .   ? -16.609 4.344   1.103   1.00 51.58 ? 187 HOH A O   1 
HETATM 862 O  O   . HOH C 3 .   ? -1.169  16.288  6.907   1.00 32.13 ? 188 HOH A O   1 
HETATM 863 O  O   . HOH C 3 .   ? 2.208   11.755  -7.419  1.00 59.60 ? 189 HOH A O   1 
HETATM 864 O  O   . HOH C 3 .   ? -4.428  -9.679  -5.839  1.00 52.36 ? 190 HOH A O   1 
HETATM 865 O  O   . HOH C 3 .   ? 4.667   -11.518 -16.459 1.00 40.41 ? 191 HOH A O   1 
HETATM 866 O  O   . HOH C 3 .   ? 1.416   -15.116 -12.653 1.00 39.68 ? 192 HOH A O   1 
HETATM 867 O  O   . HOH C 3 .   ? 9.258   10.379  -3.400  1.00 30.38 ? 193 HOH A O   1 
HETATM 868 O  O   . HOH C 3 .   ? 12.086  9.670   -0.009  1.00 32.68 ? 194 HOH A O   1 
HETATM 869 O  O   . HOH C 3 .   ? 14.409  -2.776  0.542   1.00 36.41 ? 195 HOH A O   1 
HETATM 870 O  O   . HOH C 3 .   ? -5.493  -10.494 -1.430  1.00 42.25 ? 196 HOH A O   1 
HETATM 871 O  O   . HOH C 3 .   ? 15.367  -8.318  -1.976  1.00 59.18 ? 197 HOH A O   1 
HETATM 872 O  O   . HOH C 3 .   ? 12.419  -7.003  -1.325  1.00 46.79 ? 198 HOH A O   1 
HETATM 873 O  O   . HOH C 3 .   ? 11.599  -9.505  -0.976  1.00 43.96 ? 199 HOH A O   1 
HETATM 874 O  O   . HOH C 3 .   ? -6.358  -1.351  15.642  1.00 47.05 ? 200 HOH A O   1 
HETATM 875 O  O   . HOH C 3 .   ? -1.107  1.588   15.435  1.00 34.22 ? 201 HOH A O   1 
HETATM 876 O  O   . HOH C 3 .   ? -0.331  -9.638  9.634   1.00 58.99 ? 202 HOH A O   1 
HETATM 877 O  O   . HOH C 3 .   ? 6.653   -2.600  14.005  1.00 32.26 ? 203 HOH A O   1 
HETATM 878 O  O   . HOH C 3 .   ? -4.472  -6.881  10.796  1.00 58.26 ? 204 HOH A O   1 
HETATM 879 O  O   . HOH C 3 .   ? -0.391  9.095   -10.051 1.00 35.06 ? 205 HOH A O   1 
HETATM 880 O  O   . HOH C 3 .   ? -0.692  6.328   -12.751 1.00 34.65 ? 206 HOH A O   1 
HETATM 881 O  O   . HOH C 3 .   ? 17.588  2.656   -1.530  1.00 39.28 ? 207 HOH A O   1 
# 
